data_4JYL
#
_entry.id   4JYL
#
_cell.length_a   80.102
_cell.length_b   117.229
_cell.length_c   91.505
_cell.angle_alpha   90.000
_cell.angle_beta   91.430
_cell.angle_gamma   90.000
#
_symmetry.space_group_name_H-M   'P 1 21 1'
#
loop_
_entity.id
_entity.type
_entity.pdbx_description
1 polymer 'Enoyl-CoA hydratase'
2 non-polymer 'CHLORIDE ION'
3 non-polymer 'SULFATE ION'
4 water water
#
_entity_poly.entity_id   1
_entity_poly.type   'polypeptide(L)'
_entity_poly.pdbx_seq_one_letter_code
;(MSE)HHHHHHSSGVDLGTENLYFQS(MSE)LVEIERRGDASLIVLSRPEKLNAINLE(MSE)LADLADQFSKAEKEDTR
VIVITGYGKNFSAGADIN(MSE)LASFDPASAYSFRLK(MSE)NSIAQRIRKSDKPVIALLKGYS(MSE)GGGLELAESA
DIRIA(MSE)SDAVIGQPESSIGINAGAGGNVILPKLVGRGSAAYLA(MSE)SGKKLNAQEA(MSE)ALGLVDEVVDDEA
KAWKIIDDICKKPKKTLQFIKRAINSSYD(MSE)GLESA(MSE)DQEALYFSLLFTDPEVLDALSKWRK
;
_entity_poly.pdbx_strand_id   A,B,C,D,E,F
#
loop_
_chem_comp.id
_chem_comp.type
_chem_comp.name
_chem_comp.formula
CL non-polymer 'CHLORIDE ION' 'Cl -1'
SO4 non-polymer 'SULFATE ION' 'O4 S -2'
#
# COMPACT_ATOMS: atom_id res chain seq x y z
N ASN A 17 40.00 -14.58 -14.18
CA ASN A 17 39.45 -13.95 -15.42
C ASN A 17 39.38 -14.88 -16.71
N LEU A 18 40.49 -15.55 -17.06
CA LEU A 18 40.52 -16.55 -18.18
C LEU A 18 40.13 -18.00 -17.89
N TYR A 19 39.83 -18.76 -18.93
CA TYR A 19 38.97 -19.95 -18.79
C TYR A 19 39.53 -21.05 -17.87
N PHE A 20 40.84 -21.14 -17.86
CA PHE A 20 41.59 -22.11 -17.08
C PHE A 20 41.89 -21.70 -15.64
N GLN A 21 41.52 -20.49 -15.24
CA GLN A 21 41.78 -20.00 -13.86
C GLN A 21 40.48 -20.15 -13.08
N SER A 22 40.61 -20.48 -11.82
CA SER A 22 39.42 -20.50 -10.95
C SER A 22 39.08 -19.10 -10.44
N MSE A 23 37.80 -18.83 -10.36
CA MSE A 23 37.29 -17.64 -9.75
C MSE A 23 36.10 -17.95 -8.92
O MSE A 23 35.45 -19.00 -9.09
CB MSE A 23 36.96 -16.60 -10.79
CG MSE A 23 36.26 -17.24 -11.95
SE MSE A 23 36.31 -15.91 -13.35
CE MSE A 23 36.60 -14.24 -12.35
N LEU A 24 35.80 -17.06 -7.97
CA LEU A 24 34.72 -17.26 -7.04
C LEU A 24 33.36 -17.30 -7.69
N VAL A 25 33.11 -16.45 -8.67
CA VAL A 25 31.95 -16.62 -9.52
C VAL A 25 32.34 -16.70 -10.98
N GLU A 26 31.93 -17.75 -11.66
CA GLU A 26 32.21 -17.95 -13.08
C GLU A 26 30.99 -17.59 -13.88
N ILE A 27 31.21 -17.14 -15.09
CA ILE A 27 30.13 -16.98 -16.06
C ILE A 27 30.37 -17.90 -17.26
N GLU A 28 29.34 -18.58 -17.68
CA GLU A 28 29.40 -19.47 -18.84
C GLU A 28 28.20 -19.19 -19.70
N ARG A 29 28.18 -19.81 -20.87
CA ARG A 29 27.07 -19.71 -21.79
CA ARG A 29 27.07 -19.73 -21.75
C ARG A 29 26.62 -21.11 -22.16
N ARG A 30 25.31 -21.32 -22.19
CA ARG A 30 24.70 -22.62 -22.49
CA ARG A 30 24.71 -22.61 -22.49
C ARG A 30 23.48 -22.35 -23.36
N GLY A 31 23.68 -22.42 -24.68
CA GLY A 31 22.68 -22.05 -25.66
C GLY A 31 22.28 -20.60 -25.47
N ASP A 32 20.99 -20.38 -25.25
CA ASP A 32 20.45 -19.04 -25.09
C ASP A 32 20.44 -18.59 -23.64
N ALA A 33 21.11 -19.36 -22.76
CA ALA A 33 21.18 -19.02 -21.35
C ALA A 33 22.58 -18.57 -20.95
N SER A 34 22.67 -17.49 -20.18
CA SER A 34 23.86 -17.17 -19.43
C SER A 34 23.82 -17.96 -18.14
N LEU A 35 24.96 -18.49 -17.73
CA LEU A 35 25.04 -19.42 -16.60
C LEU A 35 26.06 -18.88 -15.64
N ILE A 36 25.61 -18.57 -14.44
CA ILE A 36 26.43 -17.93 -13.42
C ILE A 36 26.63 -18.92 -12.31
N VAL A 37 27.87 -19.18 -11.95
CA VAL A 37 28.23 -20.29 -11.11
C VAL A 37 28.97 -19.82 -9.90
N LEU A 38 28.39 -19.99 -8.72
CA LEU A 38 29.07 -19.67 -7.46
C LEU A 38 30.11 -20.74 -7.18
N SER A 39 31.36 -20.34 -7.07
CA SER A 39 32.51 -21.29 -7.09
C SER A 39 33.47 -21.06 -5.96
N ARG A 40 33.12 -21.63 -4.83
CA ARG A 40 33.99 -21.71 -3.65
C ARG A 40 33.67 -22.99 -2.86
N PRO A 41 33.72 -24.15 -3.55
CA PRO A 41 33.21 -25.43 -3.06
C PRO A 41 33.86 -25.96 -1.79
N GLU A 42 35.12 -25.63 -1.60
CA GLU A 42 35.79 -25.97 -0.35
C GLU A 42 35.12 -25.33 0.92
N LYS A 43 34.42 -24.21 0.75
CA LYS A 43 33.63 -23.56 1.83
C LYS A 43 32.11 -23.64 1.57
N LEU A 44 31.70 -24.68 0.85
CA LEU A 44 30.29 -24.87 0.48
C LEU A 44 29.65 -23.67 -0.23
N ASN A 45 30.44 -23.01 -1.08
CA ASN A 45 30.04 -21.83 -1.84
C ASN A 45 29.42 -20.79 -0.96
N ALA A 46 29.98 -20.65 0.22
CA ALA A 46 29.50 -19.63 1.14
C ALA A 46 29.90 -18.22 0.64
N ILE A 47 29.02 -17.28 0.86
CA ILE A 47 29.15 -15.97 0.27
C ILE A 47 29.95 -15.09 1.19
N ASN A 48 31.11 -14.68 0.71
CA ASN A 48 31.85 -13.58 1.32
C ASN A 48 31.80 -12.32 0.46
N LEU A 49 32.49 -11.27 0.90
CA LEU A 49 32.49 -10.00 0.19
C LEU A 49 33.06 -10.12 -1.21
N GLU A 50 34.13 -10.88 -1.34
CA GLU A 50 34.80 -11.03 -2.65
C GLU A 50 33.82 -11.73 -3.58
N MSE A 51 33.14 -12.74 -3.07
CA MSE A 51 32.13 -13.43 -3.89
C MSE A 51 31.01 -12.50 -4.29
O MSE A 51 30.55 -12.51 -5.43
CB MSE A 51 31.56 -14.62 -3.21
CG MSE A 51 30.89 -15.44 -4.29
SE MSE A 51 29.91 -16.98 -3.56
CE MSE A 51 31.45 -18.14 -3.46
N LEU A 52 30.60 -11.64 -3.39
CA LEU A 52 29.52 -10.68 -3.69
C LEU A 52 29.92 -9.71 -4.77
N ALA A 53 31.11 -9.16 -4.65
CA ALA A 53 31.59 -8.24 -5.69
C ALA A 53 31.66 -8.95 -7.05
N ASP A 54 32.13 -10.20 -7.06
CA ASP A 54 32.26 -10.96 -8.31
C ASP A 54 30.88 -11.26 -8.86
N LEU A 55 29.94 -11.55 -7.99
CA LEU A 55 28.59 -11.87 -8.46
C LEU A 55 27.95 -10.68 -9.13
N ALA A 56 28.13 -9.50 -8.56
CA ALA A 56 27.59 -8.28 -9.18
C ALA A 56 28.19 -8.04 -10.55
N ASP A 57 29.50 -8.23 -10.68
CA ASP A 57 30.18 -8.04 -11.99
C ASP A 57 29.69 -9.06 -13.02
N GLN A 58 29.62 -10.32 -12.62
CA GLN A 58 29.23 -11.39 -13.55
C GLN A 58 27.76 -11.24 -13.92
N PHE A 59 26.96 -10.79 -12.98
CA PHE A 59 25.56 -10.53 -13.31
C PHE A 59 25.40 -9.41 -14.38
N SER A 60 26.16 -8.32 -14.27
CA SER A 60 26.17 -7.31 -15.32
C SER A 60 26.52 -7.87 -16.65
N LYS A 61 27.60 -8.64 -16.70
CA LYS A 61 28.03 -9.22 -17.93
C LYS A 61 26.91 -10.03 -18.49
N ALA A 62 26.24 -10.82 -17.66
CA ALA A 62 25.15 -11.71 -18.15
C ALA A 62 23.99 -10.91 -18.72
N GLU A 63 23.71 -9.77 -18.12
CA GLU A 63 22.64 -8.89 -18.62
C GLU A 63 22.92 -8.29 -19.99
N LYS A 64 24.16 -7.93 -20.24
CA LYS A 64 24.55 -7.30 -21.52
C LYS A 64 24.70 -8.28 -22.68
N GLU A 65 24.89 -9.55 -22.39
CA GLU A 65 25.03 -10.55 -23.44
C GLU A 65 23.69 -10.74 -24.16
N ASP A 66 23.73 -11.34 -25.34
CA ASP A 66 22.50 -11.52 -26.13
C ASP A 66 21.75 -12.83 -25.78
N THR A 67 22.08 -13.41 -24.63
CA THR A 67 21.28 -14.48 -24.05
C THR A 67 19.90 -14.02 -23.68
N ARG A 68 19.00 -14.99 -23.55
CA ARG A 68 17.61 -14.74 -23.24
C ARG A 68 17.22 -14.97 -21.76
N VAL A 69 17.95 -15.80 -21.04
CA VAL A 69 17.72 -15.98 -19.62
C VAL A 69 19.04 -16.01 -18.87
N ILE A 70 18.94 -15.85 -17.56
CA ILE A 70 20.12 -16.00 -16.70
C ILE A 70 19.87 -17.07 -15.69
N VAL A 71 20.77 -18.03 -15.63
CA VAL A 71 20.65 -19.13 -14.72
C VAL A 71 21.73 -18.99 -13.66
N ILE A 72 21.36 -19.20 -12.39
CA ILE A 72 22.33 -19.13 -11.29
C ILE A 72 22.39 -20.46 -10.54
N THR A 73 23.60 -20.96 -10.33
CA THR A 73 23.79 -22.20 -9.61
C THR A 73 25.15 -22.19 -8.91
N GLY A 74 25.48 -23.31 -8.30
CA GLY A 74 26.73 -23.46 -7.62
C GLY A 74 27.57 -24.52 -8.28
N TYR A 75 28.88 -24.41 -8.04
CA TYR A 75 29.82 -25.38 -8.50
C TYR A 75 29.83 -26.62 -7.61
N GLY A 76 29.84 -27.77 -8.25
CA GLY A 76 29.95 -29.04 -7.54
C GLY A 76 28.61 -29.48 -7.02
N LYS A 77 28.62 -30.08 -5.84
CA LYS A 77 27.45 -30.69 -5.20
C LYS A 77 26.42 -29.70 -4.65
N ASN A 78 26.90 -28.53 -4.23
CA ASN A 78 26.07 -27.56 -3.53
C ASN A 78 25.78 -26.29 -4.27
N PHE A 79 24.62 -25.72 -4.00
CA PHE A 79 24.31 -24.36 -4.49
C PHE A 79 25.03 -23.34 -3.62
N SER A 80 24.65 -23.25 -2.34
CA SER A 80 25.37 -22.43 -1.37
C SER A 80 24.86 -22.71 0.03
N ALA A 81 25.75 -22.82 0.96
CA ALA A 81 25.38 -22.97 2.37
C ALA A 81 24.98 -21.66 3.04
N GLY A 82 25.23 -20.52 2.42
CA GLY A 82 24.79 -19.26 3.00
C GLY A 82 25.92 -18.24 3.10
N ALA A 83 25.71 -17.23 3.91
CA ALA A 83 26.74 -16.25 4.12
C ALA A 83 27.88 -16.89 4.88
N ASP A 84 29.08 -16.44 4.58
CA ASP A 84 30.30 -16.87 5.27
C ASP A 84 30.24 -16.44 6.74
N ILE A 85 30.38 -17.42 7.61
CA ILE A 85 30.12 -17.20 9.00
C ILE A 85 31.27 -16.48 9.68
N ASN A 86 32.46 -16.68 9.19
CA ASN A 86 33.59 -15.88 9.71
C ASN A 86 33.45 -14.40 9.39
N MSE A 87 32.92 -14.12 8.22
CA MSE A 87 32.67 -12.75 7.80
C MSE A 87 31.57 -12.15 8.70
O MSE A 87 31.78 -11.06 9.24
CB MSE A 87 32.34 -12.72 6.31
CG MSE A 87 31.85 -11.37 5.85
SE MSE A 87 30.76 -11.51 4.19
CE MSE A 87 29.17 -12.39 4.94
N LEU A 88 30.45 -12.84 8.85
CA LEU A 88 29.41 -12.39 9.76
C LEU A 88 29.96 -12.05 11.15
N ALA A 89 30.81 -12.97 11.66
CA ALA A 89 31.38 -12.78 12.95
C ALA A 89 32.33 -11.60 13.07
N SER A 90 32.82 -11.10 11.96
CA SER A 90 33.77 -9.94 11.99
C SER A 90 33.05 -8.61 11.95
N PHE A 91 31.74 -8.61 11.76
CA PHE A 91 31.02 -7.37 11.52
C PHE A 91 30.83 -6.58 12.80
N ASP A 92 30.71 -5.28 12.64
CA ASP A 92 30.00 -4.43 13.64
C ASP A 92 28.76 -3.84 12.91
N PRO A 93 28.01 -2.95 13.53
CA PRO A 93 26.83 -2.50 12.86
C PRO A 93 27.06 -1.80 11.53
N ALA A 94 28.05 -0.94 11.45
CA ALA A 94 28.38 -0.25 10.17
C ALA A 94 28.74 -1.21 9.03
N SER A 95 29.62 -2.17 9.29
CA SER A 95 30.06 -3.10 8.23
C SER A 95 28.99 -4.16 7.89
N ALA A 96 28.16 -4.49 8.89
CA ALA A 96 26.99 -5.33 8.62
C ALA A 96 26.01 -4.63 7.72
N TYR A 97 25.78 -3.34 7.97
CA TYR A 97 24.80 -2.59 7.17
C TYR A 97 25.32 -2.55 5.75
N SER A 98 26.58 -2.21 5.63
CA SER A 98 27.23 -2.14 4.31
C SER A 98 27.18 -3.51 3.54
N PHE A 99 27.36 -4.61 4.24
CA PHE A 99 27.16 -5.93 3.59
C PHE A 99 25.72 -6.14 3.07
N ARG A 100 24.73 -5.79 3.90
CA ARG A 100 23.36 -6.01 3.53
C ARG A 100 22.94 -5.11 2.38
N LEU A 101 23.48 -3.88 2.32
CA LEU A 101 23.18 -3.03 1.16
C LEU A 101 23.67 -3.65 -0.14
N LYS A 102 24.80 -4.33 -0.08
CA LYS A 102 25.31 -5.04 -1.26
C LYS A 102 24.43 -6.23 -1.58
N MSE A 103 24.03 -7.03 -0.57
CA MSE A 103 23.09 -8.12 -0.82
C MSE A 103 21.83 -7.57 -1.44
O MSE A 103 21.34 -8.09 -2.44
CB MSE A 103 22.67 -8.91 0.38
CG MSE A 103 23.80 -9.67 1.03
SE MSE A 103 24.28 -11.30 0.01
CE MSE A 103 23.24 -12.62 1.01
N ASN A 104 21.27 -6.50 -0.86
CA ASN A 104 20.00 -5.91 -1.38
C ASN A 104 20.12 -5.50 -2.84
N SER A 105 21.27 -4.95 -3.15
CA SER A 105 21.49 -4.40 -4.47
C SER A 105 21.53 -5.52 -5.52
N ILE A 106 22.19 -6.63 -5.24
CA ILE A 106 22.23 -7.75 -6.18
CA ILE A 106 22.23 -7.75 -6.18
C ILE A 106 20.82 -8.39 -6.27
N ALA A 107 20.14 -8.51 -5.15
CA ALA A 107 18.76 -9.02 -5.15
C ALA A 107 17.85 -8.17 -5.99
N GLN A 108 18.01 -6.87 -5.85
CA GLN A 108 17.19 -5.99 -6.63
C GLN A 108 17.50 -6.09 -8.16
N ARG A 109 18.76 -6.17 -8.52
CA ARG A 109 19.10 -6.33 -9.93
C ARG A 109 18.54 -7.61 -10.51
N ILE A 110 18.44 -8.65 -9.70
CA ILE A 110 17.80 -9.88 -10.13
C ILE A 110 16.30 -9.68 -10.39
N ARG A 111 15.61 -8.97 -9.49
CA ARG A 111 14.20 -8.70 -9.65
C ARG A 111 13.89 -7.69 -10.76
N LYS A 112 14.76 -6.75 -11.03
CA LYS A 112 14.51 -5.72 -12.08
C LYS A 112 15.03 -6.08 -13.45
N SER A 113 15.72 -7.20 -13.56
CA SER A 113 16.26 -7.61 -14.81
C SER A 113 15.20 -7.81 -15.89
N ASP A 114 15.51 -7.40 -17.09
CA ASP A 114 14.66 -7.65 -18.28
C ASP A 114 14.56 -9.15 -18.59
N LYS A 115 15.63 -9.90 -18.24
CA LYS A 115 15.68 -11.33 -18.46
C LYS A 115 15.18 -12.10 -17.23
N PRO A 116 14.45 -13.17 -17.49
CA PRO A 116 14.16 -14.12 -16.43
C PRO A 116 15.44 -14.63 -15.76
N VAL A 117 15.37 -14.80 -14.44
CA VAL A 117 16.46 -15.38 -13.68
C VAL A 117 15.93 -16.63 -13.00
N ILE A 118 16.67 -17.71 -13.19
CA ILE A 118 16.29 -19.01 -12.75
C ILE A 118 17.38 -19.57 -11.88
N ALA A 119 17.03 -19.93 -10.65
CA ALA A 119 17.98 -20.54 -9.75
C ALA A 119 17.85 -22.05 -9.81
N LEU A 120 18.97 -22.70 -9.87
CA LEU A 120 19.01 -24.13 -9.91
C LEU A 120 19.65 -24.67 -8.61
N LEU A 121 18.81 -25.12 -7.71
CA LEU A 121 19.22 -25.51 -6.39
C LEU A 121 19.64 -26.97 -6.33
N LYS A 122 20.68 -27.23 -5.56
CA LYS A 122 21.12 -28.57 -5.29
C LYS A 122 21.94 -28.63 -4.00
N GLY A 123 22.07 -29.82 -3.46
CA GLY A 123 22.74 -30.02 -2.17
C GLY A 123 22.32 -28.93 -1.19
N TYR A 124 23.28 -28.40 -0.47
CA TYR A 124 23.00 -27.26 0.41
C TYR A 124 22.60 -26.04 -0.36
N SER A 125 21.40 -25.57 -0.06
CA SER A 125 20.82 -24.35 -0.67
C SER A 125 20.16 -23.54 0.46
N MSE A 126 20.93 -22.73 1.14
CA MSE A 126 20.50 -22.15 2.40
C MSE A 126 20.83 -20.73 2.63
O MSE A 126 21.72 -20.16 2.01
CB MSE A 126 21.18 -22.99 3.49
CG MSE A 126 20.74 -24.45 3.36
SE MSE A 126 21.16 -25.54 4.99
CE MSE A 126 23.01 -25.17 5.16
N GLY A 127 20.13 -20.19 3.58
CA GLY A 127 20.40 -18.88 4.08
C GLY A 127 20.52 -17.85 2.97
N GLY A 128 21.60 -17.05 3.05
CA GLY A 128 21.76 -15.88 2.18
C GLY A 128 21.73 -16.27 0.70
N GLY A 129 22.26 -17.46 0.39
CA GLY A 129 22.30 -17.94 -0.96
C GLY A 129 20.91 -18.29 -1.45
N LEU A 130 20.20 -19.10 -0.64
CA LEU A 130 18.77 -19.39 -0.91
C LEU A 130 17.95 -18.09 -1.04
N GLU A 131 18.24 -17.12 -0.20
CA GLU A 131 17.47 -15.90 -0.19
C GLU A 131 17.67 -15.08 -1.43
N LEU A 132 18.90 -14.98 -1.91
CA LEU A 132 19.09 -14.49 -3.31
C LEU A 132 18.24 -15.24 -4.35
N ALA A 133 18.20 -16.56 -4.24
CA ALA A 133 17.37 -17.32 -5.17
C ALA A 133 15.90 -17.00 -5.04
N GLU A 134 15.50 -16.57 -3.87
CA GLU A 134 14.08 -16.20 -3.66
C GLU A 134 13.67 -14.95 -4.45
N SER A 135 14.65 -14.12 -4.78
CA SER A 135 14.42 -12.98 -5.68
C SER A 135 14.35 -13.41 -7.16
N ALA A 136 14.85 -14.60 -7.49
CA ALA A 136 14.83 -15.06 -8.85
C ALA A 136 13.42 -15.32 -9.24
N ASP A 137 13.19 -15.38 -10.54
CA ASP A 137 11.83 -15.65 -11.03
C ASP A 137 11.36 -17.06 -10.79
N ILE A 138 12.26 -18.01 -10.97
CA ILE A 138 11.96 -19.42 -10.89
C ILE A 138 13.05 -20.18 -10.11
N ARG A 139 12.66 -21.13 -9.29
CA ARG A 139 13.57 -22.00 -8.59
C ARG A 139 13.26 -23.42 -8.99
N ILE A 140 14.27 -24.09 -9.52
CA ILE A 140 14.19 -25.52 -9.77
C ILE A 140 15.17 -26.25 -8.86
N ALA A 141 14.76 -27.36 -8.29
CA ALA A 141 15.61 -28.07 -7.34
C ALA A 141 15.91 -29.46 -7.79
N MSE A 142 17.17 -29.83 -7.69
CA MSE A 142 17.58 -31.24 -7.81
C MSE A 142 16.97 -31.96 -6.62
O MSE A 142 16.78 -31.36 -5.53
CB MSE A 142 19.08 -31.39 -7.76
CG MSE A 142 19.78 -30.61 -8.85
SE MSE A 142 19.30 -31.25 -10.68
CE MSE A 142 20.05 -33.06 -10.46
N SER A 143 16.71 -33.25 -6.80
CA SER A 143 16.09 -34.07 -5.74
C SER A 143 16.86 -34.17 -4.44
N ASP A 144 18.17 -34.01 -4.50
CA ASP A 144 19.00 -34.08 -3.30
C ASP A 144 19.06 -32.77 -2.47
N ALA A 145 18.39 -31.73 -2.91
CA ALA A 145 18.55 -30.40 -2.27
C ALA A 145 18.11 -30.34 -0.80
N VAL A 146 18.93 -29.66 0.00
CA VAL A 146 18.66 -29.40 1.38
C VAL A 146 18.44 -27.88 1.50
N ILE A 147 17.19 -27.49 1.79
CA ILE A 147 16.74 -26.12 1.63
C ILE A 147 16.23 -25.52 2.93
N GLY A 148 16.67 -24.31 3.23
CA GLY A 148 16.22 -23.66 4.45
C GLY A 148 16.92 -22.39 4.76
N GLN A 149 16.48 -21.75 5.85
CA GLN A 149 17.12 -20.54 6.34
C GLN A 149 17.53 -20.76 7.77
N PRO A 150 18.73 -21.32 7.99
CA PRO A 150 19.15 -21.70 9.37
C PRO A 150 19.82 -20.60 10.19
N GLU A 151 19.93 -19.43 9.62
CA GLU A 151 20.79 -18.39 10.20
C GLU A 151 20.25 -17.74 11.50
N SER A 152 18.97 -17.93 11.82
CA SER A 152 18.49 -17.49 13.13
C SER A 152 19.25 -18.18 14.29
N SER A 153 19.80 -19.37 14.04
CA SER A 153 20.64 -20.09 15.04
C SER A 153 21.90 -19.38 15.48
N ILE A 154 22.43 -18.57 14.58
CA ILE A 154 23.58 -17.75 14.90
C ILE A 154 23.21 -16.27 15.07
N GLY A 155 21.93 -15.98 15.29
CA GLY A 155 21.41 -14.64 15.63
C GLY A 155 21.08 -13.73 14.46
N ILE A 156 21.12 -14.24 13.25
CA ILE A 156 20.84 -13.46 12.03
C ILE A 156 19.37 -13.59 11.60
N ASN A 157 18.74 -12.45 11.33
CA ASN A 157 17.34 -12.38 10.88
C ASN A 157 17.14 -12.91 9.51
N ALA A 158 18.01 -12.47 8.60
CA ALA A 158 17.92 -12.85 7.19
C ALA A 158 19.12 -12.31 6.44
N GLY A 159 19.55 -13.06 5.44
CA GLY A 159 20.62 -12.60 4.53
C GLY A 159 20.16 -11.65 3.44
N ALA A 160 19.02 -11.95 2.80
CA ALA A 160 18.59 -11.16 1.67
C ALA A 160 17.14 -11.41 1.26
N GLY A 161 16.19 -11.10 2.12
CA GLY A 161 14.78 -11.30 1.79
C GLY A 161 14.15 -12.45 2.54
N GLY A 162 14.91 -13.07 3.40
CA GLY A 162 14.43 -14.26 4.13
C GLY A 162 13.31 -13.94 5.07
N ASN A 163 13.09 -12.66 5.33
CA ASN A 163 11.91 -12.25 6.07
C ASN A 163 10.85 -11.51 5.22
N VAL A 164 11.24 -10.76 4.22
CA VAL A 164 10.29 -9.88 3.50
C VAL A 164 9.92 -10.35 2.09
N ILE A 165 10.72 -11.22 1.52
CA ILE A 165 10.35 -11.89 0.24
C ILE A 165 9.76 -13.28 0.48
N LEU A 166 10.33 -14.01 1.40
CA LEU A 166 9.85 -15.36 1.70
C LEU A 166 8.34 -15.46 1.85
N PRO A 167 7.69 -14.54 2.61
CA PRO A 167 6.27 -14.74 2.76
C PRO A 167 5.41 -14.59 1.48
N LYS A 168 5.94 -13.93 0.48
CA LYS A 168 5.27 -13.81 -0.81
C LYS A 168 5.32 -15.11 -1.60
N LEU A 169 6.27 -15.95 -1.25
CA LEU A 169 6.38 -17.27 -1.85
C LEU A 169 5.56 -18.30 -1.10
N VAL A 170 5.63 -18.33 0.24
CA VAL A 170 5.08 -19.44 1.04
C VAL A 170 3.98 -19.04 2.01
N GLY A 171 3.68 -17.76 2.11
CA GLY A 171 2.63 -17.31 3.04
C GLY A 171 3.25 -16.89 4.40
N ARG A 172 2.49 -16.13 5.17
CA ARG A 172 2.94 -15.47 6.39
CA ARG A 172 2.94 -15.47 6.39
C ARG A 172 3.36 -16.47 7.48
N GLY A 173 2.57 -17.53 7.62
CA GLY A 173 2.80 -18.55 8.65
C GLY A 173 4.04 -19.37 8.38
N SER A 174 4.11 -19.94 7.17
CA SER A 174 5.30 -20.69 6.84
C SER A 174 6.56 -19.85 6.88
N ALA A 175 6.49 -18.57 6.50
CA ALA A 175 7.69 -17.74 6.54
C ALA A 175 8.21 -17.61 7.94
N ALA A 176 7.35 -17.29 8.88
CA ALA A 176 7.79 -17.10 10.28
C ALA A 176 8.32 -18.38 10.81
N TYR A 177 7.63 -19.48 10.55
CA TYR A 177 8.08 -20.78 11.04
C TYR A 177 9.45 -21.15 10.49
N LEU A 178 9.63 -21.07 9.18
CA LEU A 178 10.92 -21.41 8.60
C LEU A 178 12.02 -20.52 9.13
N ALA A 179 11.76 -19.23 9.22
CA ALA A 179 12.83 -18.34 9.66
C ALA A 179 13.16 -18.43 11.15
N MSE A 180 12.14 -18.57 11.95
CA MSE A 180 12.36 -18.72 13.38
C MSE A 180 12.95 -20.09 13.69
O MSE A 180 13.87 -20.20 14.51
CB MSE A 180 11.10 -18.51 14.19
CG MSE A 180 10.72 -17.05 14.09
SE MSE A 180 9.10 -16.74 15.23
CE MSE A 180 8.80 -14.87 14.67
N SER A 181 12.41 -21.16 13.16
CA SER A 181 12.95 -22.49 13.55
C SER A 181 14.27 -22.83 12.87
N GLY A 182 14.51 -22.27 11.71
CA GLY A 182 15.67 -22.72 10.92
C GLY A 182 15.52 -24.10 10.31
N LYS A 183 14.30 -24.60 10.26
CA LYS A 183 14.07 -25.95 9.77
C LYS A 183 14.67 -26.21 8.37
N LYS A 184 15.31 -27.36 8.22
CA LYS A 184 15.80 -27.83 6.91
C LYS A 184 14.76 -28.69 6.21
N LEU A 185 14.49 -28.32 4.95
CA LEU A 185 13.53 -28.99 4.15
C LEU A 185 14.21 -29.86 3.13
N ASN A 186 13.54 -30.93 2.76
CA ASN A 186 13.90 -31.64 1.53
C ASN A 186 13.17 -31.01 0.36
N ALA A 187 13.51 -31.45 -0.84
CA ALA A 187 13.07 -30.76 -2.04
C ALA A 187 11.58 -30.81 -2.21
N GLN A 188 10.98 -31.95 -1.90
CA GLN A 188 9.53 -32.12 -2.09
C GLN A 188 8.76 -31.24 -1.09
N GLU A 189 9.26 -31.16 0.12
CA GLU A 189 8.69 -30.33 1.15
C GLU A 189 8.73 -28.87 0.74
N ALA A 190 9.87 -28.45 0.19
CA ALA A 190 10.00 -27.08 -0.25
C ALA A 190 9.06 -26.82 -1.39
N MSE A 191 8.93 -27.79 -2.29
CA MSE A 191 8.00 -27.61 -3.40
C MSE A 191 6.59 -27.45 -2.86
O MSE A 191 5.87 -26.53 -3.26
CB MSE A 191 7.95 -28.73 -4.39
CG MSE A 191 7.22 -28.19 -5.65
SE MSE A 191 7.51 -29.53 -7.01
CE MSE A 191 5.89 -29.14 -8.10
N ALA A 192 6.19 -28.31 -1.92
CA ALA A 192 4.81 -28.25 -1.44
C ALA A 192 4.52 -26.93 -0.74
N LEU A 193 5.53 -26.27 -0.15
CA LEU A 193 5.28 -24.99 0.45
C LEU A 193 5.24 -23.87 -0.54
N GLY A 194 5.72 -24.08 -1.75
CA GLY A 194 5.80 -22.98 -2.76
C GLY A 194 7.15 -22.27 -2.84
N LEU A 195 8.12 -22.85 -2.18
CA LEU A 195 9.45 -22.26 -2.09
C LEU A 195 10.29 -22.64 -3.30
N VAL A 196 9.87 -23.70 -3.94
CA VAL A 196 10.53 -24.24 -5.12
C VAL A 196 9.39 -24.57 -6.11
N ASP A 197 9.67 -24.48 -7.42
CA ASP A 197 8.63 -24.60 -8.45
C ASP A 197 8.61 -25.94 -9.13
N GLU A 198 9.75 -26.62 -9.13
CA GLU A 198 9.83 -27.92 -9.77
C GLU A 198 10.99 -28.65 -9.13
N VAL A 199 10.83 -29.95 -8.96
CA VAL A 199 11.88 -30.83 -8.52
C VAL A 199 12.21 -31.81 -9.66
N VAL A 200 13.48 -32.01 -9.95
CA VAL A 200 13.92 -32.92 -11.00
C VAL A 200 15.05 -33.82 -10.48
N ASP A 201 15.13 -35.04 -10.99
CA ASP A 201 16.11 -36.02 -10.50
C ASP A 201 17.33 -36.06 -11.39
N ASP A 202 17.36 -35.17 -12.36
CA ASP A 202 18.36 -35.17 -13.40
C ASP A 202 18.60 -33.72 -13.87
N GLU A 203 19.85 -33.35 -14.10
CA GLU A 203 20.14 -31.97 -14.56
C GLU A 203 19.52 -31.68 -15.94
N ALA A 204 19.50 -32.67 -16.81
CA ALA A 204 19.01 -32.48 -18.17
C ALA A 204 17.57 -32.03 -18.14
N LYS A 205 16.83 -32.48 -17.14
CA LYS A 205 15.43 -32.13 -17.09
C LYS A 205 15.26 -30.68 -16.68
N ALA A 206 16.20 -30.19 -15.87
CA ALA A 206 16.18 -28.76 -15.53
C ALA A 206 16.43 -27.92 -16.78
N TRP A 207 17.41 -28.34 -17.58
CA TRP A 207 17.76 -27.62 -18.82
C TRP A 207 16.65 -27.66 -19.86
N LYS A 208 15.85 -28.72 -19.84
CA LYS A 208 14.75 -28.76 -20.74
C LYS A 208 13.73 -27.67 -20.33
N ILE A 209 13.45 -27.53 -19.05
CA ILE A 209 12.54 -26.46 -18.59
C ILE A 209 13.11 -25.10 -18.95
N ILE A 210 14.37 -24.89 -18.69
CA ILE A 210 15.03 -23.63 -19.06
C ILE A 210 14.98 -23.32 -20.57
N ASP A 211 15.33 -24.30 -21.39
CA ASP A 211 15.29 -24.13 -22.85
C ASP A 211 13.88 -23.82 -23.38
N ASP A 212 12.85 -24.42 -22.80
CA ASP A 212 11.48 -24.11 -23.17
C ASP A 212 11.19 -22.64 -22.86
N ILE A 213 11.68 -22.11 -21.73
CA ILE A 213 11.47 -20.69 -21.42
C ILE A 213 12.15 -19.77 -22.41
N CYS A 214 13.31 -20.17 -22.85
CA CYS A 214 14.01 -19.46 -23.92
C CYS A 214 13.28 -19.39 -25.24
N LYS A 215 12.31 -20.25 -25.48
CA LYS A 215 11.54 -20.16 -26.74
C LYS A 215 10.57 -19.01 -26.75
N LYS A 216 10.17 -18.52 -25.58
CA LYS A 216 9.12 -17.51 -25.53
C LYS A 216 9.67 -16.13 -25.92
N PRO A 217 8.84 -15.25 -26.47
CA PRO A 217 9.33 -13.93 -26.77
C PRO A 217 9.82 -13.16 -25.58
N LYS A 218 10.96 -12.53 -25.76
CA LYS A 218 11.63 -11.77 -24.72
C LYS A 218 10.74 -10.74 -24.05
N LYS A 219 10.05 -9.97 -24.85
CA LYS A 219 9.29 -8.88 -24.31
C LYS A 219 8.13 -9.40 -23.45
N THR A 220 7.56 -10.51 -23.89
CA THR A 220 6.52 -11.16 -23.14
C THR A 220 6.97 -11.54 -21.75
N LEU A 221 8.10 -12.20 -21.65
CA LEU A 221 8.63 -12.63 -20.33
C LEU A 221 8.98 -11.46 -19.46
N GLN A 222 9.54 -10.45 -20.07
CA GLN A 222 9.87 -9.23 -19.37
C GLN A 222 8.62 -8.60 -18.75
N PHE A 223 7.53 -8.53 -19.50
CA PHE A 223 6.31 -7.92 -19.01
C PHE A 223 5.60 -8.76 -17.92
N ILE A 224 5.68 -10.07 -18.08
CA ILE A 224 5.15 -10.98 -17.07
C ILE A 224 5.83 -10.73 -15.75
N LYS A 225 7.13 -10.71 -15.80
CA LYS A 225 7.97 -10.41 -14.64
C LYS A 225 7.68 -9.05 -13.97
N ARG A 226 7.57 -7.98 -14.76
CA ARG A 226 7.21 -6.67 -14.21
C ARG A 226 5.85 -6.64 -13.51
N ALA A 227 4.83 -7.25 -14.13
CA ALA A 227 3.52 -7.19 -13.57
C ALA A 227 3.46 -7.97 -12.32
N ILE A 228 4.11 -9.12 -12.30
CA ILE A 228 4.07 -9.93 -11.10
C ILE A 228 4.70 -9.15 -9.95
N ASN A 229 5.83 -8.53 -10.21
CA ASN A 229 6.57 -7.84 -9.18
C ASN A 229 5.81 -6.64 -8.66
N SER A 230 5.26 -5.86 -9.56
CA SER A 230 4.52 -4.69 -9.16
C SER A 230 3.09 -5.03 -8.59
N SER A 231 2.59 -6.26 -8.74
CA SER A 231 1.32 -6.66 -8.09
C SER A 231 1.39 -6.57 -6.54
N TYR A 232 2.59 -6.64 -5.98
CA TYR A 232 2.82 -6.56 -4.54
C TYR A 232 2.84 -5.13 -4.04
N ASP A 233 2.75 -4.16 -4.94
CA ASP A 233 2.88 -2.75 -4.52
C ASP A 233 1.61 -1.95 -4.73
N MSE A 234 0.50 -2.64 -4.99
CA MSE A 234 -0.73 -1.98 -5.34
C MSE A 234 -1.93 -2.84 -5.18
O MSE A 234 -1.83 -4.06 -5.05
CB MSE A 234 -0.71 -1.46 -6.75
CG MSE A 234 -0.49 -2.58 -7.74
SE MSE A 234 -0.12 -1.77 -9.53
CE MSE A 234 1.66 -2.21 -10.14
N GLY A 235 -3.10 -2.19 -5.24
CA GLY A 235 -4.35 -2.93 -5.24
C GLY A 235 -4.59 -3.62 -6.59
N LEU A 236 -5.51 -4.57 -6.57
CA LEU A 236 -5.89 -5.28 -7.76
C LEU A 236 -6.24 -4.49 -9.02
N GLU A 237 -7.15 -3.51 -8.92
CA GLU A 237 -7.62 -2.78 -10.09
C GLU A 237 -6.48 -2.12 -10.78
N SER A 238 -5.60 -1.57 -9.97
CA SER A 238 -4.46 -0.84 -10.50
C SER A 238 -3.54 -1.81 -11.23
N ALA A 239 -3.33 -2.96 -10.61
CA ALA A 239 -2.50 -4.00 -11.21
C ALA A 239 -3.11 -4.55 -12.50
N MSE A 240 -4.44 -4.73 -12.53
CA MSE A 240 -5.16 -5.16 -13.72
C MSE A 240 -5.03 -4.12 -14.82
O MSE A 240 -4.80 -4.47 -16.00
CB MSE A 240 -6.62 -5.46 -13.47
CG MSE A 240 -6.81 -6.71 -12.63
SE MSE A 240 -6.46 -8.31 -13.74
CE MSE A 240 -8.25 -8.54 -14.44
N ASP A 241 -5.10 -2.85 -14.46
CA ASP A 241 -4.88 -1.76 -15.43
C ASP A 241 -3.49 -1.84 -16.06
N GLN A 242 -2.51 -2.11 -15.24
CA GLN A 242 -1.15 -2.25 -15.68
C GLN A 242 -0.91 -3.46 -16.54
N GLU A 243 -1.46 -4.58 -16.15
CA GLU A 243 -1.36 -5.80 -16.95
C GLU A 243 -1.92 -5.55 -18.38
N ALA A 244 -3.05 -4.85 -18.44
CA ALA A 244 -3.70 -4.51 -19.76
C ALA A 244 -2.87 -3.62 -20.65
N LEU A 245 -2.23 -2.64 -20.03
CA LEU A 245 -1.30 -1.76 -20.79
C LEU A 245 -0.09 -2.54 -21.33
N TYR A 246 0.51 -3.38 -20.49
CA TYR A 246 1.61 -4.21 -20.99
C TYR A 246 1.15 -5.04 -22.17
N PHE A 247 -0.01 -5.65 -22.02
CA PHE A 247 -0.56 -6.52 -23.03
C PHE A 247 -0.60 -5.76 -24.33
N SER A 248 -1.07 -4.57 -24.25
CA SER A 248 -1.21 -3.75 -25.44
C SER A 248 0.14 -3.43 -26.12
N LEU A 249 1.13 -3.09 -25.31
CA LEU A 249 2.47 -2.76 -25.82
C LEU A 249 3.16 -3.94 -26.46
N LEU A 250 2.81 -5.16 -26.06
CA LEU A 250 3.35 -6.35 -26.75
C LEU A 250 3.04 -6.35 -28.26
N PHE A 251 1.98 -5.69 -28.65
CA PHE A 251 1.62 -5.65 -30.07
C PHE A 251 2.44 -4.65 -30.90
N THR A 252 3.44 -4.05 -30.26
CA THR A 252 4.45 -3.26 -30.99
C THR A 252 5.74 -4.07 -31.15
N ASP A 253 5.78 -5.29 -30.59
CA ASP A 253 7.01 -6.08 -30.59
C ASP A 253 7.06 -7.08 -31.77
N PRO A 254 8.11 -6.99 -32.62
CA PRO A 254 8.23 -7.91 -33.76
C PRO A 254 8.18 -9.41 -33.39
N GLU A 255 8.86 -9.79 -32.33
CA GLU A 255 8.92 -11.19 -31.94
C GLU A 255 7.52 -11.72 -31.52
N VAL A 256 6.74 -10.89 -30.83
CA VAL A 256 5.36 -11.25 -30.48
C VAL A 256 4.49 -11.38 -31.72
N LEU A 257 4.58 -10.40 -32.63
CA LEU A 257 3.80 -10.42 -33.88
C LEU A 257 4.11 -11.67 -34.68
N ASP A 258 5.39 -12.02 -34.76
CA ASP A 258 5.83 -13.24 -35.51
C ASP A 258 5.23 -14.47 -34.89
N ALA A 259 5.26 -14.53 -33.57
CA ALA A 259 4.72 -15.69 -32.85
C ALA A 259 3.22 -15.87 -33.15
N LEU A 260 2.54 -14.79 -33.48
CA LEU A 260 1.11 -14.82 -33.77
C LEU A 260 0.77 -14.99 -35.26
N SER A 261 1.78 -14.89 -36.10
CA SER A 261 1.56 -14.78 -37.57
C SER A 261 0.91 -16.01 -38.22
N LYS A 262 1.15 -17.22 -37.70
CA LYS A 262 0.40 -18.39 -38.20
C LYS A 262 -1.11 -18.17 -38.26
N TRP A 263 -1.64 -17.34 -37.38
CA TRP A 263 -3.10 -17.16 -37.23
C TRP A 263 -3.63 -15.86 -37.78
N ARG A 264 -2.76 -15.07 -38.40
CA ARG A 264 -3.16 -13.76 -38.93
C ARG A 264 -4.05 -13.98 -40.12
N LYS A 265 -5.13 -13.20 -40.23
CA LYS A 265 -6.14 -13.24 -41.34
C LYS A 265 -7.00 -14.54 -41.29
N ASN B 17 -11.66 -18.35 51.51
CA ASN B 17 -11.70 -17.03 50.82
C ASN B 17 -13.05 -16.65 50.21
N LEU B 18 -13.81 -15.88 51.00
CA LEU B 18 -15.18 -15.39 50.70
C LEU B 18 -15.27 -14.55 49.36
N TYR B 19 -14.14 -13.93 48.97
CA TYR B 19 -13.97 -13.17 47.71
C TYR B 19 -13.33 -13.94 46.57
N PHE B 20 -13.14 -15.26 46.71
CA PHE B 20 -12.46 -16.03 45.67
C PHE B 20 -13.20 -15.77 44.35
N GLN B 21 -12.47 -15.42 43.30
CA GLN B 21 -13.03 -15.36 41.96
C GLN B 21 -12.25 -16.25 40.99
N SER B 22 -12.97 -17.05 40.24
CA SER B 22 -12.31 -17.93 39.30
C SER B 22 -11.97 -17.19 37.99
N MSE B 23 -11.00 -17.75 37.31
CA MSE B 23 -10.48 -17.23 36.07
C MSE B 23 -10.71 -18.17 34.91
O MSE B 23 -10.53 -19.36 35.03
CB MSE B 23 -9.03 -17.00 36.28
CG MSE B 23 -8.58 -15.85 35.38
SE MSE B 23 -8.09 -14.25 36.43
CE MSE B 23 -7.11 -13.48 34.92
N LEU B 24 -11.09 -17.62 33.77
CA LEU B 24 -11.30 -18.40 32.54
C LEU B 24 -10.05 -18.57 31.67
N VAL B 25 -8.99 -17.89 32.00
CA VAL B 25 -7.71 -18.10 31.35
C VAL B 25 -6.63 -18.22 32.46
N GLU B 26 -5.84 -19.27 32.41
CA GLU B 26 -4.79 -19.49 33.37
C GLU B 26 -3.44 -19.19 32.73
N ILE B 27 -2.48 -18.80 33.54
CA ILE B 27 -1.12 -18.68 33.10
C ILE B 27 -0.22 -19.64 33.86
N GLU B 28 0.69 -20.26 33.17
CA GLU B 28 1.65 -21.18 33.76
C GLU B 28 3.01 -20.88 33.14
N ARG B 29 4.04 -21.50 33.70
CA ARG B 29 5.34 -21.40 33.17
C ARG B 29 5.93 -22.77 32.90
N ARG B 30 6.63 -22.90 31.78
CA ARG B 30 7.24 -24.13 31.36
C ARG B 30 8.61 -23.75 30.76
N GLY B 31 9.57 -23.64 31.65
CA GLY B 31 10.92 -23.27 31.33
C GLY B 31 10.96 -21.87 30.78
N ASP B 32 11.50 -21.77 29.57
CA ASP B 32 11.63 -20.52 28.89
C ASP B 32 10.31 -20.10 28.20
N ALA B 33 9.23 -20.85 28.38
CA ALA B 33 7.97 -20.48 27.83
C ALA B 33 6.94 -20.08 28.88
N SER B 34 6.23 -18.99 28.63
CA SER B 34 4.97 -18.72 29.31
C SER B 34 3.88 -19.50 28.62
N LEU B 35 2.99 -20.07 29.39
CA LEU B 35 1.95 -20.93 28.86
C LEU B 35 0.59 -20.39 29.29
N ILE B 36 -0.23 -20.01 28.32
CA ILE B 36 -1.53 -19.39 28.54
C ILE B 36 -2.57 -20.39 28.13
N VAL B 37 -3.48 -20.69 29.03
CA VAL B 37 -4.44 -21.79 28.86
C VAL B 37 -5.89 -21.31 28.91
N LEU B 38 -6.60 -21.40 27.80
CA LEU B 38 -8.01 -21.03 27.75
C LEU B 38 -8.73 -22.13 28.53
N SER B 39 -9.46 -21.75 29.58
CA SER B 39 -10.04 -22.71 30.52
C SER B 39 -11.52 -22.49 30.76
N ARG B 40 -12.32 -23.03 29.86
CA ARG B 40 -13.76 -23.10 30.00
C ARG B 40 -14.26 -24.36 29.28
N PRO B 41 -13.72 -25.51 29.66
CA PRO B 41 -13.90 -26.77 28.91
C PRO B 41 -15.32 -27.28 28.80
N GLU B 42 -16.12 -26.95 29.80
CA GLU B 42 -17.52 -27.35 29.80
C GLU B 42 -18.26 -26.67 28.63
N LYS B 43 -17.75 -25.56 28.12
CA LYS B 43 -18.31 -24.90 26.91
C LYS B 43 -17.33 -24.94 25.75
N LEU B 44 -16.47 -25.94 25.74
CA LEU B 44 -15.50 -26.12 24.66
C LEU B 44 -14.57 -24.93 24.49
N ASN B 45 -14.24 -24.29 25.60
CA ASN B 45 -13.39 -23.10 25.65
C ASN B 45 -13.84 -22.02 24.71
N ALA B 46 -15.14 -21.89 24.59
CA ALA B 46 -15.70 -20.85 23.75
C ALA B 46 -15.50 -19.48 24.39
N ILE B 47 -15.19 -18.52 23.56
CA ILE B 47 -14.79 -17.23 23.99
C ILE B 47 -15.99 -16.28 24.27
N ASN B 48 -16.17 -15.93 25.52
CA ASN B 48 -17.11 -14.90 25.90
C ASN B 48 -16.36 -13.68 26.36
N LEU B 49 -17.08 -12.69 26.82
CA LEU B 49 -16.45 -11.43 27.21
C LEU B 49 -15.50 -11.58 28.40
N GLU B 50 -15.93 -12.34 29.40
CA GLU B 50 -15.09 -12.55 30.58
C GLU B 50 -13.76 -13.22 30.16
N MSE B 51 -13.85 -14.22 29.29
CA MSE B 51 -12.65 -14.87 28.80
C MSE B 51 -11.76 -13.92 28.07
O MSE B 51 -10.56 -13.95 28.24
CB MSE B 51 -12.96 -15.99 27.87
CG MSE B 51 -11.69 -16.83 27.81
SE MSE B 51 -11.81 -18.30 26.54
CE MSE B 51 -12.68 -19.49 27.80
N LEU B 52 -12.35 -13.04 27.28
CA LEU B 52 -11.57 -12.08 26.57
C LEU B 52 -10.82 -11.17 27.52
N ALA B 53 -11.51 -10.68 28.53
CA ALA B 53 -10.87 -9.79 29.50
C ALA B 53 -9.74 -10.54 30.25
N ASP B 54 -9.96 -11.80 30.60
CA ASP B 54 -8.93 -12.59 31.28
C ASP B 54 -7.76 -12.91 30.35
N LEU B 55 -8.03 -13.14 29.08
CA LEU B 55 -6.97 -13.38 28.14
C LEU B 55 -6.06 -12.17 28.01
N ALA B 56 -6.67 -10.99 27.92
CA ALA B 56 -5.89 -9.75 27.72
C ALA B 56 -4.85 -9.55 28.85
N ASP B 57 -5.40 -9.69 30.02
CA ASP B 57 -4.73 -9.72 31.36
CA ASP B 57 -4.70 -9.70 31.31
C ASP B 57 -3.58 -10.74 31.52
N GLN B 58 -3.85 -11.98 31.21
CA GLN B 58 -2.82 -13.01 31.28
C GLN B 58 -1.76 -12.75 30.22
N PHE B 59 -2.15 -12.27 29.06
CA PHE B 59 -1.21 -12.00 28.03
C PHE B 59 -0.22 -10.90 28.47
N SER B 60 -0.71 -9.83 29.10
CA SER B 60 0.19 -8.85 29.70
C SER B 60 1.17 -9.43 30.68
N LYS B 61 0.65 -10.24 31.61
CA LYS B 61 1.53 -10.91 32.56
C LYS B 61 2.61 -11.72 31.84
N ALA B 62 2.22 -12.46 30.80
CA ALA B 62 3.19 -13.28 30.06
C ALA B 62 4.26 -12.45 29.38
N GLU B 63 3.88 -11.28 28.89
CA GLU B 63 4.83 -10.38 28.22
C GLU B 63 5.88 -9.82 29.20
N LYS B 64 5.46 -9.53 30.41
CA LYS B 64 6.26 -9.05 31.52
C LYS B 64 7.32 -10.00 32.02
N GLU B 65 7.02 -11.27 31.92
CA GLU B 65 7.85 -12.34 32.39
C GLU B 65 9.13 -12.44 31.61
N ASP B 66 10.10 -13.09 32.20
CA ASP B 66 11.42 -13.21 31.62
C ASP B 66 11.52 -14.40 30.66
N THR B 67 10.40 -15.03 30.41
CA THR B 67 10.28 -16.07 29.41
C THR B 67 10.62 -15.53 28.02
N ARG B 68 10.91 -16.46 27.12
CA ARG B 68 11.33 -16.14 25.76
C ARG B 68 10.25 -16.31 24.68
N VAL B 69 9.26 -17.18 24.94
CA VAL B 69 8.12 -17.32 24.06
C VAL B 69 6.86 -17.43 24.85
N ILE B 70 5.76 -17.20 24.16
CA ILE B 70 4.46 -17.33 24.76
C ILE B 70 3.70 -18.36 24.00
N VAL B 71 3.17 -19.35 24.72
CA VAL B 71 2.43 -20.42 24.12
C VAL B 71 0.98 -20.35 24.54
N ILE B 72 0.05 -20.53 23.61
CA ILE B 72 -1.37 -20.43 23.90
C ILE B 72 -2.00 -21.72 23.54
N THR B 73 -2.79 -22.26 24.46
CA THR B 73 -3.53 -23.47 24.20
C THR B 73 -4.79 -23.49 25.02
N GLY B 74 -5.50 -24.59 24.92
CA GLY B 74 -6.76 -24.78 25.67
C GLY B 74 -6.63 -25.91 26.67
N TYR B 75 -7.47 -25.82 27.71
CA TYR B 75 -7.52 -26.80 28.74
C TYR B 75 -8.34 -27.98 28.23
N GLY B 76 -7.84 -29.19 28.50
CA GLY B 76 -8.58 -30.40 28.13
C GLY B 76 -8.37 -30.77 26.67
N LYS B 77 -9.38 -31.37 26.06
CA LYS B 77 -9.27 -31.94 24.71
C LYS B 77 -9.21 -30.87 23.60
N ASN B 78 -9.80 -29.69 23.84
CA ASN B 78 -10.01 -28.70 22.82
C ASN B 78 -9.25 -27.43 23.00
N PHE B 79 -8.87 -26.82 21.89
CA PHE B 79 -8.27 -25.48 21.92
C PHE B 79 -9.39 -24.46 22.16
N SER B 80 -10.31 -24.36 21.21
CA SER B 80 -11.48 -23.54 21.35
C SER B 80 -12.46 -23.73 20.19
N ALA B 81 -13.74 -23.86 20.50
CA ALA B 81 -14.75 -24.04 19.47
C ALA B 81 -15.16 -22.71 18.83
N GLY B 82 -14.67 -21.58 19.35
CA GLY B 82 -15.00 -20.34 18.74
C GLY B 82 -15.65 -19.38 19.70
N ALA B 83 -16.31 -18.37 19.16
CA ALA B 83 -17.00 -17.41 19.98
C ALA B 83 -18.20 -18.08 20.58
N ASP B 84 -18.53 -17.68 21.78
CA ASP B 84 -19.72 -18.16 22.47
C ASP B 84 -20.98 -17.74 21.70
N ILE B 85 -21.80 -18.73 21.34
CA ILE B 85 -22.90 -18.53 20.43
C ILE B 85 -24.08 -17.85 21.10
N ASN B 86 -24.25 -18.06 22.40
CA ASN B 86 -25.32 -17.36 23.12
C ASN B 86 -24.97 -15.88 23.22
N MSE B 87 -23.70 -15.57 23.40
CA MSE B 87 -23.24 -14.20 23.43
C MSE B 87 -23.48 -13.55 22.05
O MSE B 87 -24.04 -12.47 21.98
CB MSE B 87 -21.79 -14.16 23.91
CG MSE B 87 -21.18 -12.77 23.77
SE MSE B 87 -19.23 -12.79 23.67
CE MSE B 87 -18.98 -13.66 21.91
N LEU B 88 -23.04 -14.19 20.98
CA LEU B 88 -23.30 -13.70 19.62
C LEU B 88 -24.76 -13.38 19.39
N ALA B 89 -25.62 -14.30 19.82
CA ALA B 89 -27.07 -14.16 19.67
C ALA B 89 -27.67 -13.06 20.52
N SER B 90 -26.95 -12.56 21.50
CA SER B 90 -27.42 -11.42 22.33
C SER B 90 -27.01 -10.06 21.78
N PHE B 91 -26.17 -10.03 20.74
CA PHE B 91 -25.61 -8.78 20.30
C PHE B 91 -26.60 -7.95 19.49
N ASP B 92 -26.46 -6.64 19.58
CA ASP B 92 -26.95 -5.74 18.56
C ASP B 92 -25.70 -5.11 17.91
N PRO B 93 -25.89 -4.20 16.95
CA PRO B 93 -24.70 -3.70 16.27
C PRO B 93 -23.69 -3.03 17.19
N ALA B 94 -24.14 -2.22 18.12
CA ALA B 94 -23.17 -1.58 19.05
C ALA B 94 -22.34 -2.58 19.89
N SER B 95 -22.99 -3.56 20.51
CA SER B 95 -22.30 -4.49 21.38
C SER B 95 -21.46 -5.47 20.55
N ALA B 96 -21.89 -5.75 19.35
CA ALA B 96 -21.09 -6.52 18.40
C ALA B 96 -19.81 -5.79 18.06
N TYR B 97 -19.92 -4.50 17.81
CA TYR B 97 -18.75 -3.73 17.44
C TYR B 97 -17.78 -3.72 18.61
N SER B 98 -18.28 -3.48 19.78
CA SER B 98 -17.47 -3.45 21.01
C SER B 98 -16.77 -4.79 21.28
N PHE B 99 -17.44 -5.89 21.05
CA PHE B 99 -16.80 -7.19 21.12
C PHE B 99 -15.64 -7.36 20.12
N ARG B 100 -15.87 -6.97 18.88
CA ARG B 100 -14.81 -7.10 17.86
C ARG B 100 -13.65 -6.22 18.12
N LEU B 101 -13.86 -5.04 18.69
CA LEU B 101 -12.72 -4.21 19.05
C LEU B 101 -11.83 -4.87 20.09
N LYS B 102 -12.45 -5.60 20.99
CA LYS B 102 -11.70 -6.32 21.98
C LYS B 102 -10.97 -7.48 21.34
N MSE B 103 -11.61 -8.21 20.43
CA MSE B 103 -10.90 -9.29 19.69
C MSE B 103 -9.74 -8.68 18.95
O MSE B 103 -8.64 -9.20 19.00
CB MSE B 103 -11.74 -10.02 18.67
CG MSE B 103 -12.88 -10.80 19.28
SE MSE B 103 -12.22 -12.47 20.11
CE MSE B 103 -12.60 -13.70 18.65
N ASN B 104 -9.97 -7.61 18.21
CA ASN B 104 -8.89 -6.98 17.41
C ASN B 104 -7.73 -6.60 18.27
N SER B 105 -8.04 -6.10 19.45
CA SER B 105 -7.00 -5.56 20.35
C SER B 105 -6.08 -6.70 20.86
N ILE B 106 -6.66 -7.82 21.24
CA ILE B 106 -5.83 -8.95 21.66
C ILE B 106 -5.03 -9.54 20.49
N ALA B 107 -5.64 -9.64 19.30
CA ALA B 107 -4.95 -10.10 18.10
C ALA B 107 -3.82 -9.19 17.75
N GLN B 108 -4.03 -7.90 17.86
CA GLN B 108 -2.94 -7.00 17.63
C GLN B 108 -1.80 -7.10 18.65
N ARG B 109 -2.10 -7.27 19.92
CA ARG B 109 -1.05 -7.46 20.90
C ARG B 109 -0.24 -8.71 20.63
N ILE B 110 -0.88 -9.75 20.13
CA ILE B 110 -0.18 -10.97 19.76
C ILE B 110 0.79 -10.70 18.63
N ARG B 111 0.34 -9.95 17.63
CA ARG B 111 1.18 -9.63 16.45
C ARG B 111 2.29 -8.65 16.78
N LYS B 112 2.09 -7.74 17.73
CA LYS B 112 3.13 -6.74 18.04
C LYS B 112 4.07 -7.16 19.17
N SER B 113 3.82 -8.28 19.78
CA SER B 113 4.67 -8.73 20.88
C SER B 113 6.12 -8.91 20.49
N ASP B 114 7.01 -8.54 21.38
CA ASP B 114 8.47 -8.79 21.22
C ASP B 114 8.77 -10.26 21.17
N LYS B 115 7.95 -11.05 21.86
CA LYS B 115 8.11 -12.53 21.94
C LYS B 115 7.32 -13.24 20.86
N PRO B 116 7.89 -14.27 20.28
CA PRO B 116 7.12 -15.18 19.47
C PRO B 116 5.91 -15.77 20.23
N VAL B 117 4.78 -15.87 19.56
CA VAL B 117 3.62 -16.47 20.12
C VAL B 117 3.30 -17.66 19.31
N ILE B 118 3.08 -18.78 20.00
CA ILE B 118 2.86 -20.08 19.40
C ILE B 118 1.59 -20.66 19.88
N ALA B 119 0.71 -20.99 18.96
CA ALA B 119 -0.54 -21.60 19.29
C ALA B 119 -0.40 -23.13 19.13
N LEU B 120 -0.94 -23.83 20.12
CA LEU B 120 -0.94 -25.25 20.13
C LEU B 120 -2.36 -25.74 20.00
N LEU B 121 -2.73 -26.14 18.80
CA LEU B 121 -4.10 -26.50 18.46
C LEU B 121 -4.36 -28.00 18.72
N LYS B 122 -5.53 -28.29 19.21
CA LYS B 122 -5.99 -29.62 19.42
C LYS B 122 -7.51 -29.65 19.49
N GLY B 123 -8.06 -30.83 19.29
CA GLY B 123 -9.48 -31.02 19.19
C GLY B 123 -10.14 -29.87 18.36
N TYR B 124 -11.27 -29.37 18.85
CA TYR B 124 -11.90 -28.24 18.19
C TYR B 124 -11.04 -27.00 18.27
N SER B 125 -10.68 -26.53 17.10
CA SER B 125 -9.85 -25.31 16.95
C SER B 125 -10.49 -24.48 15.85
N MSE B 126 -11.47 -23.70 16.21
CA MSE B 126 -12.34 -23.10 15.22
C MSE B 126 -12.76 -21.70 15.46
O MSE B 126 -12.64 -21.14 16.53
CB MSE B 126 -13.62 -23.90 15.25
CG MSE B 126 -13.24 -25.34 14.85
SE MSE B 126 -14.72 -26.41 14.21
CE MSE B 126 -15.85 -26.12 15.82
N GLY B 127 -13.22 -21.11 14.38
CA GLY B 127 -13.80 -19.79 14.40
C GLY B 127 -12.90 -18.77 15.05
N GLY B 128 -13.51 -18.00 15.96
CA GLY B 128 -12.82 -16.90 16.63
C GLY B 128 -11.56 -17.32 17.33
N GLY B 129 -11.58 -18.53 17.88
CA GLY B 129 -10.40 -19.05 18.59
C GLY B 129 -9.28 -19.33 17.63
N LEU B 130 -9.60 -20.08 16.57
CA LEU B 130 -8.63 -20.32 15.54
C LEU B 130 -8.14 -19.01 14.92
N GLU B 131 -9.04 -18.07 14.76
CA GLU B 131 -8.64 -16.79 14.16
C GLU B 131 -7.65 -15.99 15.00
N LEU B 132 -7.86 -15.95 16.30
CA LEU B 132 -6.74 -15.48 17.20
C LEU B 132 -5.42 -16.22 16.94
N ALA B 133 -5.47 -17.54 16.81
CA ALA B 133 -4.26 -18.28 16.54
C ALA B 133 -3.63 -17.91 15.22
N GLU B 134 -4.41 -17.42 14.30
CA GLU B 134 -3.89 -16.99 13.00
C GLU B 134 -3.01 -15.74 13.09
N SER B 135 -3.20 -14.98 14.14
CA SER B 135 -2.31 -13.84 14.45
C SER B 135 -1.01 -14.27 15.14
N ALA B 136 -1.00 -15.47 15.70
CA ALA B 136 0.22 -15.98 16.28
C ALA B 136 1.28 -16.18 15.22
N ASP B 137 2.51 -16.24 15.67
CA ASP B 137 3.61 -16.47 14.73
C ASP B 137 3.66 -17.89 14.19
N ILE B 138 3.34 -18.86 15.03
CA ILE B 138 3.47 -20.27 14.69
C ILE B 138 2.29 -21.01 15.18
N ARG B 139 1.81 -21.95 14.38
CA ARG B 139 0.71 -22.86 14.81
C ARG B 139 1.22 -24.30 14.72
N ILE B 140 1.11 -25.00 15.82
CA ILE B 140 1.36 -26.42 15.83
C ILE B 140 0.08 -27.13 16.16
N ALA B 141 -0.18 -28.22 15.47
CA ALA B 141 -1.42 -28.96 15.70
C ALA B 141 -1.20 -30.38 16.19
N MSE B 142 -1.93 -30.76 17.23
CA MSE B 142 -2.06 -32.18 17.60
C MSE B 142 -2.80 -32.87 16.48
O MSE B 142 -3.58 -32.24 15.74
CB MSE B 142 -2.84 -32.36 18.86
CG MSE B 142 -2.24 -31.59 20.05
SE MSE B 142 -0.45 -32.21 20.55
CE MSE B 142 -0.98 -34.07 20.97
N SER B 143 -2.54 -34.14 16.30
CA SER B 143 -3.14 -34.91 15.20
C SER B 143 -4.67 -34.95 15.22
N ASP B 144 -5.28 -34.82 16.40
CA ASP B 144 -6.75 -34.90 16.55
C ASP B 144 -7.46 -33.57 16.25
N ALA B 145 -6.70 -32.54 15.89
CA ALA B 145 -7.28 -31.23 15.64
C ALA B 145 -8.30 -31.09 14.48
N VAL B 146 -9.40 -30.40 14.78
CA VAL B 146 -10.46 -30.18 13.85
C VAL B 146 -10.46 -28.68 13.67
N ILE B 147 -10.07 -28.26 12.46
CA ILE B 147 -9.66 -26.88 12.21
C ILE B 147 -10.52 -26.26 11.10
N GLY B 148 -11.07 -25.10 11.39
CA GLY B 148 -11.92 -24.43 10.40
C GLY B 148 -12.61 -23.20 10.93
N GLN B 149 -13.30 -22.53 10.02
CA GLN B 149 -14.04 -21.36 10.36
C GLN B 149 -15.48 -21.61 9.94
N PRO B 150 -16.32 -22.19 10.81
CA PRO B 150 -17.69 -22.55 10.44
C PRO B 150 -18.76 -21.49 10.62
N GLU B 151 -18.38 -20.33 11.08
CA GLU B 151 -19.32 -19.36 11.61
C GLU B 151 -20.15 -18.69 10.57
N SER B 152 -19.77 -18.77 9.29
CA SER B 152 -20.67 -18.30 8.24
C SER B 152 -22.07 -18.95 8.32
N SER B 153 -22.13 -20.19 8.79
CA SER B 153 -23.41 -20.92 8.93
C SER B 153 -24.44 -20.21 9.84
N ILE B 154 -23.92 -19.49 10.83
CA ILE B 154 -24.76 -18.75 11.75
C ILE B 154 -24.68 -17.25 11.43
N GLY B 155 -24.19 -16.93 10.23
CA GLY B 155 -24.28 -15.57 9.68
C GLY B 155 -23.12 -14.64 9.96
N ILE B 156 -22.09 -15.16 10.58
CA ILE B 156 -20.92 -14.38 10.99
C ILE B 156 -19.82 -14.44 9.92
N ASN B 157 -19.26 -13.29 9.58
CA ASN B 157 -18.18 -13.20 8.61
C ASN B 157 -16.86 -13.72 9.12
N ALA B 158 -16.52 -13.30 10.32
CA ALA B 158 -15.24 -13.65 10.96
C ALA B 158 -15.20 -13.17 12.39
N GLY B 159 -14.54 -13.93 13.23
CA GLY B 159 -14.29 -13.54 14.62
C GLY B 159 -13.13 -12.56 14.78
N ALA B 160 -12.01 -12.80 14.10
CA ALA B 160 -10.79 -12.05 14.37
C ALA B 160 -9.72 -12.23 13.33
N GLY B 161 -10.01 -11.94 12.08
CA GLY B 161 -8.98 -12.11 11.05
C GLY B 161 -9.27 -13.24 10.12
N GLY B 162 -10.41 -13.87 10.34
CA GLY B 162 -10.79 -14.97 9.46
C GLY B 162 -10.99 -14.59 8.01
N ASN B 163 -11.11 -13.29 7.72
CA ASN B 163 -11.23 -12.86 6.35
C ASN B 163 -10.01 -12.11 5.87
N VAL B 164 -9.35 -11.42 6.78
CA VAL B 164 -8.26 -10.52 6.36
C VAL B 164 -6.88 -10.99 6.74
N ILE B 165 -6.77 -11.92 7.68
CA ILE B 165 -5.48 -12.51 7.97
C ILE B 165 -5.36 -13.87 7.28
N LEU B 166 -6.43 -14.60 7.28
CA LEU B 166 -6.43 -15.92 6.65
C LEU B 166 -5.83 -15.97 5.26
N PRO B 167 -6.18 -15.05 4.36
CA PRO B 167 -5.54 -15.17 3.01
C PRO B 167 -4.04 -14.94 2.92
N LYS B 168 -3.46 -14.29 3.91
CA LYS B 168 -2.00 -14.14 4.01
C LYS B 168 -1.34 -15.45 4.40
N LEU B 169 -2.13 -16.34 4.98
CA LEU B 169 -1.63 -17.65 5.32
C LEU B 169 -1.81 -18.65 4.24
N VAL B 170 -2.99 -18.69 3.64
CA VAL B 170 -3.35 -19.75 2.71
C VAL B 170 -3.62 -19.33 1.27
N GLY B 171 -3.61 -18.03 0.99
CA GLY B 171 -3.95 -17.54 -0.38
C GLY B 171 -5.40 -17.14 -0.50
N ARG B 172 -5.69 -16.35 -1.52
CA ARG B 172 -6.98 -15.70 -1.69
C ARG B 172 -8.08 -16.73 -1.87
N GLY B 173 -7.80 -17.75 -2.64
CA GLY B 173 -8.82 -18.72 -3.05
C GLY B 173 -9.20 -19.64 -1.92
N SER B 174 -8.18 -20.21 -1.26
CA SER B 174 -8.46 -21.00 -0.07
C SER B 174 -9.20 -20.20 1.00
N ALA B 175 -8.85 -18.94 1.20
CA ALA B 175 -9.46 -18.18 2.26
C ALA B 175 -10.92 -18.06 2.00
N ALA B 176 -11.28 -17.71 0.79
CA ALA B 176 -12.70 -17.54 0.48
C ALA B 176 -13.43 -18.82 0.61
N TYR B 177 -12.84 -19.89 0.11
CA TYR B 177 -13.46 -21.17 0.18
C TYR B 177 -13.68 -21.62 1.62
N LEU B 178 -12.64 -21.53 2.46
CA LEU B 178 -12.80 -21.97 3.84
C LEU B 178 -13.83 -21.12 4.54
N ALA B 179 -13.79 -19.81 4.35
CA ALA B 179 -14.76 -18.91 5.05
C ALA B 179 -16.17 -19.03 4.59
N MSE B 180 -16.35 -19.19 3.29
CA MSE B 180 -17.70 -19.37 2.77
C MSE B 180 -18.25 -20.72 3.04
O MSE B 180 -19.41 -20.84 3.43
CB MSE B 180 -17.74 -19.06 1.31
CG MSE B 180 -17.50 -17.55 1.10
SE MSE B 180 -17.64 -17.09 -0.82
CE MSE B 180 -17.00 -15.26 -0.76
N SER B 181 -17.50 -21.78 2.77
CA SER B 181 -18.05 -23.12 2.97
C SER B 181 -18.13 -23.57 4.42
N GLY B 182 -17.31 -22.98 5.28
CA GLY B 182 -17.19 -23.48 6.65
C GLY B 182 -16.56 -24.86 6.73
N LYS B 183 -15.84 -25.28 5.71
CA LYS B 183 -15.25 -26.60 5.71
C LYS B 183 -14.31 -26.87 6.91
N LYS B 184 -14.46 -28.05 7.48
CA LYS B 184 -13.63 -28.51 8.54
C LYS B 184 -12.47 -29.29 7.95
N LEU B 185 -11.27 -28.93 8.40
CA LEU B 185 -10.06 -29.60 7.98
C LEU B 185 -9.53 -30.48 9.07
N ASN B 186 -8.84 -31.54 8.66
CA ASN B 186 -8.02 -32.27 9.60
C ASN B 186 -6.63 -31.62 9.61
N ALA B 187 -5.80 -32.05 10.54
CA ALA B 187 -4.57 -31.37 10.83
C ALA B 187 -3.59 -31.41 9.63
N GLN B 188 -3.51 -32.54 8.91
CA GLN B 188 -2.64 -32.60 7.75
C GLN B 188 -3.09 -31.68 6.61
N GLU B 189 -4.40 -31.60 6.42
CA GLU B 189 -4.99 -30.78 5.39
C GLU B 189 -4.69 -29.35 5.70
N ALA B 190 -4.78 -28.98 6.97
CA ALA B 190 -4.51 -27.59 7.36
C ALA B 190 -3.03 -27.25 7.17
N MSE B 191 -2.17 -28.22 7.47
CA MSE B 191 -0.75 -28.08 7.24
C MSE B 191 -0.47 -27.87 5.76
O MSE B 191 0.17 -26.92 5.38
CB MSE B 191 0.10 -29.23 7.67
CG MSE B 191 1.55 -28.80 7.70
SE MSE B 191 2.56 -30.25 8.56
CE MSE B 191 4.30 -29.79 7.74
N ALA B 192 -1.04 -28.67 4.90
CA ALA B 192 -0.74 -28.56 3.49
C ALA B 192 -1.20 -27.21 2.95
N LEU B 193 -2.25 -26.61 3.52
CA LEU B 193 -2.69 -25.29 3.01
C LEU B 193 -1.82 -24.15 3.51
N GLY B 194 -1.07 -24.37 4.56
CA GLY B 194 -0.28 -23.32 5.18
C GLY B 194 -0.91 -22.67 6.42
N LEU B 195 -2.00 -23.27 6.88
CA LEU B 195 -2.72 -22.74 8.00
C LEU B 195 -2.06 -23.18 9.33
N VAL B 196 -1.33 -24.28 9.28
CA VAL B 196 -0.64 -24.88 10.41
C VAL B 196 0.78 -25.20 9.94
N ASP B 197 1.76 -25.18 10.84
CA ASP B 197 3.18 -25.33 10.46
C ASP B 197 3.79 -26.69 10.72
N GLU B 198 3.21 -27.43 11.65
CA GLU B 198 3.66 -28.72 11.97
C GLU B 198 2.52 -29.48 12.67
N VAL B 199 2.47 -30.79 12.44
CA VAL B 199 1.52 -31.68 13.05
C VAL B 199 2.29 -32.72 13.87
N VAL B 200 1.86 -32.95 15.12
CA VAL B 200 2.53 -33.90 15.99
C VAL B 200 1.51 -34.80 16.68
N ASP B 201 1.90 -36.04 16.96
CA ASP B 201 0.95 -37.01 17.52
C ASP B 201 1.07 -37.08 19.04
N ASP B 202 1.90 -36.22 19.60
CA ASP B 202 1.97 -36.14 21.03
C ASP B 202 2.64 -34.86 21.54
N GLU B 203 2.30 -34.54 22.75
CA GLU B 203 2.56 -33.18 23.27
C GLU B 203 4.05 -32.90 23.44
N ALA B 204 4.81 -33.92 23.78
CA ALA B 204 6.27 -33.78 23.92
C ALA B 204 6.96 -33.31 22.66
N LYS B 205 6.44 -33.72 21.52
CA LYS B 205 7.03 -33.33 20.28
C LYS B 205 6.72 -31.87 19.97
N ALA B 206 5.58 -31.39 20.42
CA ALA B 206 5.29 -29.97 20.31
C ALA B 206 6.25 -29.13 21.16
N TRP B 207 6.50 -29.59 22.40
CA TRP B 207 7.46 -28.90 23.24
C TRP B 207 8.88 -28.90 22.67
N LYS B 208 9.23 -29.93 21.95
CA LYS B 208 10.55 -29.95 21.35
C LYS B 208 10.68 -28.85 20.26
N ILE B 209 9.64 -28.67 19.48
CA ILE B 209 9.64 -27.57 18.54
C ILE B 209 9.67 -26.20 19.24
N ILE B 210 8.87 -26.05 20.27
CA ILE B 210 8.92 -24.82 21.06
C ILE B 210 10.28 -24.56 21.71
N ASP B 211 10.86 -25.58 22.32
CA ASP B 211 12.21 -25.47 22.86
C ASP B 211 13.29 -25.08 21.83
N ASP B 212 13.14 -25.53 20.59
CA ASP B 212 14.09 -25.20 19.53
C ASP B 212 14.00 -23.74 19.21
N ILE B 213 12.80 -23.19 19.21
CA ILE B 213 12.64 -21.75 19.00
C ILE B 213 13.27 -20.95 20.17
N CYS B 214 13.09 -21.43 21.42
CA CYS B 214 13.66 -20.78 22.56
C CYS B 214 15.18 -20.71 22.53
N LYS B 215 15.83 -21.56 21.73
CA LYS B 215 17.30 -21.54 21.65
C LYS B 215 17.81 -20.31 20.90
N LYS B 216 16.99 -19.72 20.03
CA LYS B 216 17.47 -18.61 19.18
C LYS B 216 17.58 -17.32 20.00
N PRO B 217 18.50 -16.45 19.66
CA PRO B 217 18.52 -15.15 20.32
C PRO B 217 17.23 -14.32 20.19
N LYS B 218 16.81 -13.78 21.33
CA LYS B 218 15.56 -13.05 21.44
C LYS B 218 15.42 -11.91 20.44
N LYS B 219 16.47 -11.11 20.33
CA LYS B 219 16.40 -9.96 19.48
C LYS B 219 16.22 -10.41 18.01
N THR B 220 16.84 -11.53 17.67
CA THR B 220 16.73 -12.04 16.32
C THR B 220 15.28 -12.43 15.96
N LEU B 221 14.62 -13.14 16.86
CA LEU B 221 13.22 -13.55 16.66
C LEU B 221 12.32 -12.37 16.64
N GLN B 222 12.61 -11.40 17.47
CA GLN B 222 11.85 -10.20 17.49
C GLN B 222 11.93 -9.48 16.12
N PHE B 223 13.12 -9.32 15.59
CA PHE B 223 13.32 -8.59 14.31
C PHE B 223 12.74 -9.36 13.12
N ILE B 224 12.85 -10.68 13.17
CA ILE B 224 12.21 -11.50 12.16
C ILE B 224 10.70 -11.23 12.11
N LYS B 225 10.11 -11.31 13.28
CA LYS B 225 8.68 -11.06 13.47
C LYS B 225 8.23 -9.67 12.96
N ARG B 226 8.95 -8.62 13.33
CA ARG B 226 8.61 -7.25 12.89
CA ARG B 226 8.60 -7.26 12.87
C ARG B 226 8.69 -7.12 11.36
N ALA B 227 9.72 -7.70 10.76
CA ALA B 227 9.93 -7.51 9.33
C ALA B 227 8.87 -8.30 8.55
N ILE B 228 8.54 -9.50 9.05
CA ILE B 228 7.50 -10.28 8.38
C ILE B 228 6.18 -9.52 8.39
N ASN B 229 5.81 -8.98 9.56
CA ASN B 229 4.55 -8.31 9.75
C ASN B 229 4.48 -7.09 8.85
N SER B 230 5.52 -6.32 8.86
CA SER B 230 5.49 -5.08 8.15
C SER B 230 5.66 -5.28 6.64
N SER B 231 6.05 -6.48 6.21
CA SER B 231 6.21 -6.76 4.76
C SER B 231 4.86 -6.66 4.01
N TYR B 232 3.78 -6.84 4.75
CA TYR B 232 2.44 -6.75 4.22
C TYR B 232 1.92 -5.32 4.11
N ASP B 233 2.69 -4.34 4.58
CA ASP B 233 2.28 -2.95 4.55
C ASP B 233 3.18 -2.07 3.71
N MSE B 234 3.99 -2.67 2.86
CA MSE B 234 4.88 -1.88 2.02
C MSE B 234 5.35 -2.61 0.82
O MSE B 234 5.20 -3.81 0.72
CB MSE B 234 6.10 -1.41 2.82
CG MSE B 234 6.86 -2.59 3.39
SE MSE B 234 8.20 -1.92 4.68
CE MSE B 234 7.83 -2.66 6.39
N GLY B 235 5.97 -1.85 -0.09
CA GLY B 235 6.63 -2.43 -1.26
C GLY B 235 7.95 -3.11 -0.89
N LEU B 236 8.38 -4.01 -1.76
CA LEU B 236 9.58 -4.78 -1.56
C LEU B 236 10.83 -4.02 -1.17
N GLU B 237 11.14 -2.97 -1.91
CA GLU B 237 12.43 -2.25 -1.71
C GLU B 237 12.47 -1.69 -0.31
N SER B 238 11.34 -1.18 0.12
CA SER B 238 11.22 -0.58 1.42
C SER B 238 11.43 -1.68 2.44
N ALA B 239 10.80 -2.81 2.21
CA ALA B 239 10.89 -3.89 3.15
C ALA B 239 12.32 -4.39 3.23
N MSE B 240 12.99 -4.46 2.10
CA MSE B 240 14.37 -4.95 2.05
C MSE B 240 15.25 -3.98 2.81
O MSE B 240 16.18 -4.39 3.52
CB MSE B 240 14.90 -5.15 0.61
CG MSE B 240 14.26 -6.33 -0.11
SE MSE B 240 14.95 -7.99 0.58
CE MSE B 240 16.56 -8.14 -0.53
N ASP B 241 15.01 -2.69 2.63
CA ASP B 241 15.73 -1.69 3.37
C ASP B 241 15.58 -1.87 4.88
N GLN B 242 14.37 -2.13 5.30
CA GLN B 242 14.08 -2.37 6.69
C GLN B 242 14.72 -3.65 7.24
N GLU B 243 14.68 -4.72 6.47
CA GLU B 243 15.34 -5.98 6.83
C GLU B 243 16.85 -5.77 7.04
N ALA B 244 17.48 -5.00 6.16
CA ALA B 244 18.89 -4.67 6.29
C ALA B 244 19.25 -3.88 7.56
N LEU B 245 18.44 -2.89 7.88
CA LEU B 245 18.63 -2.09 9.09
C LEU B 245 18.50 -2.99 10.34
N TYR B 246 17.48 -3.85 10.37
CA TYR B 246 17.34 -4.74 11.49
C TYR B 246 18.60 -5.61 11.61
N PHE B 247 19.07 -6.11 10.50
CA PHE B 247 20.25 -6.98 10.47
C PHE B 247 21.40 -6.26 11.11
N SER B 248 21.54 -5.03 10.77
CA SER B 248 22.62 -4.26 11.30
C SER B 248 22.53 -4.04 12.83
N LEU B 249 21.35 -3.71 13.30
CA LEU B 249 21.13 -3.51 14.73
C LEU B 249 21.34 -4.77 15.62
N LEU B 250 21.21 -5.92 15.03
CA LEU B 250 21.52 -7.16 15.73
C LEU B 250 22.95 -7.21 16.20
N PHE B 251 23.85 -6.57 15.47
CA PHE B 251 25.24 -6.53 15.92
C PHE B 251 25.51 -5.65 17.14
N THR B 252 24.46 -5.05 17.71
CA THR B 252 24.61 -4.36 19.01
C THR B 252 24.10 -5.24 20.14
N ASP B 253 23.63 -6.43 19.82
CA ASP B 253 23.00 -7.30 20.83
C ASP B 253 23.96 -8.37 21.41
N PRO B 254 24.13 -8.42 22.73
CA PRO B 254 25.09 -9.38 23.33
C PRO B 254 24.82 -10.85 23.06
N GLU B 255 23.55 -11.22 23.04
CA GLU B 255 23.18 -12.61 22.74
C GLU B 255 23.52 -13.03 21.28
N VAL B 256 23.35 -12.12 20.35
CA VAL B 256 23.77 -12.35 18.97
C VAL B 256 25.26 -12.49 18.82
N LEU B 257 25.97 -11.56 19.42
CA LEU B 257 27.43 -11.58 19.37
C LEU B 257 28.01 -12.85 19.98
N ASP B 258 27.42 -13.33 21.06
CA ASP B 258 27.83 -14.62 21.62
C ASP B 258 27.53 -15.81 20.70
N ALA B 259 26.36 -15.81 20.07
CA ALA B 259 26.03 -16.85 19.15
C ALA B 259 27.04 -16.92 18.00
N LEU B 260 27.68 -15.79 17.67
CA LEU B 260 28.68 -15.74 16.59
C LEU B 260 30.11 -15.97 17.02
N SER B 261 30.35 -16.02 18.34
CA SER B 261 31.72 -15.95 18.88
C SER B 261 32.58 -17.16 18.51
N LYS B 262 32.01 -18.34 18.35
CA LYS B 262 32.80 -19.49 17.84
C LYS B 262 33.63 -19.14 16.61
N TRP B 263 33.13 -18.21 15.79
CA TRP B 263 33.74 -17.91 14.48
C TRP B 263 34.50 -16.61 14.44
N ARG B 264 34.58 -15.93 15.58
CA ARG B 264 35.29 -14.64 15.60
C ARG B 264 36.74 -14.96 15.37
N LYS B 265 37.40 -14.21 14.48
CA LYS B 265 38.79 -14.43 13.99
C LYS B 265 38.89 -15.78 13.21
N LEU C 18 -34.56 -16.13 -34.59
CA LEU C 18 -33.95 -14.82 -34.15
C LEU C 18 -32.80 -14.99 -33.12
N TYR C 19 -32.72 -14.13 -32.10
CA TYR C 19 -31.49 -13.99 -31.29
C TYR C 19 -31.11 -15.25 -30.51
N PHE C 20 -32.10 -16.07 -30.13
CA PHE C 20 -31.89 -17.21 -29.17
C PHE C 20 -30.88 -18.29 -29.64
N GLN C 21 -30.99 -18.61 -30.92
CA GLN C 21 -30.20 -19.72 -31.55
C GLN C 21 -28.68 -19.48 -31.51
N SER C 22 -28.28 -18.21 -31.47
CA SER C 22 -26.90 -17.79 -31.70
C SER C 22 -26.15 -17.14 -30.45
N MSE C 23 -26.68 -17.23 -29.24
CA MSE C 23 -26.00 -16.61 -28.12
C MSE C 23 -24.80 -17.45 -27.75
O MSE C 23 -24.92 -18.65 -27.70
CB MSE C 23 -26.85 -16.54 -26.88
CG MSE C 23 -27.99 -15.50 -26.78
SE MSE C 23 -27.26 -13.69 -26.43
CE MSE C 23 -26.28 -13.63 -24.68
N LEU C 24 -23.64 -16.83 -27.49
CA LEU C 24 -22.42 -17.58 -27.13
C LEU C 24 -22.26 -17.78 -25.61
N VAL C 25 -23.14 -17.17 -24.82
CA VAL C 25 -23.21 -17.45 -23.42
C VAL C 25 -24.67 -17.65 -23.03
N GLU C 26 -24.98 -18.76 -22.38
CA GLU C 26 -26.34 -19.07 -21.95
C GLU C 26 -26.45 -18.80 -20.46
N ILE C 27 -27.64 -18.47 -20.02
CA ILE C 27 -27.92 -18.37 -18.62
C ILE C 27 -29.02 -19.36 -18.24
N GLU C 28 -28.84 -20.04 -17.13
CA GLU C 28 -29.80 -21.00 -16.66
C GLU C 28 -29.94 -20.80 -15.19
N ARG C 29 -30.88 -21.50 -14.62
CA ARG C 29 -31.10 -21.47 -13.21
C ARG C 29 -31.13 -22.88 -12.63
N ARG C 30 -30.49 -23.07 -11.48
CA ARG C 30 -30.37 -24.36 -10.84
CA ARG C 30 -30.35 -24.37 -10.84
C ARG C 30 -30.54 -24.14 -9.33
N GLY C 31 -31.76 -24.31 -8.85
CA GLY C 31 -32.13 -24.01 -7.46
C GLY C 31 -31.89 -22.52 -7.15
N ASP C 32 -31.08 -22.28 -6.14
CA ASP C 32 -30.70 -20.93 -5.72
C ASP C 32 -29.48 -20.39 -6.46
N ALA C 33 -29.02 -21.09 -7.48
CA ALA C 33 -27.84 -20.65 -8.27
C ALA C 33 -28.18 -20.22 -9.68
N SER C 34 -27.62 -19.10 -10.09
CA SER C 34 -27.61 -18.73 -11.50
C SER C 34 -26.45 -19.41 -12.15
N LEU C 35 -26.65 -19.94 -13.32
CA LEU C 35 -25.66 -20.76 -13.97
C LEU C 35 -25.39 -20.14 -15.32
N ILE C 36 -24.15 -19.69 -15.52
CA ILE C 36 -23.73 -19.04 -16.74
C ILE C 36 -22.83 -19.97 -17.50
N VAL C 37 -23.13 -20.22 -18.76
CA VAL C 37 -22.48 -21.27 -19.53
C VAL C 37 -21.84 -20.72 -20.79
N LEU C 38 -20.53 -20.79 -20.87
CA LEU C 38 -19.80 -20.35 -22.08
C LEU C 38 -20.04 -21.41 -23.14
N SER C 39 -20.61 -21.00 -24.26
CA SER C 39 -21.13 -21.93 -25.28
C SER C 39 -20.63 -21.63 -26.67
N ARG C 40 -19.45 -22.15 -26.97
CA ARG C 40 -18.86 -22.12 -28.30
C ARG C 40 -17.97 -23.37 -28.47
N PRO C 41 -18.54 -24.55 -28.28
CA PRO C 41 -17.77 -25.80 -28.06
C PRO C 41 -16.96 -26.24 -29.28
N GLU C 42 -17.43 -25.86 -30.44
CA GLU C 42 -16.71 -26.13 -31.67
C GLU C 42 -15.33 -25.44 -31.69
N LYS C 43 -15.18 -24.34 -30.95
CA LYS C 43 -13.86 -23.67 -30.76
C LYS C 43 -13.35 -23.77 -29.32
N LEU C 44 -13.70 -24.84 -28.64
CA LEU C 44 -13.31 -25.10 -27.24
C LEU C 44 -13.66 -23.93 -26.30
N ASN C 45 -14.81 -23.31 -26.55
CA ASN C 45 -15.32 -22.16 -25.78
C ASN C 45 -14.29 -21.05 -25.65
N ALA C 46 -13.55 -20.84 -26.72
CA ALA C 46 -12.57 -19.79 -26.74
C ALA C 46 -13.29 -18.42 -26.77
N ILE C 47 -12.70 -17.47 -26.08
CA ILE C 47 -13.30 -16.17 -25.90
C ILE C 47 -12.95 -15.20 -27.04
N ASN C 48 -13.95 -14.83 -27.80
CA ASN C 48 -13.86 -13.73 -28.73
C ASN C 48 -14.65 -12.52 -28.21
N LEU C 49 -14.70 -11.46 -28.99
CA LEU C 49 -15.40 -10.25 -28.60
C LEU C 49 -16.89 -10.49 -28.41
N GLU C 50 -17.51 -11.24 -29.29
CA GLU C 50 -18.94 -11.48 -29.20
C GLU C 50 -19.24 -12.24 -27.88
N MSE C 51 -18.43 -13.23 -27.57
CA MSE C 51 -18.59 -13.93 -26.35
C MSE C 51 -18.43 -13.01 -25.17
O MSE C 51 -19.16 -13.13 -24.18
CB MSE C 51 -17.60 -15.06 -26.21
CG MSE C 51 -18.16 -15.95 -25.11
SE MSE C 51 -16.94 -17.43 -24.63
CE MSE C 51 -17.59 -18.58 -26.08
N LEU C 52 -17.46 -12.10 -25.25
CA LEU C 52 -17.26 -11.17 -24.15
C LEU C 52 -18.46 -10.28 -23.93
N ALA C 53 -19.03 -9.76 -25.01
CA ALA C 53 -20.22 -8.94 -24.89
C ALA C 53 -21.38 -9.74 -24.29
N ASP C 54 -21.55 -10.99 -24.73
CA ASP C 54 -22.62 -11.84 -24.20
C ASP C 54 -22.40 -12.17 -22.74
N LEU C 55 -21.16 -12.37 -22.35
CA LEU C 55 -20.85 -12.69 -20.96
C LEU C 55 -21.20 -11.54 -20.05
N ALA C 56 -20.90 -10.34 -20.49
CA ALA C 56 -21.24 -9.14 -19.71
C ALA C 56 -22.75 -9.01 -19.49
N ASP C 57 -23.50 -9.22 -20.56
CA ASP C 57 -24.94 -9.18 -20.49
C ASP C 57 -25.54 -10.24 -19.55
N GLN C 58 -25.13 -11.47 -19.74
CA GLN C 58 -25.66 -12.55 -18.95
C GLN C 58 -25.25 -12.37 -17.47
N PHE C 59 -24.05 -11.84 -17.22
CA PHE C 59 -23.64 -11.62 -15.88
C PHE C 59 -24.54 -10.61 -15.19
N SER C 60 -24.91 -9.53 -15.87
CA SER C 60 -25.90 -8.58 -15.33
C SER C 60 -27.22 -9.22 -14.99
N LYS C 61 -27.74 -10.01 -15.91
CA LYS C 61 -28.98 -10.70 -15.67
C LYS C 61 -28.86 -11.55 -14.43
N ALA C 62 -27.76 -12.29 -14.30
CA ALA C 62 -27.58 -13.17 -13.14
C ALA C 62 -27.55 -12.38 -11.84
N GLU C 63 -26.95 -11.20 -11.86
CA GLU C 63 -26.86 -10.37 -10.66
C GLU C 63 -28.23 -9.85 -10.21
N LYS C 64 -29.12 -9.56 -11.15
CA LYS C 64 -30.45 -9.04 -10.82
C LYS C 64 -31.45 -10.09 -10.39
N GLU C 65 -31.22 -11.33 -10.75
CA GLU C 65 -32.12 -12.40 -10.36
C GLU C 65 -32.06 -12.64 -8.85
N ASP C 66 -33.08 -13.30 -8.29
CA ASP C 66 -33.13 -13.52 -6.83
C ASP C 66 -32.36 -14.80 -6.38
N THR C 67 -31.50 -15.31 -7.26
CA THR C 67 -30.52 -16.32 -6.88
C THR C 67 -29.51 -15.79 -5.87
N ARG C 68 -28.84 -16.71 -5.20
CA ARG C 68 -27.89 -16.41 -4.15
C ARG C 68 -26.43 -16.54 -4.55
N VAL C 69 -26.12 -17.36 -5.55
CA VAL C 69 -24.77 -17.45 -6.09
C VAL C 69 -24.81 -17.51 -7.59
N ILE C 70 -23.66 -17.24 -8.18
CA ILE C 70 -23.51 -17.31 -9.59
C ILE C 70 -22.45 -18.32 -9.88
N VAL C 71 -22.77 -19.27 -10.73
CA VAL C 71 -21.82 -20.28 -11.12
C VAL C 71 -21.47 -20.09 -12.59
N ILE C 72 -20.21 -20.22 -12.93
CA ILE C 72 -19.77 -20.08 -14.30
C ILE C 72 -19.10 -21.35 -14.76
N THR C 73 -19.51 -21.84 -15.91
CA THR C 73 -18.86 -23.00 -16.48
C THR C 73 -18.87 -22.93 -17.97
N GLY C 74 -18.42 -24.01 -18.59
CA GLY C 74 -18.53 -24.13 -20.05
C GLY C 74 -19.49 -25.22 -20.48
N TYR C 75 -19.94 -25.13 -21.74
CA TYR C 75 -20.74 -26.12 -22.35
C TYR C 75 -19.89 -27.29 -22.78
N GLY C 76 -20.42 -28.48 -22.53
CA GLY C 76 -19.80 -29.73 -23.04
C GLY C 76 -18.68 -30.18 -22.13
N LYS C 77 -17.65 -30.71 -22.74
CA LYS C 77 -16.47 -31.23 -22.04
C LYS C 77 -15.57 -30.19 -21.36
N ASN C 78 -15.48 -28.99 -21.94
CA ASN C 78 -14.48 -28.02 -21.60
C ASN C 78 -15.02 -26.77 -20.98
N PHE C 79 -14.25 -26.17 -20.09
CA PHE C 79 -14.59 -24.87 -19.57
C PHE C 79 -14.26 -23.82 -20.62
N SER C 80 -12.98 -23.69 -20.98
CA SER C 80 -12.53 -22.78 -22.05
C SER C 80 -11.06 -22.95 -22.33
N ALA C 81 -10.70 -22.95 -23.60
CA ALA C 81 -9.29 -23.05 -23.98
C ALA C 81 -8.56 -21.71 -23.95
N GLY C 82 -9.26 -20.61 -23.70
CA GLY C 82 -8.58 -19.31 -23.62
C GLY C 82 -9.10 -18.29 -24.58
N ALA C 83 -8.31 -17.25 -24.82
CA ALA C 83 -8.68 -16.22 -25.81
C ALA C 83 -8.58 -16.79 -27.22
N ASP C 84 -9.50 -16.40 -28.07
CA ASP C 84 -9.51 -16.81 -29.44
C ASP C 84 -8.24 -16.27 -30.13
N ILE C 85 -7.50 -17.20 -30.72
CA ILE C 85 -6.16 -16.89 -31.21
C ILE C 85 -6.20 -16.16 -32.51
N ASN C 86 -7.20 -16.40 -33.33
CA ASN C 86 -7.37 -15.59 -34.54
C ASN C 86 -7.67 -14.14 -34.20
N MSE C 87 -8.45 -13.94 -33.15
CA MSE C 87 -8.75 -12.60 -32.69
C MSE C 87 -7.46 -11.93 -32.19
O MSE C 87 -7.16 -10.80 -32.61
CB MSE C 87 -9.87 -12.65 -31.67
CG MSE C 87 -10.07 -11.29 -31.02
SE MSE C 87 -10.93 -11.51 -29.29
CE MSE C 87 -9.48 -12.31 -28.25
N LEU C 88 -6.71 -12.61 -31.32
CA LEU C 88 -5.42 -12.08 -30.86
C LEU C 88 -4.51 -11.64 -32.03
N ALA C 89 -4.42 -12.51 -33.01
CA ALA C 89 -3.58 -12.25 -34.17
C ALA C 89 -4.05 -11.06 -35.02
N SER C 90 -5.28 -10.63 -34.85
CA SER C 90 -5.83 -9.47 -35.65
C SER C 90 -5.55 -8.15 -34.94
N PHE C 91 -5.06 -8.19 -33.71
CA PHE C 91 -5.00 -6.97 -32.89
C PHE C 91 -3.84 -6.10 -33.29
N ASP C 92 -4.01 -4.80 -33.08
CA ASP C 92 -2.87 -3.89 -33.02
C ASP C 92 -2.90 -3.35 -31.58
N PRO C 93 -1.98 -2.47 -31.21
CA PRO C 93 -2.04 -1.99 -29.85
C PRO C 93 -3.37 -1.37 -29.38
N ALA C 94 -4.01 -0.55 -30.20
CA ALA C 94 -5.30 0.04 -29.83
C ALA C 94 -6.43 -1.00 -29.58
N SER C 95 -6.56 -1.97 -30.49
CA SER C 95 -7.64 -2.92 -30.38
C SER C 95 -7.33 -3.96 -29.28
N ALA C 96 -6.04 -4.22 -29.07
CA ALA C 96 -5.60 -5.04 -27.97
C ALA C 96 -5.94 -4.38 -26.62
N TYR C 97 -5.72 -3.07 -26.51
CA TYR C 97 -6.05 -2.37 -25.28
C TYR C 97 -7.53 -2.44 -25.04
N SER C 98 -8.29 -2.15 -26.06
CA SER C 98 -9.74 -2.20 -25.98
C SER C 98 -10.29 -3.60 -25.57
N PHE C 99 -9.74 -4.66 -26.11
CA PHE C 99 -10.06 -5.97 -25.66
C PHE C 99 -9.79 -6.18 -24.15
N ARG C 100 -8.62 -5.76 -23.70
CA ARG C 100 -8.23 -6.02 -22.31
C ARG C 100 -9.04 -5.20 -21.37
N LEU C 101 -9.45 -3.98 -21.77
CA LEU C 101 -10.38 -3.22 -20.94
C LEU C 101 -11.69 -3.97 -20.73
N LYS C 102 -12.13 -4.68 -21.75
CA LYS C 102 -13.36 -5.46 -21.65
C LYS C 102 -13.15 -6.68 -20.78
N MSE C 103 -12.03 -7.38 -20.95
CA MSE C 103 -11.70 -8.45 -20.01
C MSE C 103 -11.65 -7.92 -18.57
O MSE C 103 -12.23 -8.51 -17.67
CB MSE C 103 -10.40 -9.14 -20.25
CG MSE C 103 -10.34 -9.87 -21.57
SE MSE C 103 -11.37 -11.58 -21.49
CE MSE C 103 -9.88 -12.81 -21.16
N ASN C 104 -10.95 -6.80 -18.37
CA ASN C 104 -10.80 -6.26 -17.04
C ASN C 104 -12.15 -5.96 -16.41
N SER C 105 -13.05 -5.49 -17.23
CA SER C 105 -14.31 -5.03 -16.72
C SER C 105 -15.18 -6.18 -16.26
N ILE C 106 -15.20 -7.25 -17.01
CA ILE C 106 -15.93 -8.42 -16.57
C ILE C 106 -15.26 -9.07 -15.29
N ALA C 107 -13.94 -9.15 -15.26
CA ALA C 107 -13.24 -9.63 -14.10
C ALA C 107 -13.60 -8.79 -12.88
N GLN C 108 -13.65 -7.49 -13.07
CA GLN C 108 -13.93 -6.63 -11.98
C GLN C 108 -15.38 -6.81 -11.48
N ARG C 109 -16.33 -6.96 -12.39
CA ARG C 109 -17.69 -7.22 -11.97
C ARG C 109 -17.81 -8.52 -11.19
N ILE C 110 -17.02 -9.52 -11.55
CA ILE C 110 -17.01 -10.75 -10.82
C ILE C 110 -16.51 -10.54 -9.39
N ARG C 111 -15.44 -9.78 -9.23
CA ARG C 111 -14.88 -9.53 -7.93
C ARG C 111 -15.76 -8.61 -7.07
N LYS C 112 -16.50 -7.68 -7.68
CA LYS C 112 -17.31 -6.72 -6.92
C LYS C 112 -18.73 -7.17 -6.67
N SER C 113 -19.11 -8.28 -7.22
CA SER C 113 -20.47 -8.76 -7.10
C SER C 113 -20.87 -9.03 -5.66
N ASP C 114 -22.09 -8.70 -5.33
CA ASP C 114 -22.64 -8.97 -4.04
C ASP C 114 -22.74 -10.48 -3.82
N LYS C 115 -22.93 -11.24 -4.93
CA LYS C 115 -23.04 -12.67 -4.87
C LYS C 115 -21.73 -13.37 -5.06
N PRO C 116 -21.53 -14.44 -4.32
CA PRO C 116 -20.39 -15.30 -4.59
C PRO C 116 -20.41 -15.78 -6.04
N VAL C 117 -19.26 -15.88 -6.65
CA VAL C 117 -19.11 -16.44 -7.96
C VAL C 117 -18.20 -17.65 -7.87
N ILE C 118 -18.64 -18.74 -8.46
CA ILE C 118 -17.98 -20.04 -8.36
C ILE C 118 -17.74 -20.60 -9.74
N ALA C 119 -16.49 -20.88 -10.05
CA ALA C 119 -16.15 -21.38 -11.38
C ALA C 119 -16.04 -22.87 -11.28
N LEU C 120 -16.67 -23.54 -12.21
CA LEU C 120 -16.63 -24.93 -12.27
C LEU C 120 -15.77 -25.35 -13.46
N LEU C 121 -14.53 -25.74 -13.19
CA LEU C 121 -13.58 -26.07 -14.23
C LEU C 121 -13.69 -27.54 -14.66
N LYS C 122 -13.50 -27.76 -15.95
CA LYS C 122 -13.44 -29.10 -16.51
C LYS C 122 -12.74 -29.09 -17.86
N GLY C 123 -12.28 -30.25 -18.27
CA GLY C 123 -11.51 -30.41 -19.53
C GLY C 123 -10.52 -29.26 -19.64
N TYR C 124 -10.42 -28.69 -20.85
CA TYR C 124 -9.57 -27.54 -21.00
C TYR C 124 -10.08 -26.35 -20.23
N SER C 125 -9.22 -25.85 -19.34
CA SER C 125 -9.49 -24.68 -18.52
C SER C 125 -8.23 -23.79 -18.50
N MSE C 126 -8.08 -22.95 -19.50
CA MSE C 126 -6.78 -22.35 -19.81
C MSE C 126 -6.83 -20.88 -20.15
O MSE C 126 -7.85 -20.33 -20.54
CB MSE C 126 -6.16 -23.08 -21.00
CG MSE C 126 -6.06 -24.65 -21.01
SE MSE C 126 -6.09 -25.40 -22.89
CE MSE C 126 -4.62 -24.43 -23.75
N GLY C 127 -5.68 -20.27 -19.99
CA GLY C 127 -5.43 -18.91 -20.39
C GLY C 127 -6.46 -17.92 -19.89
N GLY C 128 -6.98 -17.11 -20.84
CA GLY C 128 -7.91 -16.03 -20.49
C GLY C 128 -9.14 -16.52 -19.75
N GLY C 129 -9.59 -17.73 -20.10
CA GLY C 129 -10.79 -18.29 -19.47
C GLY C 129 -10.51 -18.66 -18.02
N LEU C 130 -9.44 -19.41 -17.82
CA LEU C 130 -8.99 -19.70 -16.49
C LEU C 130 -8.73 -18.43 -15.70
N GLU C 131 -8.15 -17.44 -16.36
CA GLU C 131 -7.84 -16.20 -15.64
C GLU C 131 -9.11 -15.45 -15.16
N LEU C 132 -10.15 -15.37 -15.99
CA LEU C 132 -11.46 -14.95 -15.44
C LEU C 132 -11.86 -15.74 -14.19
N ALA C 133 -11.69 -17.05 -14.23
CA ALA C 133 -12.04 -17.89 -13.09
C ALA C 133 -11.19 -17.58 -11.88
N GLU C 134 -9.99 -17.03 -12.11
CA GLU C 134 -9.12 -16.64 -10.99
C GLU C 134 -9.66 -15.43 -10.22
N SER C 135 -10.52 -14.64 -10.86
CA SER C 135 -11.25 -13.54 -10.16
C SER C 135 -12.48 -14.04 -9.37
N ALA C 136 -12.97 -15.22 -9.71
CA ALA C 136 -14.09 -15.78 -8.97
C ALA C 136 -13.70 -16.04 -7.53
N ASP C 137 -14.70 -16.19 -6.68
CA ASP C 137 -14.44 -16.49 -5.27
C ASP C 137 -13.91 -17.89 -5.02
N ILE C 138 -14.47 -18.85 -5.74
CA ILE C 138 -14.16 -20.25 -5.53
C ILE C 138 -14.01 -20.95 -6.86
N ARG C 139 -13.03 -21.83 -6.96
CA ARG C 139 -12.83 -22.70 -8.16
C ARG C 139 -12.98 -24.15 -7.75
N ILE C 140 -13.93 -24.83 -8.36
CA ILE C 140 -14.01 -26.27 -8.20
C ILE C 140 -13.63 -26.94 -9.51
N ALA C 141 -12.88 -28.03 -9.45
CA ALA C 141 -12.44 -28.70 -10.68
C ALA C 141 -12.91 -30.12 -10.76
N MSE C 142 -13.42 -30.49 -11.91
CA MSE C 142 -13.65 -31.88 -12.23
C MSE C 142 -12.29 -32.54 -12.33
O MSE C 142 -11.32 -31.88 -12.68
CB MSE C 142 -14.40 -32.02 -13.56
CG MSE C 142 -15.75 -31.31 -13.62
SE MSE C 142 -17.00 -32.08 -12.30
CE MSE C 142 -17.09 -33.86 -13.11
N SER C 143 -12.25 -33.85 -12.10
CA SER C 143 -10.98 -34.60 -12.08
C SER C 143 -10.26 -34.65 -13.40
N ASP C 144 -11.00 -34.51 -14.49
CA ASP C 144 -10.44 -34.50 -15.86
C ASP C 144 -9.85 -33.13 -16.31
N ALA C 145 -9.93 -32.11 -15.47
CA ALA C 145 -9.49 -30.80 -15.87
C ALA C 145 -7.99 -30.64 -16.21
N VAL C 146 -7.74 -29.85 -17.25
CA VAL C 146 -6.40 -29.57 -17.75
C VAL C 146 -6.30 -28.05 -17.63
N ILE C 147 -5.43 -27.62 -16.70
CA ILE C 147 -5.38 -26.28 -16.20
C ILE C 147 -4.03 -25.67 -16.48
N GLY C 148 -4.04 -24.46 -16.98
CA GLY C 148 -2.77 -23.72 -17.15
C GLY C 148 -2.92 -22.44 -17.90
N GLN C 149 -1.82 -21.71 -17.98
CA GLN C 149 -1.78 -20.46 -18.69
C GLN C 149 -0.70 -20.60 -19.72
N PRO C 150 -1.06 -21.14 -20.90
CA PRO C 150 -0.05 -21.38 -21.93
C PRO C 150 0.27 -20.24 -22.91
N GLU C 151 -0.36 -19.10 -22.73
CA GLU C 151 -0.35 -18.04 -23.73
C GLU C 151 0.98 -17.33 -23.92
N SER C 152 1.91 -17.50 -22.99
CA SER C 152 3.26 -16.92 -23.20
C SER C 152 3.92 -17.50 -24.46
N SER C 153 3.56 -18.73 -24.83
CA SER C 153 4.05 -19.39 -26.06
C SER C 153 3.75 -18.65 -27.33
N ILE C 154 2.65 -17.94 -27.35
CA ILE C 154 2.28 -17.12 -28.51
C ILE C 154 2.48 -15.64 -28.23
N GLY C 155 3.27 -15.33 -27.19
CA GLY C 155 3.76 -13.95 -26.95
C GLY C 155 2.86 -13.08 -26.08
N ILE C 156 1.84 -13.68 -25.48
CA ILE C 156 0.90 -12.99 -24.60
C ILE C 156 1.27 -13.14 -23.12
N ASN C 157 1.25 -12.01 -22.40
CA ASN C 157 1.58 -12.00 -20.99
C ASN C 157 0.46 -12.63 -20.15
N ALA C 158 -0.77 -12.24 -20.41
CA ALA C 158 -1.92 -12.70 -19.64
C ALA C 158 -3.19 -12.20 -20.28
N GLY C 159 -4.25 -13.00 -20.17
CA GLY C 159 -5.56 -12.59 -20.60
C GLY C 159 -6.31 -11.69 -19.64
N ALA C 160 -6.26 -12.00 -18.35
CA ALA C 160 -7.13 -11.31 -17.40
C ALA C 160 -6.76 -11.57 -15.96
N GLY C 161 -5.54 -11.22 -15.57
CA GLY C 161 -5.12 -11.45 -14.19
C GLY C 161 -4.17 -12.62 -14.03
N GLY C 162 -3.77 -13.19 -15.16
CA GLY C 162 -2.80 -14.26 -15.13
C GLY C 162 -1.45 -13.86 -14.58
N ASN C 163 -1.16 -12.56 -14.53
CA ASN C 163 0.09 -12.12 -13.86
C ASN C 163 -0.16 -11.48 -12.52
N VAL C 164 -1.30 -10.81 -12.33
CA VAL C 164 -1.50 -9.96 -11.14
C VAL C 164 -2.47 -10.50 -10.13
N ILE C 165 -3.35 -11.39 -10.57
CA ILE C 165 -4.22 -12.12 -9.65
C ILE C 165 -3.64 -13.46 -9.27
N LEU C 166 -3.04 -14.11 -10.24
CA LEU C 166 -2.48 -15.45 -10.00
C LEU C 166 -1.56 -15.54 -8.77
N PRO C 167 -0.65 -14.59 -8.56
CA PRO C 167 0.17 -14.73 -7.36
C PRO C 167 -0.53 -14.63 -5.99
N LYS C 168 -1.72 -14.05 -5.95
CA LYS C 168 -2.48 -13.98 -4.73
C LYS C 168 -3.09 -15.32 -4.40
N LEU C 169 -3.21 -16.16 -5.41
CA LEU C 169 -3.69 -17.50 -5.21
C LEU C 169 -2.59 -18.48 -4.86
N VAL C 170 -1.47 -18.42 -5.57
CA VAL C 170 -0.44 -19.46 -5.52
C VAL C 170 0.93 -19.01 -5.07
N GLY C 171 1.11 -17.71 -4.86
CA GLY C 171 2.42 -17.20 -4.47
C GLY C 171 3.26 -16.72 -5.65
N ARG C 172 4.28 -15.94 -5.34
CA ARG C 172 5.03 -15.17 -6.30
C ARG C 172 5.78 -16.11 -7.25
N GLY C 173 6.29 -17.19 -6.67
CA GLY C 173 7.18 -18.08 -7.38
C GLY C 173 6.37 -18.90 -8.35
N SER C 174 5.32 -19.53 -7.84
CA SER C 174 4.51 -20.38 -8.71
C SER C 174 3.90 -19.55 -9.82
N ALA C 175 3.50 -18.32 -9.53
CA ALA C 175 2.87 -17.50 -10.55
C ALA C 175 3.82 -17.30 -11.69
N ALA C 176 5.06 -16.91 -11.37
CA ALA C 176 6.03 -16.67 -12.45
C ALA C 176 6.32 -17.92 -13.22
N TYR C 177 6.48 -19.01 -12.50
CA TYR C 177 6.76 -20.30 -13.15
C TYR C 177 5.64 -20.74 -14.07
N LEU C 178 4.39 -20.73 -13.58
CA LEU C 178 3.28 -21.12 -14.42
C LEU C 178 3.15 -20.20 -15.65
N ALA C 179 3.28 -18.91 -15.46
CA ALA C 179 3.07 -17.97 -16.57
C ALA C 179 4.22 -18.01 -17.60
N MSE C 180 5.45 -18.13 -17.11
CA MSE C 180 6.59 -18.20 -18.02
C MSE C 180 6.66 -19.52 -18.69
O MSE C 180 6.89 -19.56 -19.89
CB MSE C 180 7.86 -17.92 -17.30
CG MSE C 180 7.90 -16.46 -16.90
SE MSE C 180 9.59 -15.99 -16.01
CE MSE C 180 9.17 -14.17 -15.45
N SER C 181 6.50 -20.63 -17.96
CA SER C 181 6.67 -21.96 -18.60
C SER C 181 5.44 -22.40 -19.39
N GLY C 182 4.28 -21.90 -19.04
CA GLY C 182 3.03 -22.40 -19.68
C GLY C 182 2.70 -23.83 -19.27
N LYS C 183 3.22 -24.28 -18.15
CA LYS C 183 3.06 -25.66 -17.76
C LYS C 183 1.62 -26.08 -17.57
N LYS C 184 1.30 -27.25 -18.07
CA LYS C 184 -0.01 -27.83 -17.99
C LYS C 184 -0.13 -28.60 -16.69
N LEU C 185 -1.24 -28.40 -16.01
CA LEU C 185 -1.48 -29.00 -14.72
C LEU C 185 -2.65 -29.92 -14.76
N ASN C 186 -2.61 -30.98 -13.96
CA ASN C 186 -3.80 -31.73 -13.70
C ASN C 186 -4.51 -31.11 -12.49
N ALA C 187 -5.68 -31.63 -12.19
CA ALA C 187 -6.52 -31.04 -11.19
C ALA C 187 -5.92 -31.09 -9.80
N GLN C 188 -5.26 -32.20 -9.47
CA GLN C 188 -4.69 -32.36 -8.12
C GLN C 188 -3.50 -31.42 -7.93
N GLU C 189 -2.71 -31.25 -9.00
CA GLU C 189 -1.52 -30.37 -8.98
C GLU C 189 -1.99 -28.94 -8.82
N ALA C 190 -3.07 -28.57 -9.51
CA ALA C 190 -3.61 -27.24 -9.35
C ALA C 190 -4.13 -27.01 -7.94
N MSE C 191 -4.78 -28.02 -7.38
CA MSE C 191 -5.29 -27.88 -6.02
C MSE C 191 -4.14 -27.70 -5.07
O MSE C 191 -4.18 -26.81 -4.24
CB MSE C 191 -6.07 -29.08 -5.52
CG MSE C 191 -6.80 -28.63 -4.25
SE MSE C 191 -8.08 -30.03 -3.86
CE MSE C 191 -8.22 -29.71 -1.88
N ALA C 192 -3.09 -28.50 -5.20
CA ALA C 192 -1.99 -28.42 -4.25
C ALA C 192 -1.31 -27.06 -4.34
N LEU C 193 -1.37 -26.39 -5.49
CA LEU C 193 -0.78 -25.04 -5.55
C LEU C 193 -1.68 -23.96 -4.97
N GLY C 194 -2.96 -24.24 -4.80
CA GLY C 194 -3.91 -23.21 -4.36
C GLY C 194 -4.67 -22.53 -5.51
N LEU C 195 -4.56 -23.12 -6.68
CA LEU C 195 -5.21 -22.55 -7.88
C LEU C 195 -6.63 -22.99 -8.01
N VAL C 196 -6.94 -24.09 -7.31
CA VAL C 196 -8.23 -24.70 -7.30
C VAL C 196 -8.52 -25.08 -5.83
N ASP C 197 -9.78 -25.06 -5.42
CA ASP C 197 -10.15 -25.22 -4.01
C ASP C 197 -10.69 -26.61 -3.68
N GLU C 198 -11.22 -27.29 -4.66
CA GLU C 198 -11.74 -28.63 -4.44
C GLU C 198 -11.76 -29.37 -5.77
N VAL C 199 -11.45 -30.65 -5.73
CA VAL C 199 -11.48 -31.53 -6.90
C VAL C 199 -12.56 -32.60 -6.67
N VAL C 200 -13.42 -32.84 -7.65
CA VAL C 200 -14.49 -33.81 -7.53
C VAL C 200 -14.54 -34.66 -8.76
N ASP C 201 -14.98 -35.91 -8.59
CA ASP C 201 -15.00 -36.85 -9.76
C ASP C 201 -16.38 -36.91 -10.42
N ASP C 202 -17.29 -36.08 -9.93
CA ASP C 202 -18.69 -36.18 -10.26
C ASP C 202 -19.35 -34.79 -10.16
N GLU C 203 -20.21 -34.46 -11.10
CA GLU C 203 -20.78 -33.12 -11.11
C GLU C 203 -21.68 -32.89 -9.90
N ALA C 204 -22.32 -33.94 -9.46
CA ALA C 204 -23.26 -33.82 -8.35
C ALA C 204 -22.57 -33.34 -7.07
N LYS C 205 -21.31 -33.72 -6.93
CA LYS C 205 -20.57 -33.35 -5.75
C LYS C 205 -20.22 -31.90 -5.80
N ALA C 206 -20.04 -31.37 -7.01
CA ALA C 206 -19.81 -29.93 -7.13
C ALA C 206 -21.02 -29.16 -6.72
N TRP C 207 -22.18 -29.62 -7.16
CA TRP C 207 -23.47 -28.98 -6.80
C TRP C 207 -23.78 -29.07 -5.32
N LYS C 208 -23.32 -30.11 -4.68
CA LYS C 208 -23.53 -30.21 -3.25
C LYS C 208 -22.72 -29.09 -2.51
N ILE C 209 -21.49 -28.86 -2.95
CA ILE C 209 -20.69 -27.78 -2.40
C ILE C 209 -21.34 -26.43 -2.66
N ILE C 210 -21.83 -26.23 -3.88
CA ILE C 210 -22.50 -25.00 -4.23
C ILE C 210 -23.78 -24.79 -3.40
N ASP C 211 -24.59 -25.81 -3.29
CA ASP C 211 -25.83 -25.74 -2.51
C ASP C 211 -25.58 -25.43 -1.04
N ASP C 212 -24.47 -25.94 -0.50
CA ASP C 212 -24.15 -25.67 0.90
C ASP C 212 -23.83 -24.18 1.02
N ILE C 213 -23.15 -23.58 0.04
CA ILE C 213 -22.85 -22.17 0.09
C ILE C 213 -24.10 -21.31 -0.01
N CYS C 214 -25.05 -21.76 -0.79
CA CYS C 214 -26.37 -21.15 -0.83
C CYS C 214 -27.14 -21.10 0.48
N LYS C 215 -26.80 -21.95 1.43
CA LYS C 215 -27.55 -21.96 2.71
C LYS C 215 -27.11 -20.81 3.60
N LYS C 216 -25.94 -20.23 3.33
CA LYS C 216 -25.43 -19.19 4.25
C LYS C 216 -26.15 -17.86 4.01
N PRO C 217 -26.33 -17.04 5.04
CA PRO C 217 -26.91 -15.76 4.81
C PRO C 217 -26.15 -14.88 3.78
N LYS C 218 -26.93 -14.28 2.88
CA LYS C 218 -26.42 -13.50 1.76
C LYS C 218 -25.47 -12.38 2.19
N LYS C 219 -25.91 -11.61 3.16
CA LYS C 219 -25.12 -10.50 3.59
C LYS C 219 -23.77 -10.96 4.15
N THR C 220 -23.78 -12.08 4.84
CA THR C 220 -22.57 -12.63 5.40
C THR C 220 -21.54 -12.94 4.29
N LEU C 221 -21.96 -13.62 3.25
CA LEU C 221 -21.08 -13.98 2.16
C LEU C 221 -20.58 -12.76 1.44
N GLN C 222 -21.45 -11.80 1.26
CA GLN C 222 -21.08 -10.56 0.63
C GLN C 222 -19.98 -9.86 1.39
N PHE C 223 -20.11 -9.79 2.71
CA PHE C 223 -19.10 -9.13 3.54
C PHE C 223 -17.79 -9.90 3.59
N ILE C 224 -17.89 -11.22 3.55
CA ILE C 224 -16.67 -12.02 3.56
C ILE C 224 -15.85 -11.68 2.33
N LYS C 225 -16.58 -11.63 1.23
CA LYS C 225 -16.01 -11.35 -0.06
C LYS C 225 -15.37 -9.97 -0.17
N ARG C 226 -16.03 -8.95 0.35
CA ARG C 226 -15.48 -7.61 0.35
C ARG C 226 -14.21 -7.46 1.16
N ALA C 227 -14.18 -8.06 2.34
CA ALA C 227 -13.04 -8.04 3.24
C ALA C 227 -11.85 -8.77 2.69
N ILE C 228 -12.09 -9.90 2.08
CA ILE C 228 -11.02 -10.64 1.44
C ILE C 228 -10.39 -9.80 0.34
N ASN C 229 -11.23 -9.22 -0.54
CA ASN C 229 -10.79 -8.44 -1.74
C ASN C 229 -10.04 -7.18 -1.33
N SER C 230 -10.55 -6.48 -0.37
CA SER C 230 -9.89 -5.28 0.06
C SER C 230 -8.65 -5.55 0.97
N SER C 231 -8.46 -6.76 1.50
CA SER C 231 -7.30 -7.07 2.31
C SER C 231 -5.97 -6.93 1.48
N TYR C 232 -6.07 -7.02 0.18
CA TYR C 232 -4.94 -6.81 -0.71
C TYR C 232 -4.64 -5.36 -1.02
N ASP C 233 -5.43 -4.43 -0.50
CA ASP C 233 -5.22 -3.00 -0.76
C ASP C 233 -4.86 -2.17 0.46
N MSE C 234 -4.48 -2.85 1.53
CA MSE C 234 -4.21 -2.16 2.79
C MSE C 234 -3.44 -3.00 3.76
O MSE C 234 -3.29 -4.21 3.59
CB MSE C 234 -5.50 -1.74 3.47
CG MSE C 234 -6.38 -2.93 3.76
SE MSE C 234 -8.14 -2.33 4.37
CE MSE C 234 -9.51 -2.80 3.12
N GLY C 235 -2.96 -2.35 4.82
CA GLY C 235 -2.28 -3.06 5.88
C GLY C 235 -3.28 -3.82 6.76
N LEU C 236 -2.74 -4.72 7.56
CA LEU C 236 -3.52 -5.51 8.49
C LEU C 236 -4.46 -4.78 9.42
N GLU C 237 -3.97 -3.80 10.15
CA GLU C 237 -4.81 -3.10 11.16
C GLU C 237 -6.03 -2.46 10.55
N SER C 238 -5.83 -1.88 9.40
CA SER C 238 -6.92 -1.25 8.65
C SER C 238 -7.88 -2.32 8.25
N ALA C 239 -7.36 -3.44 7.81
CA ALA C 239 -8.23 -4.50 7.32
C ALA C 239 -9.03 -5.11 8.46
N MSE C 240 -8.39 -5.22 9.61
CA MSE C 240 -9.03 -5.73 10.84
C MSE C 240 -10.11 -4.77 11.28
O MSE C 240 -11.20 -5.20 11.68
CB MSE C 240 -8.05 -6.00 11.99
CG MSE C 240 -7.11 -7.17 11.74
SE MSE C 240 -8.11 -8.86 11.96
CE MSE C 240 -7.87 -9.06 13.90
N ASP C 241 -9.83 -3.49 11.21
CA ASP C 241 -10.86 -2.51 11.50
C ASP C 241 -12.09 -2.69 10.59
N GLN C 242 -11.85 -2.87 9.32
CA GLN C 242 -12.90 -3.07 8.36
C GLN C 242 -13.69 -4.34 8.62
N GLU C 243 -13.02 -5.42 8.91
CA GLU C 243 -13.68 -6.70 9.20
C GLU C 243 -14.63 -6.54 10.40
N ALA C 244 -14.17 -5.84 11.44
CA ALA C 244 -14.97 -5.59 12.63
C ALA C 244 -16.25 -4.78 12.34
N LEU C 245 -16.11 -3.75 11.50
CA LEU C 245 -17.25 -2.91 11.10
C LEU C 245 -18.28 -3.79 10.34
N TYR C 246 -17.81 -4.62 9.39
CA TYR C 246 -18.74 -5.46 8.65
C TYR C 246 -19.46 -6.40 9.64
N PHE C 247 -18.72 -6.97 10.55
CA PHE C 247 -19.27 -7.90 11.55
C PHE C 247 -20.38 -7.22 12.30
N SER C 248 -20.15 -5.99 12.64
CA SER C 248 -21.15 -5.24 13.38
C SER C 248 -22.42 -4.98 12.56
N LEU C 249 -22.25 -4.59 11.29
CA LEU C 249 -23.40 -4.33 10.38
C LEU C 249 -24.24 -5.57 10.10
N LEU C 250 -23.64 -6.76 10.21
CA LEU C 250 -24.43 -8.00 10.04
C LEU C 250 -25.56 -8.09 11.04
N PHE C 251 -25.39 -7.47 12.20
CA PHE C 251 -26.47 -7.50 13.23
C PHE C 251 -27.63 -6.59 12.93
N THR C 252 -27.62 -5.94 11.76
CA THR C 252 -28.81 -5.25 11.24
C THR C 252 -29.55 -6.08 10.21
N ASP C 253 -29.03 -7.24 9.88
CA ASP C 253 -29.57 -8.07 8.79
C ASP C 253 -30.55 -9.17 9.28
N PRO C 254 -31.79 -9.18 8.80
CA PRO C 254 -32.80 -10.13 9.29
C PRO C 254 -32.41 -11.59 9.12
N GLU C 255 -31.80 -11.94 8.02
CA GLU C 255 -31.37 -13.31 7.79
C GLU C 255 -30.31 -13.76 8.84
N VAL C 256 -29.37 -12.89 9.18
CA VAL C 256 -28.33 -13.19 10.17
C VAL C 256 -28.96 -13.35 11.53
N LEU C 257 -29.84 -12.43 11.87
CA LEU C 257 -30.53 -12.49 13.16
C LEU C 257 -31.31 -13.77 13.32
N ASP C 258 -32.02 -14.17 12.26
CA ASP C 258 -32.80 -15.37 12.33
C ASP C 258 -31.88 -16.59 12.48
N ALA C 259 -30.75 -16.59 11.79
CA ALA C 259 -29.81 -17.69 11.87
C ALA C 259 -29.32 -17.87 13.30
N LEU C 260 -29.31 -16.78 14.08
CA LEU C 260 -28.82 -16.82 15.45
C LEU C 260 -29.91 -17.07 16.48
N SER C 261 -31.16 -17.06 16.04
CA SER C 261 -32.30 -16.99 16.98
C SER C 261 -32.48 -18.24 17.86
N LYS C 262 -32.09 -19.41 17.37
CA LYS C 262 -32.06 -20.64 18.20
C LYS C 262 -31.38 -20.43 19.53
N TRP C 263 -30.40 -19.55 19.58
CA TRP C 263 -29.60 -19.32 20.79
C TRP C 263 -29.95 -18.05 21.55
N ARG C 264 -30.96 -17.32 21.12
CA ARG C 264 -31.30 -16.05 21.74
C ARG C 264 -31.86 -16.31 23.10
N LYS C 265 -31.29 -15.62 24.10
CA LYS C 265 -31.43 -15.94 25.56
C LYS C 265 -31.01 -17.42 25.92
N SER D 22 -40.49 17.88 -12.11
CA SER D 22 -40.48 16.39 -11.80
C SER D 22 -39.15 15.93 -11.18
N MSE D 23 -38.07 16.63 -11.52
CA MSE D 23 -36.73 16.18 -11.29
C MSE D 23 -35.96 17.12 -10.40
O MSE D 23 -36.03 18.34 -10.56
CB MSE D 23 -35.98 16.20 -12.63
CG MSE D 23 -36.33 15.17 -13.73
SE MSE D 23 -35.67 13.37 -13.25
CE MSE D 23 -33.68 13.39 -13.15
N LEU D 24 -35.16 16.57 -9.50
CA LEU D 24 -34.29 17.35 -8.61
C LEU D 24 -32.85 17.58 -9.14
N VAL D 25 -32.51 17.00 -10.29
CA VAL D 25 -31.26 17.30 -10.97
C VAL D 25 -31.54 17.45 -12.45
N GLU D 26 -31.10 18.53 -13.02
CA GLU D 26 -31.31 18.83 -14.42
C GLU D 26 -30.03 18.54 -15.13
N ILE D 27 -30.12 18.22 -16.41
CA ILE D 27 -28.96 18.19 -17.28
C ILE D 27 -29.14 19.17 -18.48
N GLU D 28 -28.09 19.90 -18.76
CA GLU D 28 -28.11 20.99 -19.71
C GLU D 28 -26.81 20.94 -20.45
N ARG D 29 -26.70 21.79 -21.47
CA ARG D 29 -25.52 21.81 -22.28
C ARG D 29 -24.99 23.21 -22.51
N ARG D 30 -23.66 23.38 -22.35
CA ARG D 30 -23.00 24.66 -22.73
C ARG D 30 -21.79 24.30 -23.56
N GLY D 31 -21.82 24.59 -24.86
CA GLY D 31 -20.74 24.26 -25.76
C GLY D 31 -20.44 22.76 -25.73
N ASP D 32 -19.20 22.43 -25.41
CA ASP D 32 -18.69 21.06 -25.27
C ASP D 32 -18.79 20.51 -23.89
N ALA D 33 -19.56 21.20 -23.04
CA ALA D 33 -19.72 20.77 -21.67
C ALA D 33 -21.15 20.29 -21.38
N SER D 34 -21.29 19.12 -20.75
CA SER D 34 -22.54 18.75 -20.10
C SER D 34 -22.59 19.48 -18.77
N LEU D 35 -23.74 20.01 -18.45
CA LEU D 35 -23.92 20.81 -17.27
C LEU D 35 -24.99 20.15 -16.42
N ILE D 36 -24.61 19.71 -15.23
CA ILE D 36 -25.51 19.02 -14.31
C ILE D 36 -25.82 19.91 -13.20
N VAL D 37 -27.10 20.11 -12.92
CA VAL D 37 -27.55 21.17 -11.99
C VAL D 37 -28.37 20.58 -10.89
N LEU D 38 -27.86 20.68 -9.68
CA LEU D 38 -28.64 20.24 -8.49
C LEU D 38 -29.73 21.26 -8.22
N SER D 39 -30.98 20.82 -8.22
CA SER D 39 -32.14 21.72 -8.29
C SER D 39 -33.15 21.39 -7.25
N ARG D 40 -32.88 21.88 -6.04
CA ARG D 40 -33.85 21.87 -4.94
C ARG D 40 -33.58 23.15 -4.06
N PRO D 41 -33.65 24.33 -4.68
CA PRO D 41 -33.22 25.57 -4.07
C PRO D 41 -33.98 25.95 -2.80
N GLU D 42 -35.23 25.58 -2.73
CA GLU D 42 -36.05 25.87 -1.56
C GLU D 42 -35.46 25.20 -0.31
N LYS D 43 -34.68 24.14 -0.49
CA LYS D 43 -33.92 23.46 0.61
C LYS D 43 -32.40 23.56 0.45
N LEU D 44 -31.98 24.66 -0.16
CA LEU D 44 -30.55 24.92 -0.39
C LEU D 44 -29.83 23.80 -1.12
N ASN D 45 -30.54 23.15 -2.06
CA ASN D 45 -30.02 22.02 -2.83
C ASN D 45 -29.42 20.93 -1.97
N ALA D 46 -30.06 20.69 -0.85
CA ALA D 46 -29.65 19.64 0.04
C ALA D 46 -29.99 18.27 -0.56
N ILE D 47 -29.11 17.34 -0.31
CA ILE D 47 -29.16 16.05 -0.96
C ILE D 47 -30.00 15.05 -0.19
N ASN D 48 -31.12 14.67 -0.77
CA ASN D 48 -31.92 13.58 -0.24
C ASN D 48 -31.84 12.39 -1.17
N LEU D 49 -32.56 11.33 -0.86
CA LEU D 49 -32.49 10.08 -1.63
C LEU D 49 -32.98 10.26 -3.08
N GLU D 50 -34.05 11.03 -3.26
CA GLU D 50 -34.55 11.28 -4.57
C GLU D 50 -33.50 12.05 -5.41
N MSE D 51 -32.86 13.04 -4.81
CA MSE D 51 -31.81 13.78 -5.50
C MSE D 51 -30.68 12.91 -5.88
O MSE D 51 -30.14 13.00 -6.98
CB MSE D 51 -31.30 14.93 -4.69
CG MSE D 51 -30.57 15.82 -5.69
SE MSE D 51 -29.67 17.29 -4.82
CE MSE D 51 -31.24 18.43 -4.77
N LEU D 52 -30.31 12.01 -4.98
CA LEU D 52 -29.23 11.08 -5.29
C LEU D 52 -29.54 10.16 -6.44
N ALA D 53 -30.73 9.57 -6.43
CA ALA D 53 -31.13 8.74 -7.58
C ALA D 53 -31.11 9.56 -8.89
N ASP D 54 -31.61 10.80 -8.85
CA ASP D 54 -31.62 11.64 -10.05
C ASP D 54 -30.22 12.00 -10.49
N LEU D 55 -29.33 12.25 -9.54
CA LEU D 55 -27.98 12.61 -9.88
C LEU D 55 -27.25 11.47 -10.60
N ALA D 56 -27.46 10.25 -10.13
CA ALA D 56 -26.88 9.09 -10.78
C ALA D 56 -27.39 8.96 -12.20
N ASP D 57 -28.68 9.14 -12.38
CA ASP D 57 -29.32 9.03 -13.74
C ASP D 57 -28.81 10.11 -14.73
N GLN D 58 -28.75 11.33 -14.26
CA GLN D 58 -28.27 12.43 -15.09
C GLN D 58 -26.79 12.34 -15.36
N PHE D 59 -26.03 11.84 -14.38
CA PHE D 59 -24.61 11.66 -14.59
C PHE D 59 -24.36 10.63 -15.69
N SER D 60 -25.11 9.54 -15.70
CA SER D 60 -25.05 8.58 -16.84
C SER D 60 -25.30 9.19 -18.15
N LYS D 61 -26.41 9.94 -18.24
CA LYS D 61 -26.73 10.63 -19.50
C LYS D 61 -25.57 11.51 -19.93
N ALA D 62 -24.97 12.26 -18.99
CA ALA D 62 -23.87 13.15 -19.31
C ALA D 62 -22.68 12.42 -19.84
N GLU D 63 -22.39 11.24 -19.29
CA GLU D 63 -21.25 10.43 -19.75
C GLU D 63 -21.43 9.90 -21.18
N LYS D 64 -22.64 9.52 -21.55
CA LYS D 64 -22.93 8.97 -22.89
C LYS D 64 -23.03 10.05 -23.97
N GLU D 65 -23.28 11.30 -23.61
CA GLU D 65 -23.35 12.35 -24.61
C GLU D 65 -21.99 12.62 -25.24
N ASP D 66 -21.97 13.36 -26.33
CA ASP D 66 -20.72 13.65 -27.03
C ASP D 66 -19.97 14.93 -26.51
N THR D 67 -20.36 15.38 -25.35
CA THR D 67 -19.62 16.43 -24.65
C THR D 67 -18.27 15.94 -24.16
N ARG D 68 -17.40 16.87 -23.92
CA ARG D 68 -16.00 16.57 -23.53
C ARG D 68 -15.72 16.70 -22.02
N VAL D 69 -16.48 17.51 -21.32
CA VAL D 69 -16.38 17.60 -19.87
C VAL D 69 -17.76 17.63 -19.26
N ILE D 70 -17.77 17.33 -17.96
CA ILE D 70 -18.98 17.40 -17.20
C ILE D 70 -18.79 18.41 -16.12
N VAL D 71 -19.71 19.35 -16.02
CA VAL D 71 -19.67 20.37 -15.03
C VAL D 71 -20.81 20.15 -14.08
N ILE D 72 -20.56 20.25 -12.78
CA ILE D 72 -21.62 20.08 -11.75
C ILE D 72 -21.79 21.36 -10.95
N THR D 73 -23.00 21.85 -10.87
CA THR D 73 -23.27 23.03 -10.08
C THR D 73 -24.68 22.95 -9.45
N GLY D 74 -25.06 23.99 -8.77
CA GLY D 74 -26.38 24.07 -8.20
C GLY D 74 -27.21 25.18 -8.86
N TYR D 75 -28.52 25.04 -8.72
CA TYR D 75 -29.47 26.01 -9.20
C TYR D 75 -29.59 27.17 -8.22
N GLY D 76 -29.57 28.37 -8.75
CA GLY D 76 -29.76 29.57 -7.95
C GLY D 76 -28.44 30.00 -7.31
N LYS D 77 -28.55 30.52 -6.10
CA LYS D 77 -27.44 31.11 -5.37
C LYS D 77 -26.43 30.08 -4.83
N ASN D 78 -26.89 28.87 -4.50
CA ASN D 78 -26.10 27.91 -3.79
C ASN D 78 -25.75 26.65 -4.56
N PHE D 79 -24.57 26.11 -4.29
CA PHE D 79 -24.18 24.82 -4.85
C PHE D 79 -24.95 23.73 -4.12
N SER D 80 -24.68 23.57 -2.84
CA SER D 80 -25.46 22.65 -1.95
C SER D 80 -25.07 22.82 -0.47
N ALA D 81 -26.07 22.86 0.41
CA ALA D 81 -25.83 22.95 1.83
C ALA D 81 -25.48 21.63 2.47
N GLY D 82 -25.55 20.53 1.72
CA GLY D 82 -25.09 19.25 2.29
C GLY D 82 -26.20 18.21 2.24
N ALA D 83 -26.05 17.16 3.02
CA ALA D 83 -27.07 16.17 3.10
C ALA D 83 -28.30 16.76 3.81
N ASP D 84 -29.47 16.32 3.38
CA ASP D 84 -30.75 16.68 4.00
C ASP D 84 -30.84 16.16 5.42
N ILE D 85 -31.02 17.08 6.33
CA ILE D 85 -30.88 16.76 7.71
C ILE D 85 -32.08 15.98 8.27
N ASN D 86 -33.25 16.19 7.73
CA ASN D 86 -34.41 15.39 8.12
C ASN D 86 -34.23 13.97 7.69
N MSE D 87 -33.59 13.77 6.55
CA MSE D 87 -33.25 12.44 6.08
C MSE D 87 -32.24 11.79 7.03
O MSE D 87 -32.49 10.68 7.50
CB MSE D 87 -32.79 12.51 4.64
CG MSE D 87 -32.28 11.16 4.13
SE MSE D 87 -31.07 11.39 2.60
CE MSE D 87 -29.57 12.26 3.49
N LEU D 88 -31.13 12.47 7.33
CA LEU D 88 -30.17 12.00 8.30
C LEU D 88 -30.83 11.56 9.59
N ALA D 89 -31.70 12.41 10.11
CA ALA D 89 -32.37 12.15 11.37
C ALA D 89 -33.31 10.97 11.35
N SER D 90 -33.67 10.51 10.15
CA SER D 90 -34.58 9.34 10.02
C SER D 90 -33.82 8.02 9.94
N PHE D 91 -32.51 8.07 9.83
CA PHE D 91 -31.74 6.86 9.57
C PHE D 91 -31.56 5.98 10.80
N ASP D 92 -31.44 4.68 10.56
CA ASP D 92 -30.85 3.76 11.55
C ASP D 92 -29.59 3.21 10.88
N PRO D 93 -28.84 2.32 11.57
CA PRO D 93 -27.61 1.93 10.92
C PRO D 93 -27.75 1.35 9.51
N ALA D 94 -28.75 0.51 9.30
CA ALA D 94 -28.93 -0.10 7.98
C ALA D 94 -29.23 0.92 6.87
N SER D 95 -30.16 1.82 7.11
CA SER D 95 -30.57 2.79 6.10
C SER D 95 -29.48 3.86 5.93
N ALA D 96 -28.71 4.11 6.99
CA ALA D 96 -27.54 4.97 6.87
C ALA D 96 -26.47 4.35 5.98
N TYR D 97 -26.22 3.08 6.15
CA TYR D 97 -25.22 2.39 5.35
C TYR D 97 -25.66 2.40 3.88
N SER D 98 -26.90 2.09 3.64
CA SER D 98 -27.46 2.13 2.30
C SER D 98 -27.37 3.53 1.61
N PHE D 99 -27.62 4.60 2.35
CA PHE D 99 -27.39 5.94 1.86
C PHE D 99 -25.92 6.16 1.46
N ARG D 100 -25.00 5.76 2.31
CA ARG D 100 -23.58 6.00 2.03
C ARG D 100 -23.07 5.19 0.86
N LEU D 101 -23.59 3.98 0.68
CA LEU D 101 -23.23 3.22 -0.49
C LEU D 101 -23.63 3.97 -1.78
N LYS D 102 -24.75 4.65 -1.73
CA LYS D 102 -25.21 5.41 -2.88
C LYS D 102 -24.35 6.64 -3.09
N MSE D 103 -24.01 7.35 -2.01
CA MSE D 103 -23.04 8.44 -2.12
C MSE D 103 -21.73 7.92 -2.71
O MSE D 103 -21.16 8.52 -3.61
CB MSE D 103 -22.68 9.14 -0.81
CG MSE D 103 -23.85 9.83 -0.21
SE MSE D 103 -24.30 11.50 -1.15
CE MSE D 103 -23.36 12.80 0.02
N ASN D 104 -21.20 6.84 -2.14
CA ASN D 104 -19.91 6.31 -2.60
C ASN D 104 -19.91 5.99 -4.07
N SER D 105 -21.02 5.47 -4.51
CA SER D 105 -21.12 5.01 -5.89
C SER D 105 -21.07 6.21 -6.85
N ILE D 106 -21.76 7.29 -6.54
CA ILE D 106 -21.70 8.45 -7.39
C ILE D 106 -20.31 9.06 -7.37
N ALA D 107 -19.71 9.16 -6.16
CA ALA D 107 -18.38 9.70 -6.04
C ALA D 107 -17.43 8.88 -6.90
N GLN D 108 -17.58 7.55 -6.87
CA GLN D 108 -16.69 6.72 -7.62
C GLN D 108 -16.90 6.89 -9.12
N ARG D 109 -18.14 6.99 -9.56
CA ARG D 109 -18.38 7.24 -10.97
C ARG D 109 -17.75 8.59 -11.41
N ILE D 110 -17.73 9.57 -10.53
CA ILE D 110 -17.10 10.85 -10.85
C ILE D 110 -15.59 10.66 -11.05
N ARG D 111 -14.99 9.91 -10.16
CA ARG D 111 -13.57 9.67 -10.23
C ARG D 111 -13.18 8.78 -11.40
N LYS D 112 -14.02 7.85 -11.82
CA LYS D 112 -13.67 6.90 -12.88
C LYS D 112 -14.07 7.33 -14.24
N SER D 113 -14.76 8.45 -14.33
CA SER D 113 -15.25 8.92 -15.59
C SER D 113 -14.13 9.20 -16.58
N ASP D 114 -14.39 8.89 -17.82
CA ASP D 114 -13.46 9.17 -18.90
C ASP D 114 -13.33 10.68 -19.09
N LYS D 115 -14.39 11.42 -18.76
CA LYS D 115 -14.43 12.88 -18.90
C LYS D 115 -14.02 13.56 -17.61
N PRO D 116 -13.22 14.61 -17.72
CA PRO D 116 -13.04 15.51 -16.59
C PRO D 116 -14.35 16.01 -16.00
N VAL D 117 -14.38 16.10 -14.69
CA VAL D 117 -15.57 16.60 -13.97
C VAL D 117 -15.11 17.79 -13.16
N ILE D 118 -15.85 18.89 -13.34
CA ILE D 118 -15.49 20.19 -12.80
C ILE D 118 -16.65 20.68 -11.98
N ALA D 119 -16.41 20.95 -10.72
CA ALA D 119 -17.43 21.47 -9.85
C ALA D 119 -17.32 23.00 -9.83
N LEU D 120 -18.45 23.64 -9.96
CA LEU D 120 -18.53 25.09 -9.89
C LEU D 120 -19.26 25.50 -8.63
N LEU D 121 -18.50 25.89 -7.65
CA LEU D 121 -19.01 26.19 -6.29
C LEU D 121 -19.47 27.65 -6.16
N LYS D 122 -20.57 27.84 -5.45
CA LYS D 122 -21.08 29.17 -5.15
C LYS D 122 -22.02 29.10 -3.97
N GLY D 123 -22.24 30.25 -3.35
CA GLY D 123 -22.97 30.35 -2.08
C GLY D 123 -22.57 29.20 -1.16
N TYR D 124 -23.57 28.58 -0.55
CA TYR D 124 -23.30 27.46 0.29
C TYR D 124 -22.80 26.29 -0.52
N SER D 125 -21.63 25.82 -0.15
CA SER D 125 -21.01 24.68 -0.75
C SER D 125 -20.42 23.83 0.38
N MSE D 126 -21.22 22.94 0.93
CA MSE D 126 -20.88 22.28 2.16
C MSE D 126 -21.21 20.85 2.27
O MSE D 126 -22.02 20.29 1.58
CB MSE D 126 -21.65 23.01 3.22
CG MSE D 126 -21.18 24.48 3.19
SE MSE D 126 -21.49 25.41 4.86
CE MSE D 126 -23.49 25.09 4.89
N GLY D 127 -20.60 20.27 3.28
CA GLY D 127 -20.86 18.91 3.67
C GLY D 127 -20.81 17.93 2.52
N GLY D 128 -21.83 17.09 2.50
CA GLY D 128 -21.97 15.99 1.49
C GLY D 128 -21.86 16.49 0.04
N GLY D 129 -22.40 17.69 -0.21
CA GLY D 129 -22.32 18.27 -1.54
C GLY D 129 -20.92 18.67 -1.88
N LEU D 130 -20.28 19.40 -0.99
CA LEU D 130 -18.86 19.75 -1.19
C LEU D 130 -18.04 18.51 -1.28
N GLU D 131 -18.37 17.50 -0.51
CA GLU D 131 -17.56 16.28 -0.55
C GLU D 131 -17.64 15.56 -1.87
N LEU D 132 -18.82 15.45 -2.45
CA LEU D 132 -18.90 15.00 -3.86
C LEU D 132 -17.99 15.84 -4.78
N ALA D 133 -17.96 17.15 -4.58
CA ALA D 133 -17.08 18.01 -5.41
C ALA D 133 -15.65 17.73 -5.18
N GLU D 134 -15.32 17.17 -4.01
CA GLU D 134 -13.92 16.78 -3.72
C GLU D 134 -13.45 15.61 -4.57
N SER D 135 -14.38 14.79 -5.02
CA SER D 135 -14.04 13.69 -5.97
C SER D 135 -13.90 14.22 -7.42
N ALA D 136 -14.42 15.40 -7.70
CA ALA D 136 -14.27 15.96 -9.02
C ALA D 136 -12.82 16.25 -9.30
N ASP D 137 -12.50 16.39 -10.56
CA ASP D 137 -11.12 16.71 -10.91
C ASP D 137 -10.71 18.10 -10.52
N ILE D 138 -11.61 19.05 -10.72
CA ILE D 138 -11.32 20.48 -10.56
C ILE D 138 -12.47 21.17 -9.85
N ARG D 139 -12.15 22.07 -8.95
CA ARG D 139 -13.13 22.89 -8.27
C ARG D 139 -12.86 24.37 -8.57
N ILE D 140 -13.84 25.05 -9.12
CA ILE D 140 -13.78 26.48 -9.30
C ILE D 140 -14.80 27.15 -8.42
N ALA D 141 -14.41 28.21 -7.73
CA ALA D 141 -15.35 28.86 -6.84
C ALA D 141 -15.66 30.29 -7.24
N MSE D 142 -16.93 30.64 -7.24
CA MSE D 142 -17.36 32.03 -7.28
C MSE D 142 -16.88 32.67 -6.00
O MSE D 142 -16.74 32.02 -4.96
CB MSE D 142 -18.89 32.15 -7.33
CG MSE D 142 -19.54 31.40 -8.53
SE MSE D 142 -18.88 32.11 -10.29
CE MSE D 142 -19.63 33.91 -10.03
N SER D 143 -16.64 33.98 -6.07
CA SER D 143 -16.11 34.75 -4.93
C SER D 143 -16.99 34.73 -3.66
N ASP D 144 -18.30 34.55 -3.83
CA ASP D 144 -19.25 34.54 -2.68
C ASP D 144 -19.34 33.16 -1.97
N ALA D 145 -18.60 32.17 -2.42
CA ALA D 145 -18.75 30.86 -1.87
C ALA D 145 -18.41 30.72 -0.37
N VAL D 146 -19.24 29.93 0.31
CA VAL D 146 -19.06 29.58 1.69
C VAL D 146 -18.82 28.08 1.69
N ILE D 147 -17.61 27.70 2.09
CA ILE D 147 -17.10 26.32 1.90
C ILE D 147 -16.67 25.67 3.17
N GLY D 148 -17.13 24.45 3.39
CA GLY D 148 -16.77 23.76 4.61
C GLY D 148 -17.51 22.45 4.86
N GLN D 149 -17.11 21.76 5.89
CA GLN D 149 -17.76 20.52 6.26
C GLN D 149 -18.29 20.58 7.66
N PRO D 150 -19.50 21.07 7.85
CA PRO D 150 -19.99 21.42 9.23
C PRO D 150 -20.68 20.28 9.93
N GLU D 151 -20.76 19.14 9.29
CA GLU D 151 -21.66 18.08 9.74
C GLU D 151 -21.19 17.38 11.01
N SER D 152 -19.94 17.57 11.43
CA SER D 152 -19.56 17.06 12.74
C SER D 152 -20.44 17.62 13.89
N SER D 153 -20.98 18.80 13.71
CA SER D 153 -21.85 19.43 14.69
C SER D 153 -23.10 18.65 15.00
N ILE D 154 -23.55 17.90 14.01
CA ILE D 154 -24.75 17.10 14.17
C ILE D 154 -24.39 15.64 14.23
N GLY D 155 -23.11 15.36 14.48
CA GLY D 155 -22.62 14.00 14.80
C GLY D 155 -22.20 13.16 13.63
N ILE D 156 -22.20 13.71 12.45
CA ILE D 156 -21.79 13.01 11.26
C ILE D 156 -20.28 13.19 10.96
N ASN D 157 -19.59 12.09 10.63
CA ASN D 157 -18.20 12.12 10.29
C ASN D 157 -17.93 12.75 8.93
N ALA D 158 -18.68 12.32 7.94
CA ALA D 158 -18.51 12.77 6.57
C ALA D 158 -19.65 12.26 5.71
N GLY D 159 -20.00 13.02 4.72
CA GLY D 159 -20.97 12.59 3.71
C GLY D 159 -20.40 11.69 2.60
N ALA D 160 -19.24 12.05 2.05
CA ALA D 160 -18.73 11.36 0.89
C ALA D 160 -17.29 11.68 0.61
N GLY D 161 -16.41 11.37 1.55
CA GLY D 161 -14.96 11.59 1.32
C GLY D 161 -14.40 12.73 2.13
N GLY D 162 -15.26 13.31 2.95
CA GLY D 162 -14.85 14.39 3.82
C GLY D 162 -13.79 13.99 4.82
N ASN D 163 -13.57 12.69 5.04
CA ASN D 163 -12.43 12.27 5.86
C ASN D 163 -11.31 11.61 5.04
N VAL D 164 -11.62 10.93 3.94
CA VAL D 164 -10.62 10.13 3.25
C VAL D 164 -10.16 10.65 1.88
N ILE D 165 -10.92 11.54 1.29
CA ILE D 165 -10.46 12.30 0.13
C ILE D 165 -9.95 13.68 0.46
N LEU D 166 -10.61 14.35 1.37
CA LEU D 166 -10.12 15.65 1.80
C LEU D 166 -8.62 15.76 2.04
N PRO D 167 -8.00 14.81 2.79
CA PRO D 167 -6.60 15.05 3.10
C PRO D 167 -5.65 15.00 1.89
N LYS D 168 -6.09 14.40 0.82
CA LYS D 168 -5.31 14.34 -0.41
C LYS D 168 -5.30 15.69 -1.10
N LEU D 169 -6.31 16.48 -0.78
CA LEU D 169 -6.41 17.85 -1.30
C LEU D 169 -5.67 18.86 -0.46
N VAL D 170 -5.82 18.78 0.88
CA VAL D 170 -5.32 19.82 1.77
C VAL D 170 -4.25 19.37 2.76
N GLY D 171 -3.95 18.07 2.85
CA GLY D 171 -3.01 17.57 3.85
C GLY D 171 -3.74 17.04 5.12
N ARG D 172 -2.99 16.29 5.93
CA ARG D 172 -3.52 15.55 7.02
C ARG D 172 -4.08 16.48 8.09
N GLY D 173 -3.36 17.56 8.34
CA GLY D 173 -3.63 18.45 9.44
C GLY D 173 -4.83 19.30 9.14
N SER D 174 -4.83 19.93 7.97
CA SER D 174 -6.03 20.70 7.57
C SER D 174 -7.28 19.85 7.50
N ALA D 175 -7.17 18.62 7.03
CA ALA D 175 -8.35 17.78 6.92
C ALA D 175 -8.98 17.55 8.28
N ALA D 176 -8.16 17.21 9.26
CA ALA D 176 -8.71 16.95 10.58
C ALA D 176 -9.32 18.21 11.11
N TYR D 177 -8.63 19.32 10.96
CA TYR D 177 -9.09 20.57 11.51
C TYR D 177 -10.43 20.96 10.91
N LEU D 178 -10.52 20.95 9.56
CA LEU D 178 -11.77 21.31 8.94
C LEU D 178 -12.93 20.38 9.33
N ALA D 179 -12.68 19.08 9.36
CA ALA D 179 -13.73 18.11 9.70
C ALA D 179 -14.12 18.13 11.20
N MSE D 180 -13.16 18.32 12.10
CA MSE D 180 -13.48 18.39 13.51
C MSE D 180 -14.09 19.70 13.85
O MSE D 180 -15.08 19.74 14.62
CB MSE D 180 -12.28 18.13 14.35
CG MSE D 180 -11.89 16.69 14.19
SE MSE D 180 -10.34 16.30 15.34
CE MSE D 180 -10.03 14.45 14.76
N SER D 181 -13.52 20.81 13.41
CA SER D 181 -14.09 22.12 13.83
C SER D 181 -15.36 22.49 13.11
N GLY D 182 -15.55 21.98 11.88
CA GLY D 182 -16.66 22.46 11.05
C GLY D 182 -16.49 23.89 10.58
N LYS D 183 -15.27 24.39 10.60
CA LYS D 183 -15.01 25.76 10.16
C LYS D 183 -15.52 26.06 8.73
N LYS D 184 -16.14 27.23 8.58
CA LYS D 184 -16.56 27.76 7.27
C LYS D 184 -15.51 28.68 6.71
N LEU D 185 -15.14 28.39 5.48
CA LEU D 185 -14.10 29.12 4.79
C LEU D 185 -14.72 30.04 3.74
N ASN D 186 -14.02 31.13 3.44
CA ASN D 186 -14.34 31.89 2.29
C ASN D 186 -13.52 31.31 1.12
N ALA D 187 -13.79 31.83 -0.07
CA ALA D 187 -13.27 31.24 -1.30
C ALA D 187 -11.76 31.33 -1.37
N GLN D 188 -11.19 32.46 -0.95
CA GLN D 188 -9.71 32.63 -0.99
C GLN D 188 -9.01 31.70 0.01
N GLU D 189 -9.63 31.52 1.18
CA GLU D 189 -9.09 30.64 2.22
C GLU D 189 -9.13 29.20 1.76
N ALA D 190 -10.21 28.81 1.09
CA ALA D 190 -10.30 27.48 0.54
C ALA D 190 -9.25 27.28 -0.59
N MSE D 191 -9.08 28.29 -1.42
CA MSE D 191 -8.02 28.19 -2.44
C MSE D 191 -6.65 28.01 -1.81
O MSE D 191 -5.89 27.16 -2.21
CB MSE D 191 -7.91 29.38 -3.34
CG MSE D 191 -7.09 29.00 -4.58
SE MSE D 191 -7.35 30.41 -5.90
CE MSE D 191 -5.62 30.12 -6.89
N ALA D 192 -6.32 28.81 -0.82
CA ALA D 192 -4.97 28.76 -0.25
C ALA D 192 -4.71 27.41 0.44
N LEU D 193 -5.75 26.72 0.93
CA LEU D 193 -5.55 25.40 1.46
C LEU D 193 -5.39 24.34 0.38
N GLY D 194 -5.79 24.62 -0.84
CA GLY D 194 -5.78 23.58 -1.91
C GLY D 194 -7.14 22.94 -2.21
N LEU D 195 -8.19 23.46 -1.58
CA LEU D 195 -9.52 22.81 -1.55
C LEU D 195 -10.29 23.25 -2.79
N VAL D 196 -9.82 24.35 -3.35
CA VAL D 196 -10.36 24.96 -4.54
C VAL D 196 -9.19 25.37 -5.45
N ASP D 197 -9.38 25.33 -6.78
CA ASP D 197 -8.27 25.52 -7.70
C ASP D 197 -8.23 26.89 -8.34
N GLU D 198 -9.37 27.55 -8.39
CA GLU D 198 -9.41 28.91 -8.92
C GLU D 198 -10.64 29.62 -8.36
N VAL D 199 -10.50 30.91 -8.09
CA VAL D 199 -11.59 31.76 -7.63
C VAL D 199 -11.87 32.80 -8.73
N VAL D 200 -13.13 33.02 -9.07
CA VAL D 200 -13.49 33.99 -10.07
C VAL D 200 -14.65 34.81 -9.57
N ASP D 201 -14.73 36.03 -10.04
CA ASP D 201 -15.81 36.97 -9.55
C ASP D 201 -16.96 37.06 -10.54
N ASP D 202 -16.88 36.25 -11.58
CA ASP D 202 -17.78 36.32 -12.67
C ASP D 202 -17.97 34.92 -13.28
N GLU D 203 -19.20 34.56 -13.64
CA GLU D 203 -19.43 33.21 -14.19
C GLU D 203 -18.71 33.00 -15.54
N ALA D 204 -18.63 34.04 -16.33
CA ALA D 204 -18.00 33.91 -17.67
C ALA D 204 -16.56 33.48 -17.56
N LYS D 205 -15.91 33.88 -16.50
CA LYS D 205 -14.51 33.52 -16.33
C LYS D 205 -14.37 32.07 -15.98
N ALA D 206 -15.34 31.53 -15.26
CA ALA D 206 -15.33 30.08 -15.00
C ALA D 206 -15.47 29.31 -16.29
N TRP D 207 -16.39 29.75 -17.14
CA TRP D 207 -16.60 29.10 -18.44
C TRP D 207 -15.39 29.20 -19.36
N LYS D 208 -14.63 30.25 -19.22
CA LYS D 208 -13.43 30.35 -20.02
C LYS D 208 -12.41 29.27 -19.62
N ILE D 209 -12.22 29.07 -18.33
CA ILE D 209 -11.36 28.01 -17.87
C ILE D 209 -11.87 26.64 -18.32
N ILE D 210 -13.16 26.38 -18.17
CA ILE D 210 -13.74 25.15 -18.65
C ILE D 210 -13.57 24.93 -20.15
N ASP D 211 -13.83 25.97 -20.95
CA ASP D 211 -13.67 25.87 -22.42
C ASP D 211 -12.25 25.56 -22.83
N ASP D 212 -11.27 26.07 -22.11
CA ASP D 212 -9.86 25.83 -22.42
C ASP D 212 -9.58 24.36 -22.18
N ILE D 213 -10.15 23.77 -21.12
CA ILE D 213 -9.96 22.35 -20.89
C ILE D 213 -10.55 21.52 -22.01
N CYS D 214 -11.70 21.95 -22.51
CA CYS D 214 -12.34 21.27 -23.63
C CYS D 214 -11.50 21.23 -24.89
N LYS D 215 -10.51 22.10 -25.03
CA LYS D 215 -9.66 22.09 -26.25
C LYS D 215 -8.66 20.95 -26.22
N LYS D 216 -8.37 20.39 -25.06
CA LYS D 216 -7.35 19.37 -24.99
C LYS D 216 -7.89 18.01 -25.51
N PRO D 217 -7.02 17.19 -26.08
CA PRO D 217 -7.52 15.89 -26.53
C PRO D 217 -8.13 15.03 -25.42
N LYS D 218 -9.25 14.43 -25.73
CA LYS D 218 -10.00 13.63 -24.78
C LYS D 218 -9.21 12.51 -24.11
N LYS D 219 -8.48 11.73 -24.91
CA LYS D 219 -7.73 10.65 -24.40
C LYS D 219 -6.64 11.13 -23.45
N THR D 220 -6.04 12.25 -23.79
CA THR D 220 -5.05 12.83 -22.92
C THR D 220 -5.57 13.15 -21.52
N LEU D 221 -6.72 13.81 -21.45
CA LEU D 221 -7.30 14.16 -20.18
C LEU D 221 -7.69 12.92 -19.41
N GLN D 222 -8.20 11.95 -20.14
CA GLN D 222 -8.61 10.72 -19.53
C GLN D 222 -7.41 10.05 -18.85
N PHE D 223 -6.28 10.01 -19.53
CA PHE D 223 -5.12 9.34 -18.98
C PHE D 223 -4.48 10.11 -17.80
N ILE D 224 -4.53 11.42 -17.88
CA ILE D 224 -4.06 12.25 -16.81
C ILE D 224 -4.85 11.92 -15.54
N LYS D 225 -6.14 11.93 -15.69
CA LYS D 225 -7.04 11.60 -14.61
C LYS D 225 -6.76 10.20 -13.99
N ARG D 226 -6.59 9.19 -14.83
CA ARG D 226 -6.38 7.82 -14.31
C ARG D 226 -5.07 7.73 -13.53
N ALA D 227 -4.04 8.36 -14.04
CA ALA D 227 -2.74 8.23 -13.41
C ALA D 227 -2.72 8.99 -12.07
N ILE D 228 -3.37 10.14 -12.04
CA ILE D 228 -3.46 10.89 -10.80
C ILE D 228 -4.18 10.07 -9.76
N ASN D 229 -5.30 9.47 -10.13
CA ASN D 229 -6.11 8.70 -9.20
C ASN D 229 -5.32 7.52 -8.71
N SER D 230 -4.66 6.82 -9.61
CA SER D 230 -4.05 5.58 -9.21
C SER D 230 -2.71 5.84 -8.49
N SER D 231 -2.20 7.08 -8.52
CA SER D 231 -0.97 7.42 -7.78
C SER D 231 -1.15 7.25 -6.25
N TYR D 232 -2.38 7.35 -5.80
CA TYR D 232 -2.68 7.18 -4.42
C TYR D 232 -2.76 5.73 -3.98
N ASP D 233 -2.60 4.78 -4.91
CA ASP D 233 -2.77 3.36 -4.57
C ASP D 233 -1.50 2.56 -4.80
N MSE D 234 -0.41 3.26 -4.98
CA MSE D 234 0.87 2.57 -5.20
C MSE D 234 2.05 3.44 -4.90
O MSE D 234 1.93 4.64 -4.70
CB MSE D 234 0.96 2.11 -6.64
CG MSE D 234 0.82 3.30 -7.57
SE MSE D 234 0.59 2.63 -9.44
CE MSE D 234 -1.16 3.08 -10.08
N GLY D 235 3.22 2.81 -4.93
CA GLY D 235 4.47 3.54 -4.80
C GLY D 235 4.81 4.30 -6.07
N LEU D 236 5.76 5.21 -5.95
CA LEU D 236 6.25 5.97 -7.09
C LEU D 236 6.68 5.25 -8.34
N GLU D 237 7.56 4.26 -8.21
CA GLU D 237 8.11 3.59 -9.40
C GLU D 237 7.02 2.96 -10.20
N SER D 238 6.07 2.37 -9.49
CA SER D 238 4.98 1.66 -10.11
C SER D 238 4.15 2.71 -10.84
N ALA D 239 3.91 3.83 -10.17
CA ALA D 239 3.14 4.89 -10.76
C ALA D 239 3.80 5.48 -11.99
N MSE D 240 5.11 5.65 -11.93
CA MSE D 240 5.92 6.16 -13.07
C MSE D 240 5.86 5.19 -14.23
O MSE D 240 5.70 5.60 -15.37
CB MSE D 240 7.34 6.44 -12.71
CG MSE D 240 7.51 7.61 -11.77
SE MSE D 240 7.22 9.29 -12.74
CE MSE D 240 9.07 9.54 -13.37
N ASP D 241 5.91 3.90 -13.93
CA ASP D 241 5.74 2.88 -14.95
C ASP D 241 4.41 2.99 -15.64
N GLN D 242 3.38 3.17 -14.86
CA GLN D 242 2.07 3.36 -15.41
C GLN D 242 1.93 4.62 -16.27
N GLU D 243 2.44 5.73 -15.80
CA GLU D 243 2.35 6.99 -16.51
C GLU D 243 3.02 6.84 -17.87
N ALA D 244 4.14 6.12 -17.89
CA ALA D 244 4.89 5.86 -19.16
C ALA D 244 4.08 5.07 -20.17
N LEU D 245 3.34 4.08 -19.66
CA LEU D 245 2.53 3.22 -20.52
C LEU D 245 1.39 4.03 -21.10
N TYR D 246 0.72 4.81 -20.25
CA TYR D 246 -0.34 5.71 -20.77
C TYR D 246 0.22 6.62 -21.87
N PHE D 247 1.38 7.22 -21.62
CA PHE D 247 2.00 8.15 -22.56
C PHE D 247 2.17 7.47 -23.89
N SER D 248 2.59 6.22 -23.83
CA SER D 248 2.84 5.44 -25.03
C SER D 248 1.55 5.15 -25.81
N LEU D 249 0.48 4.79 -25.08
CA LEU D 249 -0.80 4.51 -25.74
C LEU D 249 -1.43 5.74 -26.41
N LEU D 250 -1.12 6.93 -25.92
CA LEU D 250 -1.59 8.20 -26.54
C LEU D 250 -1.19 8.29 -28.00
N PHE D 251 -0.10 7.64 -28.35
CA PHE D 251 0.35 7.66 -29.76
C PHE D 251 -0.43 6.73 -30.68
N THR D 252 -1.47 6.09 -30.15
CA THR D 252 -2.44 5.36 -30.98
C THR D 252 -3.70 6.19 -31.22
N ASP D 253 -3.79 7.38 -30.62
CA ASP D 253 -5.01 8.16 -30.65
C ASP D 253 -5.00 9.25 -31.75
N PRO D 254 -6.00 9.25 -32.63
CA PRO D 254 -6.01 10.21 -33.78
C PRO D 254 -6.00 11.68 -33.35
N GLU D 255 -6.77 12.01 -32.33
CA GLU D 255 -6.82 13.37 -31.86
C GLU D 255 -5.41 13.85 -31.35
N VAL D 256 -4.70 12.98 -30.63
CA VAL D 256 -3.37 13.31 -30.14
C VAL D 256 -2.41 13.52 -31.34
N LEU D 257 -2.41 12.58 -32.27
CA LEU D 257 -1.55 12.65 -33.46
C LEU D 257 -1.81 13.92 -34.25
N ASP D 258 -3.07 14.30 -34.40
CA ASP D 258 -3.41 15.57 -35.08
C ASP D 258 -2.91 16.77 -34.30
N ALA D 259 -3.02 16.75 -32.98
CA ALA D 259 -2.53 17.85 -32.16
C ALA D 259 -1.03 18.04 -32.32
N LEU D 260 -0.32 16.96 -32.67
CA LEU D 260 1.13 17.01 -32.88
C LEU D 260 1.55 17.29 -34.32
N SER D 261 0.61 17.25 -35.26
CA SER D 261 0.92 17.21 -36.70
C SER D 261 1.62 18.46 -37.25
N LYS D 262 1.34 19.63 -36.70
CA LYS D 262 2.07 20.82 -37.11
C LYS D 262 3.62 20.65 -37.05
N TRP D 263 4.11 19.80 -36.13
CA TRP D 263 5.55 19.62 -35.88
C TRP D 263 6.10 18.35 -36.48
N ARG D 264 5.21 17.56 -37.07
CA ARG D 264 5.61 16.43 -37.89
C ARG D 264 6.16 17.01 -39.19
N LEU E 18 9.33 28.24 40.56
CA LEU E 18 8.19 27.97 41.55
C LEU E 18 8.34 26.65 42.28
N TYR E 19 8.41 26.67 43.61
CA TYR E 19 8.88 25.45 44.31
C TYR E 19 8.01 24.21 44.01
N PHE E 20 6.71 24.48 43.83
CA PHE E 20 5.68 23.47 43.60
C PHE E 20 5.60 23.01 42.16
N GLN E 21 6.39 23.59 41.25
CA GLN E 21 6.46 23.15 39.84
C GLN E 21 7.74 22.35 39.67
N SER E 22 7.68 21.04 39.93
CA SER E 22 8.87 20.19 39.92
C SER E 22 8.93 19.02 38.88
N MSE E 23 7.77 18.48 38.47
CA MSE E 23 7.82 17.35 37.52
C MSE E 23 7.97 17.79 36.10
O MSE E 23 7.68 18.92 35.75
CB MSE E 23 6.65 16.41 37.65
CG MSE E 23 5.31 17.01 37.35
SE MSE E 23 4.06 15.65 38.04
CE MSE E 23 4.96 13.91 37.61
N LEU E 24 8.46 16.92 35.26
CA LEU E 24 8.81 17.41 33.97
C LEU E 24 7.61 17.49 33.00
N VAL E 25 6.53 16.79 33.27
CA VAL E 25 5.31 17.01 32.55
C VAL E 25 4.19 17.10 33.57
N GLU E 26 3.40 18.16 33.50
CA GLU E 26 2.24 18.33 34.38
C GLU E 26 0.99 17.93 33.61
N ILE E 27 0.00 17.45 34.33
CA ILE E 27 -1.36 17.29 33.79
C ILE E 27 -2.33 18.21 34.53
N GLU E 28 -3.17 18.89 33.76
CA GLU E 28 -4.18 19.80 34.30
C GLU E 28 -5.46 19.53 33.55
N ARG E 29 -6.52 20.17 33.99
CA ARG E 29 -7.78 20.07 33.32
C ARG E 29 -8.38 21.42 33.12
N ARG E 30 -9.00 21.62 31.96
CA ARG E 30 -9.80 22.83 31.67
C ARG E 30 -11.10 22.35 31.04
N GLY E 31 -12.12 22.21 31.86
CA GLY E 31 -13.42 21.80 31.44
C GLY E 31 -13.34 20.42 30.83
N ASP E 32 -13.78 20.33 29.59
CA ASP E 32 -13.81 19.09 28.91
C ASP E 32 -12.47 18.76 28.27
N ALA E 33 -11.43 19.57 28.50
CA ALA E 33 -10.09 19.28 27.96
C ALA E 33 -9.07 18.83 29.04
N SER E 34 -8.35 17.73 28.79
CA SER E 34 -7.15 17.43 29.56
C SER E 34 -6.01 18.29 28.98
N LEU E 35 -5.15 18.80 29.82
CA LEU E 35 -4.10 19.73 29.41
C LEU E 35 -2.76 19.21 29.91
N ILE E 36 -1.89 18.86 28.98
CA ILE E 36 -0.63 18.26 29.28
C ILE E 36 0.45 19.25 29.00
N VAL E 37 1.32 19.52 29.97
CA VAL E 37 2.22 20.68 29.90
C VAL E 37 3.64 20.20 30.07
N LEU E 38 4.43 20.36 29.01
CA LEU E 38 5.87 20.05 29.09
C LEU E 38 6.54 21.12 29.93
N SER E 39 7.19 20.71 31.02
CA SER E 39 7.66 21.65 32.06
C SER E 39 9.11 21.41 32.39
N ARG E 40 9.98 22.02 31.60
CA ARG E 40 11.40 22.10 31.89
C ARG E 40 11.97 23.43 31.28
N PRO E 41 11.38 24.56 31.68
CA PRO E 41 11.56 25.83 30.98
C PRO E 41 12.98 26.34 31.00
N GLU E 42 13.72 25.99 32.02
CA GLU E 42 15.12 26.37 32.14
C GLU E 42 15.94 25.79 30.99
N LYS E 43 15.47 24.71 30.38
CA LYS E 43 16.11 24.10 29.18
C LYS E 43 15.21 24.18 27.94
N LEU E 44 14.36 25.20 27.91
CA LEU E 44 13.40 25.42 26.81
C LEU E 44 12.49 24.21 26.53
N ASN E 45 12.10 23.51 27.58
CA ASN E 45 11.30 22.30 27.50
C ASN E 45 11.84 21.27 26.55
N ALA E 46 13.15 21.13 26.53
CA ALA E 46 13.81 20.13 25.72
C ALA E 46 13.58 18.73 26.30
N ILE E 47 13.44 17.78 25.42
CA ILE E 47 12.98 16.45 25.78
C ILE E 47 14.15 15.55 26.10
N ASN E 48 14.26 15.16 27.36
CA ASN E 48 15.13 14.09 27.77
C ASN E 48 14.33 12.82 28.13
N LEU E 49 15.02 11.77 28.56
CA LEU E 49 14.39 10.48 28.85
C LEU E 49 13.40 10.56 30.00
N GLU E 50 13.74 11.30 31.01
CA GLU E 50 12.83 11.46 32.14
C GLU E 50 11.53 12.16 31.66
N MSE E 51 11.66 13.20 30.85
CA MSE E 51 10.52 13.86 30.31
C MSE E 51 9.71 12.91 29.51
O MSE E 51 8.47 12.95 29.53
CB MSE E 51 10.87 15.05 29.45
CG MSE E 51 9.59 15.87 29.31
SE MSE E 51 9.78 17.38 28.08
CE MSE E 51 10.55 18.58 29.45
N LEU E 52 10.35 12.11 28.71
CA LEU E 52 9.60 11.15 27.84
C LEU E 52 8.81 10.18 28.66
N ALA E 53 9.43 9.64 29.71
CA ALA E 53 8.71 8.71 30.57
C ALA E 53 7.55 9.42 31.22
N ASP E 54 7.75 10.65 31.68
CA ASP E 54 6.65 11.42 32.31
C ASP E 54 5.54 11.70 31.31
N LEU E 55 5.89 11.95 30.07
CA LEU E 55 4.91 12.28 29.08
C LEU E 55 4.03 11.08 28.77
N ALA E 56 4.63 9.90 28.68
CA ALA E 56 3.86 8.67 28.47
C ALA E 56 2.91 8.42 29.61
N ASP E 57 3.37 8.60 30.84
CA ASP E 57 2.52 8.47 32.02
C ASP E 57 1.33 9.46 32.05
N GLN E 58 1.62 10.73 31.81
CA GLN E 58 0.59 11.76 31.88
C GLN E 58 -0.37 11.60 30.73
N PHE E 59 0.14 11.15 29.59
CA PHE E 59 -0.77 10.87 28.46
C PHE E 59 -1.78 9.76 28.77
N SER E 60 -1.36 8.70 29.40
CA SER E 60 -2.30 7.65 29.89
C SER E 60 -3.34 8.17 30.84
N LYS E 61 -2.90 8.94 31.83
CA LYS E 61 -3.85 9.54 32.76
C LYS E 61 -4.87 10.34 31.98
N ALA E 62 -4.43 11.13 31.02
CA ALA E 62 -5.37 12.00 30.25
C ALA E 62 -6.33 11.19 29.46
N GLU E 63 -5.87 10.09 28.90
CA GLU E 63 -6.80 9.20 28.16
C GLU E 63 -7.89 8.55 29.03
N LYS E 64 -7.58 8.19 30.26
CA LYS E 64 -8.53 7.50 31.15
C LYS E 64 -9.54 8.47 31.75
N GLU E 65 -9.23 9.76 31.79
CA GLU E 65 -10.12 10.76 32.39
C GLU E 65 -11.36 10.96 31.49
N ASP E 66 -12.44 11.51 32.04
CA ASP E 66 -13.66 11.67 31.28
C ASP E 66 -13.67 12.97 30.44
N THR E 67 -12.50 13.55 30.21
CA THR E 67 -12.35 14.64 29.27
C THR E 67 -12.60 14.18 27.86
N ARG E 68 -12.87 15.14 27.00
CA ARG E 68 -13.21 14.85 25.61
C ARG E 68 -12.06 15.09 24.62
N VAL E 69 -11.13 15.96 24.96
CA VAL E 69 -9.94 16.20 24.13
C VAL E 69 -8.71 16.28 24.99
N ILE E 70 -7.56 16.16 24.36
CA ILE E 70 -6.31 16.29 25.04
C ILE E 70 -5.53 17.39 24.37
N VAL E 71 -5.06 18.35 25.15
CA VAL E 71 -4.31 19.46 24.65
C VAL E 71 -2.88 19.33 25.15
N ILE E 72 -1.91 19.57 24.28
CA ILE E 72 -0.51 19.50 24.67
C ILE E 72 0.15 20.83 24.44
N THR E 73 0.83 21.33 25.46
CA THR E 73 1.58 22.56 25.31
C THR E 73 2.82 22.55 26.17
N GLY E 74 3.50 23.69 26.20
CA GLY E 74 4.66 23.86 27.03
C GLY E 74 4.41 24.90 28.10
N TYR E 75 5.20 24.80 29.17
CA TYR E 75 5.18 25.76 30.25
C TYR E 75 5.99 27.00 29.89
N GLY E 76 5.43 28.16 30.20
CA GLY E 76 6.12 29.41 29.95
C GLY E 76 5.98 29.87 28.51
N LYS E 77 7.05 30.48 28.00
CA LYS E 77 7.08 31.18 26.72
C LYS E 77 7.17 30.18 25.51
N ASN E 78 7.75 29.00 25.73
CA ASN E 78 8.03 28.02 24.66
C ASN E 78 7.28 26.70 24.72
N PHE E 79 7.00 26.14 23.57
CA PHE E 79 6.44 24.81 23.51
C PHE E 79 7.58 23.81 23.82
N SER E 80 8.57 23.74 22.94
CA SER E 80 9.74 22.87 23.13
C SER E 80 10.80 23.12 22.08
N ALA E 81 12.04 23.15 22.50
CA ALA E 81 13.17 23.34 21.57
C ALA E 81 13.73 22.04 21.02
N GLY E 82 13.11 20.94 21.36
CA GLY E 82 13.45 19.72 20.70
C GLY E 82 14.02 18.70 21.64
N ALA E 83 14.73 17.71 21.09
CA ALA E 83 15.41 16.76 21.91
C ALA E 83 16.57 17.39 22.63
N ASP E 84 16.81 16.94 23.85
CA ASP E 84 17.96 17.39 24.64
C ASP E 84 19.29 16.95 23.97
N ILE E 85 20.16 17.91 23.71
CA ILE E 85 21.30 17.65 22.91
C ILE E 85 22.41 16.94 23.66
N ASN E 86 22.50 17.14 24.97
CA ASN E 86 23.46 16.34 25.78
C ASN E 86 23.10 14.88 25.82
N MSE E 87 21.79 14.61 25.82
CA MSE E 87 21.28 13.24 25.70
C MSE E 87 21.63 12.65 24.34
O MSE E 87 22.22 11.58 24.28
CB MSE E 87 19.79 13.24 26.05
CG MSE E 87 19.19 11.87 25.81
SE MSE E 87 17.25 11.95 25.55
CE MSE E 87 17.22 12.89 23.83
N LEU E 88 21.31 13.34 23.27
CA LEU E 88 21.69 12.88 21.92
C LEU E 88 23.18 12.56 21.82
N ALA E 89 24.00 13.46 22.34
CA ALA E 89 25.46 13.27 22.30
C ALA E 89 25.99 12.09 23.13
N SER E 90 25.20 11.58 24.05
CA SER E 90 25.58 10.42 24.84
C SER E 90 25.25 9.08 24.13
N PHE E 91 24.53 9.12 23.02
CA PHE E 91 23.95 7.88 22.47
C PHE E 91 24.98 7.07 21.71
N ASP E 92 24.78 5.75 21.71
CA ASP E 92 25.37 4.90 20.68
C ASP E 92 24.17 4.30 19.88
N PRO E 93 24.43 3.42 18.90
CA PRO E 93 23.30 3.01 18.12
C PRO E 93 22.18 2.35 18.92
N ALA E 94 22.52 1.50 19.85
CA ALA E 94 21.49 0.79 20.66
C ALA E 94 20.66 1.75 21.51
N SER E 95 21.30 2.69 22.19
CA SER E 95 20.57 3.59 23.07
C SER E 95 19.78 4.59 22.25
N ALA E 96 20.33 4.94 21.08
CA ALA E 96 19.58 5.79 20.13
C ALA E 96 18.33 5.09 19.63
N TYR E 97 18.44 3.81 19.32
CA TYR E 97 17.27 3.07 18.86
C TYR E 97 16.23 3.02 19.95
N SER E 98 16.67 2.65 21.14
CA SER E 98 15.77 2.62 22.31
C SER E 98 15.06 4.01 22.56
N PHE E 99 15.77 5.11 22.44
CA PHE E 99 15.13 6.43 22.54
C PHE E 99 14.04 6.60 21.49
N ARG E 100 14.34 6.26 20.25
CA ARG E 100 13.38 6.48 19.17
C ARG E 100 12.18 5.58 19.25
N LEU E 101 12.36 4.35 19.75
CA LEU E 101 11.19 3.52 20.05
C LEU E 101 10.27 4.19 21.05
N LYS E 102 10.82 4.89 22.03
CA LYS E 102 10.02 5.59 23.03
C LYS E 102 9.31 6.79 22.42
N MSE E 103 10.01 7.55 21.60
CA MSE E 103 9.36 8.64 20.84
C MSE E 103 8.26 8.07 19.98
O MSE E 103 7.16 8.57 19.95
CB MSE E 103 10.29 9.40 19.90
CG MSE E 103 11.37 10.15 20.63
SE MSE E 103 10.66 11.77 21.50
CE MSE E 103 11.12 13.11 20.12
N ASN E 104 8.56 7.03 19.21
CA ASN E 104 7.55 6.42 18.30
C ASN E 104 6.30 5.97 19.04
N SER E 105 6.51 5.45 20.22
CA SER E 105 5.41 4.90 20.99
C SER E 105 4.47 6.02 21.48
N ILE E 106 5.02 7.13 21.93
CA ILE E 106 4.18 8.23 22.32
C ILE E 106 3.45 8.83 21.11
N ALA E 107 4.19 8.97 20.00
CA ALA E 107 3.57 9.48 18.79
C ALA E 107 2.40 8.60 18.39
N GLN E 108 2.61 7.31 18.51
CA GLN E 108 1.58 6.40 18.08
C GLN E 108 0.38 6.46 19.00
N ARG E 109 0.61 6.57 20.30
CA ARG E 109 -0.51 6.74 21.21
C ARG E 109 -1.30 8.02 20.96
N ILE E 110 -0.63 9.08 20.54
CA ILE E 110 -1.31 10.27 20.14
C ILE E 110 -2.23 10.00 18.93
N ARG E 111 -1.72 9.28 17.94
CA ARG E 111 -2.50 9.07 16.69
C ARG E 111 -3.64 8.10 16.90
N LYS E 112 -3.49 7.15 17.81
CA LYS E 112 -4.49 6.11 17.99
C LYS E 112 -5.48 6.45 19.08
N SER E 113 -5.27 7.53 19.75
CA SER E 113 -6.15 7.92 20.79
C SER E 113 -7.59 8.08 20.26
N ASP E 114 -8.55 7.69 21.09
CA ASP E 114 -9.97 7.90 20.83
C ASP E 114 -10.29 9.38 20.87
N LYS E 115 -9.55 10.12 21.69
CA LYS E 115 -9.75 11.57 21.81
C LYS E 115 -8.90 12.35 20.80
N PRO E 116 -9.44 13.40 20.24
CA PRO E 116 -8.63 14.38 19.53
C PRO E 116 -7.51 14.99 20.37
N VAL E 117 -6.36 15.19 19.74
CA VAL E 117 -5.21 15.74 20.41
C VAL E 117 -4.84 16.98 19.67
N ILE E 118 -4.72 18.05 20.43
CA ILE E 118 -4.48 19.34 19.89
C ILE E 118 -3.22 19.92 20.50
N ALA E 119 -2.30 20.33 19.63
CA ALA E 119 -1.04 20.92 20.10
C ALA E 119 -1.15 22.43 20.02
N LEU E 120 -0.74 23.08 21.09
CA LEU E 120 -0.79 24.52 21.16
C LEU E 120 0.65 25.05 21.15
N LEU E 121 1.10 25.49 20.00
CA LEU E 121 2.45 25.90 19.79
C LEU E 121 2.68 27.35 20.14
N LYS E 122 3.84 27.62 20.71
CA LYS E 122 4.26 28.99 21.02
C LYS E 122 5.77 29.06 21.19
N GLY E 123 6.31 30.26 21.09
CA GLY E 123 7.76 30.49 21.12
C GLY E 123 8.48 29.44 20.29
N TYR E 124 9.56 28.91 20.82
CA TYR E 124 10.24 27.80 20.16
C TYR E 124 9.38 26.56 20.14
N SER E 125 9.12 26.09 18.93
CA SER E 125 8.44 24.85 18.64
C SER E 125 9.23 24.05 17.60
N MSE E 126 10.25 23.37 18.05
CA MSE E 126 11.26 22.79 17.21
C MSE E 126 11.47 21.32 17.33
O MSE E 126 11.24 20.74 18.36
CB MSE E 126 12.59 23.36 17.67
CG MSE E 126 12.60 24.85 17.96
SE MSE E 126 12.48 25.84 16.29
CE MSE E 126 14.35 25.93 15.80
N GLY E 127 11.93 20.73 16.25
CA GLY E 127 12.50 19.41 16.25
C GLY E 127 11.59 18.32 16.77
N GLY E 128 12.12 17.54 17.70
CA GLY E 128 11.42 16.41 18.25
C GLY E 128 10.07 16.80 18.84
N GLY E 129 10.02 17.97 19.45
CA GLY E 129 8.81 18.44 20.13
C GLY E 129 7.77 18.77 19.09
N LEU E 130 8.15 19.61 18.14
CA LEU E 130 7.28 19.89 17.01
C LEU E 130 6.86 18.58 16.32
N GLU E 131 7.78 17.64 16.16
CA GLU E 131 7.46 16.43 15.46
C GLU E 131 6.38 15.61 16.19
N LEU E 132 6.50 15.48 17.51
CA LEU E 132 5.36 14.96 18.28
C LEU E 132 4.05 15.70 17.96
N ALA E 133 4.11 17.02 17.87
CA ALA E 133 2.91 17.78 17.56
C ALA E 133 2.38 17.48 16.14
N GLU E 134 3.25 17.04 15.26
CA GLU E 134 2.81 16.66 13.92
C GLU E 134 1.95 15.42 13.91
N SER E 135 2.05 14.58 14.91
CA SER E 135 1.13 13.41 15.07
C SER E 135 -0.20 13.79 15.69
N ALA E 136 -0.26 14.96 16.31
CA ALA E 136 -1.54 15.43 16.84
C ALA E 136 -2.52 15.66 15.73
N ASP E 137 -3.77 15.69 16.07
CA ASP E 137 -4.79 15.99 15.08
C ASP E 137 -4.75 17.41 14.56
N ILE E 138 -4.51 18.35 15.44
CA ILE E 138 -4.65 19.76 15.15
C ILE E 138 -3.52 20.55 15.80
N ARG E 139 -3.01 21.53 15.10
CA ARG E 139 -1.93 22.40 15.64
C ARG E 139 -2.42 23.84 15.58
N ILE E 140 -2.46 24.48 16.76
CA ILE E 140 -2.78 25.89 16.81
C ILE E 140 -1.53 26.65 17.28
N ALA E 141 -1.19 27.75 16.63
CA ALA E 141 0.03 28.49 16.93
C ALA E 141 -0.26 29.90 17.43
N MSE E 142 0.36 30.25 18.55
CA MSE E 142 0.39 31.62 18.97
C MSE E 142 1.19 32.35 17.93
O MSE E 142 2.07 31.79 17.27
CB MSE E 142 1.09 31.78 20.33
CG MSE E 142 0.42 30.94 21.45
SE MSE E 142 -1.43 31.52 21.80
CE MSE E 142 -0.96 33.35 22.36
N SER E 143 0.91 33.65 17.79
CA SER E 143 1.55 34.49 16.75
C SER E 143 3.08 34.57 16.87
N ASP E 144 3.61 34.45 18.10
CA ASP E 144 5.05 34.55 18.32
C ASP E 144 5.83 33.22 18.04
N ALA E 145 5.15 32.16 17.65
CA ALA E 145 5.79 30.89 17.44
C ALA E 145 6.91 30.84 16.38
N VAL E 146 7.97 30.13 16.72
CA VAL E 146 9.12 29.91 15.87
C VAL E 146 9.15 28.40 15.65
N ILE E 147 8.93 28.01 14.41
CA ILE E 147 8.60 26.62 14.06
C ILE E 147 9.60 26.08 13.07
N GLY E 148 10.12 24.92 13.36
CA GLY E 148 11.05 24.29 12.42
C GLY E 148 11.66 22.99 12.93
N GLN E 149 12.41 22.35 12.07
CA GLN E 149 13.12 21.13 12.38
C GLN E 149 14.60 21.34 12.09
N PRO E 150 15.34 21.81 13.10
CA PRO E 150 16.72 22.25 12.83
C PRO E 150 17.77 21.16 13.05
N GLU E 151 17.33 19.95 13.40
CA GLU E 151 18.23 18.94 13.92
C GLU E 151 19.16 18.30 12.89
N SER E 152 18.89 18.48 11.60
CA SER E 152 19.88 18.10 10.61
C SER E 152 21.21 18.77 10.82
N SER E 153 21.21 19.95 11.40
CA SER E 153 22.50 20.70 11.65
C SER E 153 23.45 19.97 12.59
N ILE E 154 22.89 19.14 13.44
CA ILE E 154 23.71 18.38 14.36
C ILE E 154 23.73 16.90 13.97
N GLY E 155 23.33 16.63 12.72
CA GLY E 155 23.43 15.31 12.11
C GLY E 155 22.26 14.37 12.31
N ILE E 156 21.17 14.85 12.90
CA ILE E 156 19.98 14.05 13.16
C ILE E 156 18.94 14.17 12.02
N ASN E 157 18.40 13.03 11.57
CA ASN E 157 17.40 12.99 10.49
C ASN E 157 16.03 13.51 10.95
N ALA E 158 15.61 13.07 12.12
CA ALA E 158 14.31 13.42 12.64
C ALA E 158 14.17 12.89 14.05
N GLY E 159 13.44 13.61 14.87
CA GLY E 159 13.10 13.13 16.24
C GLY E 159 11.94 12.15 16.29
N ALA E 160 10.86 12.44 15.55
CA ALA E 160 9.65 11.66 15.69
C ALA E 160 8.62 11.88 14.57
N GLY E 161 9.00 11.65 13.32
CA GLY E 161 8.08 11.85 12.21
C GLY E 161 8.42 13.02 11.32
N GLY E 162 9.52 13.63 11.63
CA GLY E 162 9.95 14.78 10.86
C GLY E 162 10.28 14.46 9.43
N ASN E 163 10.47 13.18 9.11
CA ASN E 163 10.68 12.76 7.72
C ASN E 163 9.52 12.02 7.12
N VAL E 164 8.74 11.29 7.92
CA VAL E 164 7.68 10.43 7.40
C VAL E 164 6.24 10.85 7.72
N ILE E 165 6.06 11.72 8.69
CA ILE E 165 4.77 12.37 8.90
C ILE E 165 4.70 13.76 8.27
N LEU E 166 5.79 14.51 8.37
CA LEU E 166 5.82 15.86 7.84
C LEU E 166 5.29 15.98 6.40
N PRO E 167 5.68 15.08 5.50
CA PRO E 167 5.18 15.31 4.14
C PRO E 167 3.68 15.11 3.92
N LYS E 168 3.02 14.41 4.82
CA LYS E 168 1.58 14.27 4.80
C LYS E 168 0.87 15.56 5.23
N LEU E 169 1.60 16.39 5.92
CA LEU E 169 1.11 17.72 6.28
C LEU E 169 1.38 18.78 5.19
N VAL E 170 2.60 18.81 4.65
CA VAL E 170 3.05 19.92 3.80
C VAL E 170 3.46 19.56 2.39
N GLY E 171 3.47 18.28 2.07
CA GLY E 171 3.91 17.82 0.75
C GLY E 171 5.38 17.43 0.71
N ARG E 172 5.74 16.68 -0.33
CA ARG E 172 7.02 16.04 -0.44
C ARG E 172 8.13 17.08 -0.47
N GLY E 173 7.89 18.16 -1.21
CA GLY E 173 8.92 19.15 -1.52
C GLY E 173 9.24 19.97 -0.30
N SER E 174 8.20 20.51 0.30
CA SER E 174 8.40 21.28 1.52
C SER E 174 9.01 20.42 2.65
N ALA E 175 8.67 19.14 2.73
CA ALA E 175 9.21 18.30 3.76
C ALA E 175 10.69 18.18 3.66
N ALA E 176 11.15 17.89 2.48
CA ALA E 176 12.59 17.77 2.26
C ALA E 176 13.27 19.07 2.51
N TYR E 177 12.69 20.15 2.06
CA TYR E 177 13.34 21.48 2.21
C TYR E 177 13.45 21.85 3.67
N LEU E 178 12.37 21.70 4.43
CA LEU E 178 12.41 22.06 5.82
C LEU E 178 13.39 21.18 6.59
N ALA E 179 13.38 19.88 6.35
CA ALA E 179 14.25 18.94 7.07
C ALA E 179 15.73 19.13 6.69
N MSE E 180 15.99 19.37 5.43
CA MSE E 180 17.37 19.56 5.02
C MSE E 180 17.92 20.89 5.42
O MSE E 180 19.02 20.97 5.88
CB MSE E 180 17.54 19.34 3.51
CG MSE E 180 17.32 17.87 3.22
SE MSE E 180 17.56 17.50 1.31
CE MSE E 180 16.98 15.62 1.22
N SER E 181 17.18 21.97 5.18
CA SER E 181 17.72 23.30 5.46
C SER E 181 17.67 23.66 6.93
N GLY E 182 16.76 23.06 7.68
CA GLY E 182 16.56 23.50 9.09
C GLY E 182 15.98 24.90 9.20
N LYS E 183 15.34 25.34 8.14
CA LYS E 183 14.74 26.65 8.12
C LYS E 183 13.72 26.87 9.24
N LYS E 184 13.83 28.06 9.85
CA LYS E 184 12.88 28.51 10.87
C LYS E 184 11.76 29.32 10.22
N LEU E 185 10.54 28.93 10.54
CA LEU E 185 9.36 29.58 10.06
C LEU E 185 8.73 30.44 11.12
N ASN E 186 8.06 31.48 10.69
CA ASN E 186 7.13 32.15 11.58
C ASN E 186 5.75 31.45 11.47
N ALA E 187 4.83 31.87 12.33
CA ALA E 187 3.54 31.20 12.46
C ALA E 187 2.70 31.26 11.16
N GLN E 188 2.71 32.41 10.49
CA GLN E 188 1.92 32.54 9.26
C GLN E 188 2.50 31.67 8.14
N GLU E 189 3.83 31.61 8.07
CA GLU E 189 4.50 30.81 7.08
C GLU E 189 4.17 29.35 7.30
N ALA E 190 4.15 28.93 8.54
CA ALA E 190 3.86 27.53 8.84
C ALA E 190 2.42 27.21 8.50
N MSE E 191 1.53 28.15 8.78
CA MSE E 191 0.15 28.01 8.41
C MSE E 191 0.01 27.87 6.90
O MSE E 191 -0.64 26.94 6.42
CB MSE E 191 -0.77 29.13 8.79
CG MSE E 191 -2.22 28.64 8.69
SE MSE E 191 -3.33 29.96 9.59
CE MSE E 191 -5.01 29.55 8.60
N ALA E 192 0.68 28.73 6.14
CA ALA E 192 0.52 28.69 4.68
C ALA E 192 1.04 27.36 4.12
N LEU E 193 2.00 26.72 4.79
CA LEU E 193 2.48 25.44 4.28
C LEU E 193 1.57 24.28 4.65
N GLY E 194 0.71 24.47 5.62
CA GLY E 194 -0.12 23.38 6.11
C GLY E 194 0.43 22.69 7.35
N LEU E 195 1.45 23.29 7.92
CA LEU E 195 2.11 22.73 9.11
C LEU E 195 1.40 23.12 10.41
N VAL E 196 0.63 24.17 10.32
CA VAL E 196 -0.21 24.69 11.41
C VAL E 196 -1.62 24.99 10.84
N ASP E 197 -2.65 24.88 11.65
CA ASP E 197 -4.04 24.98 11.17
C ASP E 197 -4.70 26.29 11.51
N GLU E 198 -4.20 26.97 12.52
CA GLU E 198 -4.76 28.26 12.88
C GLU E 198 -3.71 29.04 13.67
N VAL E 199 -3.65 30.34 13.43
CA VAL E 199 -2.80 31.22 14.18
C VAL E 199 -3.68 32.20 14.99
N VAL E 200 -3.35 32.44 16.26
CA VAL E 200 -4.12 33.31 17.11
C VAL E 200 -3.17 34.18 17.87
N ASP E 201 -3.61 35.41 18.17
CA ASP E 201 -2.76 36.38 18.87
C ASP E 201 -3.03 36.39 20.37
N ASP E 202 -3.89 35.48 20.82
CA ASP E 202 -4.38 35.46 22.19
C ASP E 202 -4.69 34.01 22.61
N GLU E 203 -4.34 33.62 23.82
CA GLU E 203 -4.59 32.23 24.27
C GLU E 203 -6.10 31.93 24.33
N ALA E 204 -6.90 32.89 24.71
CA ALA E 204 -8.35 32.70 24.82
C ALA E 204 -8.95 32.25 23.52
N LYS E 205 -8.39 32.72 22.42
CA LYS E 205 -8.95 32.35 21.13
C LYS E 205 -8.62 30.91 20.80
N ALA E 206 -7.49 30.42 21.29
CA ALA E 206 -7.17 29.01 21.07
C ALA E 206 -8.16 28.15 21.84
N TRP E 207 -8.45 28.53 23.08
CA TRP E 207 -9.41 27.80 23.92
C TRP E 207 -10.83 27.84 23.37
N LYS E 208 -11.18 28.89 22.67
CA LYS E 208 -12.46 28.91 22.04
C LYS E 208 -12.53 27.82 20.94
N ILE E 209 -11.49 27.71 20.13
CA ILE E 209 -11.48 26.68 19.12
C ILE E 209 -11.53 25.32 19.78
N ILE E 210 -10.72 25.11 20.79
CA ILE E 210 -10.75 23.85 21.49
C ILE E 210 -12.13 23.53 22.08
N ASP E 211 -12.74 24.50 22.75
CA ASP E 211 -14.07 24.29 23.37
C ASP E 211 -15.13 23.96 22.34
N ASP E 212 -15.02 24.53 21.15
CA ASP E 212 -15.97 24.23 20.05
C ASP E 212 -15.80 22.79 19.62
N ILE E 213 -14.57 22.28 19.59
CA ILE E 213 -14.36 20.86 19.30
C ILE E 213 -14.95 19.94 20.36
N CYS E 214 -14.80 20.31 21.61
CA CYS E 214 -15.47 19.58 22.71
C CYS E 214 -16.99 19.51 22.66
N LYS E 215 -17.65 20.37 21.90
CA LYS E 215 -19.13 20.25 21.73
C LYS E 215 -19.53 19.11 20.82
N LYS E 216 -18.64 18.62 19.95
CA LYS E 216 -19.02 17.60 18.97
C LYS E 216 -19.08 16.21 19.62
N PRO E 217 -19.98 15.33 19.13
CA PRO E 217 -20.07 14.01 19.75
C PRO E 217 -18.74 13.25 19.69
N LYS E 218 -18.38 12.64 20.80
CA LYS E 218 -17.13 11.92 20.93
C LYS E 218 -16.90 10.86 19.85
N LYS E 219 -17.90 10.05 19.61
CA LYS E 219 -17.76 9.00 18.67
C LYS E 219 -17.52 9.54 17.27
N THR E 220 -18.19 10.66 16.94
CA THR E 220 -17.99 11.31 15.66
C THR E 220 -16.53 11.71 15.44
N LEU E 221 -15.93 12.34 16.44
CA LEU E 221 -14.54 12.78 16.35
C LEU E 221 -13.59 11.62 16.29
N GLN E 222 -13.87 10.59 17.06
CA GLN E 222 -13.07 9.39 17.04
C GLN E 222 -13.05 8.77 15.63
N PHE E 223 -14.21 8.68 14.99
CA PHE E 223 -14.32 8.07 13.65
C PHE E 223 -13.66 8.92 12.59
N ILE E 224 -13.75 10.24 12.76
CA ILE E 224 -13.10 11.13 11.81
C ILE E 224 -11.60 10.94 11.80
N LYS E 225 -11.07 10.96 12.99
CA LYS E 225 -9.69 10.63 13.24
C LYS E 225 -9.19 9.23 12.69
N ARG E 226 -9.93 8.18 12.94
CA ARG E 226 -9.55 6.90 12.39
C ARG E 226 -9.53 6.86 10.88
N ALA E 227 -10.52 7.47 10.26
CA ALA E 227 -10.62 7.36 8.82
C ALA E 227 -9.53 8.19 8.17
N ILE E 228 -9.29 9.38 8.72
CA ILE E 228 -8.20 10.19 8.18
C ILE E 228 -6.87 9.44 8.26
N ASN E 229 -6.58 8.84 9.41
CA ASN E 229 -5.35 8.10 9.62
C ASN E 229 -5.21 6.95 8.67
N SER E 230 -6.24 6.17 8.56
CA SER E 230 -6.14 5.01 7.76
C SER E 230 -6.25 5.33 6.25
N SER E 231 -6.65 6.53 5.88
CA SER E 231 -6.67 6.92 4.45
C SER E 231 -5.27 6.84 3.80
N TYR E 232 -4.23 6.97 4.61
CA TYR E 232 -2.86 6.93 4.15
C TYR E 232 -2.33 5.52 3.96
N ASP E 233 -3.13 4.51 4.32
CA ASP E 233 -2.70 3.13 4.24
C ASP E 233 -3.52 2.33 3.26
N MSE E 234 -4.26 3.01 2.39
CA MSE E 234 -5.07 2.30 1.39
C MSE E 234 -5.51 3.14 0.23
O MSE E 234 -5.37 4.37 0.26
CB MSE E 234 -6.32 1.73 2.02
CG MSE E 234 -7.11 2.85 2.62
SE MSE E 234 -8.54 2.07 3.73
CE MSE E 234 -8.27 2.46 5.62
N GLY E 235 -6.01 2.48 -0.82
CA GLY E 235 -6.58 3.18 -1.95
C GLY E 235 -7.92 3.84 -1.59
N LEU E 236 -8.32 4.76 -2.42
CA LEU E 236 -9.56 5.47 -2.23
C LEU E 236 -10.82 4.67 -1.97
N GLU E 237 -11.10 3.69 -2.82
CA GLU E 237 -12.37 2.94 -2.72
C GLU E 237 -12.48 2.28 -1.38
N SER E 238 -11.37 1.73 -0.95
CA SER E 238 -11.33 1.01 0.28
C SER E 238 -11.58 2.00 1.38
N ALA E 239 -10.94 3.16 1.28
CA ALA E 239 -11.11 4.19 2.31
C ALA E 239 -12.54 4.70 2.38
N MSE E 240 -13.16 4.85 1.21
CA MSE E 240 -14.55 5.31 1.10
C MSE E 240 -15.45 4.26 1.73
O MSE E 240 -16.42 4.61 2.43
CB MSE E 240 -15.00 5.61 -0.32
CG MSE E 240 -14.32 6.85 -0.89
SE MSE E 240 -15.15 8.46 -0.15
CE MSE E 240 -16.61 8.69 -1.41
N ASP E 241 -15.16 3.00 1.50
CA ASP E 241 -15.93 1.93 2.11
C ASP E 241 -15.86 2.00 3.62
N GLN E 242 -14.69 2.26 4.12
CA GLN E 242 -14.50 2.40 5.55
C GLN E 242 -15.18 3.60 6.15
N GLU E 243 -15.11 4.73 5.46
CA GLU E 243 -15.82 5.95 5.91
C GLU E 243 -17.31 5.69 6.02
N ALA E 244 -17.86 4.98 5.05
CA ALA E 244 -19.28 4.64 5.05
C ALA E 244 -19.70 3.76 6.20
N LEU E 245 -18.86 2.78 6.50
CA LEU E 245 -19.12 1.88 7.64
C LEU E 245 -19.07 2.67 8.98
N TYR E 246 -18.06 3.53 9.15
CA TYR E 246 -18.04 4.38 10.35
C TYR E 246 -19.30 5.24 10.45
N PHE E 247 -19.74 5.78 9.33
CA PHE E 247 -20.97 6.61 9.30
C PHE E 247 -22.16 5.86 9.79
N SER E 248 -22.23 4.63 9.36
CA SER E 248 -23.34 3.79 9.73
C SER E 248 -23.37 3.45 11.23
N LEU E 249 -22.21 3.11 11.76
CA LEU E 249 -22.06 2.80 13.18
C LEU E 249 -22.38 4.01 14.09
N LEU E 250 -22.18 5.24 13.60
CA LEU E 250 -22.58 6.45 14.37
C LEU E 250 -24.06 6.43 14.76
N PHE E 251 -24.88 5.77 13.95
CA PHE E 251 -26.29 5.66 14.29
C PHE E 251 -26.66 4.65 15.39
N THR E 252 -25.65 4.04 16.00
CA THR E 252 -25.85 3.28 17.21
C THR E 252 -25.48 4.09 18.46
N ASP E 253 -24.99 5.32 18.29
CA ASP E 253 -24.41 6.09 19.39
C ASP E 253 -25.42 7.10 19.97
N PRO E 254 -25.72 7.03 21.25
CA PRO E 254 -26.76 7.91 21.86
C PRO E 254 -26.47 9.39 21.67
N GLU E 255 -25.23 9.79 21.84
CA GLU E 255 -24.86 11.21 21.70
C GLU E 255 -25.15 11.73 20.23
N VAL E 256 -24.87 10.90 19.25
CA VAL E 256 -25.16 11.25 17.85
C VAL E 256 -26.64 11.35 17.64
N LEU E 257 -27.38 10.36 18.13
CA LEU E 257 -28.83 10.33 17.97
C LEU E 257 -29.47 11.55 18.61
N ASP E 258 -29.00 11.92 19.77
CA ASP E 258 -29.55 13.11 20.42
C ASP E 258 -29.21 14.39 19.64
N ALA E 259 -28.02 14.46 19.08
CA ALA E 259 -27.64 15.61 18.28
C ALA E 259 -28.55 15.78 17.07
N LEU E 260 -29.11 14.68 16.59
CA LEU E 260 -29.98 14.68 15.43
C LEU E 260 -31.46 14.85 15.76
N SER E 261 -31.80 14.76 17.05
CA SER E 261 -33.21 14.62 17.47
C SER E 261 -34.08 15.82 17.12
N LYS E 262 -33.54 17.02 17.11
CA LYS E 262 -34.34 18.19 16.68
C LYS E 262 -35.09 17.94 15.36
N TRP E 263 -34.54 17.11 14.49
CA TRP E 263 -35.03 16.96 13.13
C TRP E 263 -35.75 15.65 12.92
N ARG E 264 -35.87 14.88 13.97
CA ARG E 264 -36.45 13.55 13.83
C ARG E 264 -37.93 13.70 13.60
N LYS E 265 -38.45 12.87 12.70
CA LYS E 265 -39.90 12.71 12.43
C LYS E 265 -40.42 13.72 11.39
N MSE F 23 28.49 18.91 -26.67
CA MSE F 23 27.56 18.27 -25.71
C MSE F 23 26.45 19.21 -25.25
O MSE F 23 26.64 20.39 -25.09
CB MSE F 23 28.26 17.68 -24.48
CG MSE F 23 28.22 16.16 -24.54
SE MSE F 23 29.37 15.36 -23.15
CE MSE F 23 28.04 14.52 -21.96
N LEU F 24 25.31 18.61 -24.95
CA LEU F 24 24.11 19.33 -24.58
C LEU F 24 23.86 19.46 -23.06
N VAL F 25 24.66 18.78 -22.25
CA VAL F 25 24.64 19.00 -20.83
C VAL F 25 26.07 19.21 -20.36
N GLU F 26 26.34 20.27 -19.62
CA GLU F 26 27.67 20.53 -19.06
C GLU F 26 27.69 20.16 -17.61
N ILE F 27 28.86 19.79 -17.12
CA ILE F 27 29.07 19.60 -15.70
C ILE F 27 30.16 20.56 -15.21
N GLU F 28 29.92 21.19 -14.09
CA GLU F 28 30.79 22.18 -13.48
C GLU F 28 30.79 21.93 -12.01
N ARG F 29 31.71 22.60 -11.33
CA ARG F 29 31.83 22.49 -9.90
C ARG F 29 31.82 23.86 -9.24
N ARG F 30 31.12 24.01 -8.14
CA ARG F 30 30.94 25.26 -7.42
CA ARG F 30 31.00 25.28 -7.41
C ARG F 30 31.00 24.95 -5.91
N GLY F 31 32.18 25.07 -5.32
CA GLY F 31 32.43 24.66 -3.95
C GLY F 31 32.16 23.18 -3.79
N ASP F 32 31.26 22.86 -2.85
CA ASP F 32 30.91 21.49 -2.53
C ASP F 32 29.76 20.99 -3.38
N ALA F 33 29.40 21.75 -4.40
CA ALA F 33 28.26 21.39 -5.28
C ALA F 33 28.69 21.03 -6.67
N SER F 34 28.21 19.92 -7.19
CA SER F 34 28.30 19.61 -8.60
C SER F 34 27.18 20.35 -9.28
N LEU F 35 27.49 20.95 -10.39
CA LEU F 35 26.53 21.79 -11.07
C LEU F 35 26.33 21.26 -12.47
N ILE F 36 25.11 20.83 -12.78
CA ILE F 36 24.77 20.22 -14.05
C ILE F 36 23.91 21.20 -14.82
N VAL F 37 24.31 21.52 -16.03
CA VAL F 37 23.72 22.61 -16.79
C VAL F 37 23.13 22.09 -18.10
N LEU F 38 21.80 22.15 -18.24
CA LEU F 38 21.16 21.83 -19.53
C LEU F 38 21.49 22.94 -20.55
N SER F 39 22.14 22.60 -21.65
CA SER F 39 22.73 23.58 -22.59
C SER F 39 22.33 23.36 -24.02
N ARG F 40 21.17 23.90 -24.35
CA ARG F 40 20.66 23.93 -25.69
C ARG F 40 19.75 25.16 -25.82
N PRO F 41 20.29 26.33 -25.44
CA PRO F 41 19.53 27.59 -25.33
C PRO F 41 18.79 28.05 -26.58
N GLU F 42 19.34 27.73 -27.73
CA GLU F 42 18.71 28.10 -29.02
C GLU F 42 17.34 27.40 -29.17
N LYS F 43 17.13 26.28 -28.47
CA LYS F 43 15.81 25.61 -28.42
C LYS F 43 15.19 25.62 -27.00
N LEU F 44 15.50 26.65 -26.26
CA LEU F 44 15.01 26.82 -24.89
C LEU F 44 15.28 25.60 -24.01
N ASN F 45 16.45 25.00 -24.21
CA ASN F 45 16.91 23.83 -23.45
C ASN F 45 15.91 22.72 -23.43
N ALA F 46 15.25 22.56 -24.57
CA ALA F 46 14.26 21.50 -24.71
C ALA F 46 14.95 20.14 -24.81
N ILE F 47 14.33 19.15 -24.21
CA ILE F 47 14.93 17.85 -24.00
C ILE F 47 14.67 16.94 -25.17
N ASN F 48 15.74 16.64 -25.91
CA ASN F 48 15.70 15.57 -26.91
C ASN F 48 16.49 14.35 -26.42
N LEU F 49 16.64 13.35 -27.28
CA LEU F 49 17.27 12.10 -26.88
C LEU F 49 18.72 12.31 -26.54
N GLU F 50 19.39 13.11 -27.35
CA GLU F 50 20.79 13.34 -27.16
C GLU F 50 21.01 14.02 -25.81
N MSE F 51 20.18 15.01 -25.52
CA MSE F 51 20.24 15.65 -24.22
C MSE F 51 20.02 14.68 -23.10
O MSE F 51 20.69 14.72 -22.07
CB MSE F 51 19.25 16.76 -24.07
CG MSE F 51 19.73 17.59 -22.88
SE MSE F 51 18.50 19.04 -22.43
CE MSE F 51 19.24 20.27 -23.77
N LEU F 52 19.07 13.78 -23.28
CA LEU F 52 18.79 12.78 -22.24
C LEU F 52 19.99 11.90 -21.97
N ALA F 53 20.61 11.41 -23.03
CA ALA F 53 21.78 10.54 -22.88
C ALA F 53 22.90 11.33 -22.19
N ASP F 54 23.09 12.60 -22.56
CA ASP F 54 24.12 13.42 -21.94
C ASP F 54 23.80 13.68 -20.47
N LEU F 55 22.54 13.88 -20.16
CA LEU F 55 22.15 14.16 -18.79
C LEU F 55 22.45 12.93 -17.91
N ALA F 56 22.17 11.74 -18.41
CA ALA F 56 22.45 10.52 -17.66
C ALA F 56 23.94 10.38 -17.38
N ASP F 57 24.76 10.64 -18.39
CA ASP F 57 26.22 10.56 -18.26
C ASP F 57 26.77 11.57 -17.29
N GLN F 58 26.32 12.81 -17.41
CA GLN F 58 26.78 13.86 -16.49
C GLN F 58 26.28 13.62 -15.05
N PHE F 59 25.09 13.08 -14.92
CA PHE F 59 24.57 12.78 -13.60
C PHE F 59 25.41 11.71 -12.90
N SER F 60 25.83 10.68 -13.63
CA SER F 60 26.79 9.69 -13.08
C SER F 60 28.08 10.30 -12.63
N LYS F 61 28.66 11.14 -13.46
CA LYS F 61 29.90 11.82 -13.10
C LYS F 61 29.69 12.59 -11.83
N ALA F 62 28.59 13.32 -11.73
CA ALA F 62 28.31 14.16 -10.53
C ALA F 62 28.16 13.33 -9.27
N GLU F 63 27.53 12.16 -9.40
CA GLU F 63 27.42 11.24 -8.26
C GLU F 63 28.78 10.71 -7.76
N LYS F 64 29.72 10.44 -8.65
CA LYS F 64 31.00 9.85 -8.29
C LYS F 64 31.96 10.88 -7.71
N GLU F 65 31.75 12.17 -7.99
CA GLU F 65 32.65 13.21 -7.48
C GLU F 65 32.48 13.38 -5.96
N ASP F 66 33.43 14.02 -5.31
CA ASP F 66 33.40 14.15 -3.86
C ASP F 66 32.60 15.39 -3.41
N THR F 67 31.79 15.92 -4.30
CA THR F 67 30.80 16.95 -3.94
C THR F 67 29.73 16.38 -3.01
N ARG F 68 29.04 17.29 -2.33
CA ARG F 68 28.04 16.92 -1.37
C ARG F 68 26.62 17.07 -1.87
N VAL F 69 26.40 17.94 -2.86
CA VAL F 69 25.08 18.08 -3.47
C VAL F 69 25.19 18.16 -4.93
N ILE F 70 24.07 17.93 -5.60
CA ILE F 70 24.02 18.09 -7.04
C ILE F 70 22.98 19.13 -7.39
N VAL F 71 23.38 20.12 -8.16
CA VAL F 71 22.48 21.20 -8.54
C VAL F 71 22.22 21.13 -10.04
N ILE F 72 20.97 21.26 -10.45
CA ILE F 72 20.63 21.17 -11.86
C ILE F 72 19.99 22.46 -12.28
N THR F 73 20.49 23.02 -13.37
CA THR F 73 19.91 24.24 -13.92
C THR F 73 20.07 24.25 -15.41
N GLY F 74 19.66 25.36 -16.01
CA GLY F 74 19.79 25.54 -17.45
C GLY F 74 20.73 26.66 -17.77
N TYR F 75 21.26 26.60 -18.99
CA TYR F 75 22.14 27.61 -19.49
C TYR F 75 21.33 28.79 -19.96
N GLY F 76 21.80 29.98 -19.63
CA GLY F 76 21.17 31.23 -20.12
C GLY F 76 19.97 31.60 -19.27
N LYS F 77 18.97 32.15 -19.92
CA LYS F 77 17.78 32.68 -19.26
C LYS F 77 16.82 31.62 -18.73
N ASN F 78 16.78 30.46 -19.37
CA ASN F 78 15.78 29.44 -19.09
C ASN F 78 16.30 28.16 -18.48
N PHE F 79 15.50 27.54 -17.64
CA PHE F 79 15.79 26.20 -17.15
C PHE F 79 15.53 25.22 -18.31
N SER F 80 14.28 25.09 -18.74
CA SER F 80 13.90 24.24 -19.86
C SER F 80 12.46 24.41 -20.21
N ALA F 81 12.17 24.54 -21.50
CA ALA F 81 10.78 24.64 -21.97
C ALA F 81 10.05 23.29 -22.01
N GLY F 82 10.74 22.17 -21.82
CA GLY F 82 10.08 20.89 -21.86
C GLY F 82 10.66 19.93 -22.86
N ALA F 83 9.93 18.88 -23.17
CA ALA F 83 10.38 17.93 -24.17
C ALA F 83 10.37 18.60 -25.54
N ASP F 84 11.34 18.24 -26.36
CA ASP F 84 11.42 18.70 -27.73
C ASP F 84 10.21 18.23 -28.54
N ILE F 85 9.50 19.19 -29.11
CA ILE F 85 8.22 18.90 -29.74
C ILE F 85 8.35 18.19 -31.07
N ASN F 86 9.41 18.46 -31.79
CA ASN F 86 9.63 17.73 -33.03
C ASN F 86 9.87 16.25 -32.75
N MSE F 87 10.54 15.97 -31.66
CA MSE F 87 10.82 14.61 -31.27
C MSE F 87 9.53 13.94 -30.91
O MSE F 87 9.27 12.85 -31.39
CB MSE F 87 11.89 14.62 -30.15
CG MSE F 87 12.07 13.24 -29.54
SE MSE F 87 12.85 13.35 -27.75
CE MSE F 87 11.31 14.16 -26.80
N LEU F 88 8.73 14.57 -30.04
CA LEU F 88 7.44 14.03 -29.70
C LEU F 88 6.63 13.69 -30.94
N ALA F 89 6.60 14.61 -31.88
CA ALA F 89 5.85 14.42 -33.11
C ALA F 89 6.34 13.27 -33.97
N SER F 90 7.56 12.81 -33.73
CA SER F 90 8.14 11.71 -34.55
C SER F 90 7.85 10.33 -33.93
N PHE F 91 7.24 10.32 -32.75
CA PHE F 91 7.13 9.06 -32.03
C PHE F 91 6.02 8.20 -32.56
N ASP F 92 6.19 6.91 -32.42
CA ASP F 92 5.05 5.99 -32.46
C ASP F 92 4.99 5.35 -31.07
N PRO F 93 4.05 4.41 -30.83
CA PRO F 93 3.99 3.91 -29.46
C PRO F 93 5.25 3.25 -28.90
N ALA F 94 5.94 2.46 -29.71
CA ALA F 94 7.19 1.87 -29.27
C ALA F 94 8.31 2.89 -28.91
N SER F 95 8.56 3.86 -29.76
CA SER F 95 9.63 4.85 -29.51
C SER F 95 9.22 5.80 -28.42
N ALA F 96 7.93 6.02 -28.27
CA ALA F 96 7.43 6.85 -27.15
C ALA F 96 7.67 6.15 -25.82
N TYR F 97 7.47 4.84 -25.81
CA TYR F 97 7.67 4.08 -24.60
C TYR F 97 9.12 4.11 -24.25
N SER F 98 9.95 3.86 -25.22
CA SER F 98 11.39 3.91 -25.05
C SER F 98 11.93 5.27 -24.56
N PHE F 99 11.40 6.36 -25.09
CA PHE F 99 11.71 7.68 -24.53
C PHE F 99 11.33 7.79 -23.03
N ARG F 100 10.14 7.36 -22.69
CA ARG F 100 9.66 7.53 -21.32
C ARG F 100 10.40 6.65 -20.32
N LEU F 101 10.80 5.46 -20.75
CA LEU F 101 11.67 4.68 -19.90
C LEU F 101 12.95 5.39 -19.57
N LYS F 102 13.49 6.12 -20.54
CA LYS F 102 14.69 6.89 -20.30
C LYS F 102 14.42 8.05 -19.37
N MSE F 103 13.33 8.77 -19.57
CA MSE F 103 12.96 9.82 -18.62
C MSE F 103 12.76 9.26 -17.20
O MSE F 103 13.30 9.77 -16.25
CB MSE F 103 11.66 10.52 -18.92
CG MSE F 103 11.70 11.32 -20.21
SE MSE F 103 12.73 13.00 -19.98
CE MSE F 103 11.23 14.26 -19.67
N ASN F 104 12.02 8.14 -17.10
CA ASN F 104 11.80 7.49 -15.84
C ASN F 104 13.09 7.14 -15.13
N SER F 105 14.04 6.70 -15.90
CA SER F 105 15.29 6.18 -15.33
C SER F 105 16.08 7.34 -14.74
N ILE F 106 16.18 8.48 -15.45
CA ILE F 106 16.93 9.61 -14.92
CA ILE F 106 16.88 9.68 -14.94
C ILE F 106 16.19 10.17 -13.67
N ALA F 107 14.85 10.23 -13.72
CA ALA F 107 14.07 10.71 -12.58
C ALA F 107 14.34 9.81 -11.39
N GLN F 108 14.39 8.50 -11.64
CA GLN F 108 14.61 7.56 -10.54
C GLN F 108 16.01 7.72 -9.95
N ARG F 109 17.01 7.92 -10.78
CA ARG F 109 18.35 8.16 -10.28
C ARG F 109 18.44 9.42 -9.45
N ILE F 110 17.70 10.43 -9.82
CA ILE F 110 17.64 11.65 -9.01
C ILE F 110 17.04 11.36 -7.63
N ARG F 111 15.94 10.60 -7.61
CA ARG F 111 15.28 10.26 -6.34
C ARG F 111 16.09 9.31 -5.47
N LYS F 112 16.87 8.40 -6.07
CA LYS F 112 17.63 7.40 -5.29
C LYS F 112 19.05 7.86 -4.94
N SER F 113 19.46 9.00 -5.41
CA SER F 113 20.81 9.48 -5.17
C SER F 113 21.10 9.66 -3.69
N ASP F 114 22.30 9.31 -3.30
CA ASP F 114 22.79 9.51 -1.95
C ASP F 114 22.88 11.00 -1.66
N LYS F 115 23.12 11.79 -2.69
CA LYS F 115 23.23 13.22 -2.55
C LYS F 115 21.92 13.92 -2.78
N PRO F 116 21.66 14.97 -2.03
CA PRO F 116 20.56 15.86 -2.33
C PRO F 116 20.69 16.46 -3.77
N VAL F 117 19.57 16.59 -4.45
CA VAL F 117 19.53 17.18 -5.75
C VAL F 117 18.60 18.36 -5.67
N ILE F 118 19.11 19.47 -6.16
CA ILE F 118 18.46 20.74 -6.04
C ILE F 118 18.31 21.37 -7.43
N ALA F 119 17.07 21.69 -7.80
CA ALA F 119 16.81 22.29 -9.08
C ALA F 119 16.69 23.79 -8.91
N LEU F 120 17.36 24.50 -9.78
CA LEU F 120 17.35 25.91 -9.75
C LEU F 120 16.60 26.41 -10.99
N LEU F 121 15.34 26.77 -10.79
CA LEU F 121 14.45 27.17 -11.88
C LEU F 121 14.57 28.63 -12.23
N LYS F 122 14.47 28.90 -13.51
CA LYS F 122 14.45 30.29 -14.02
C LYS F 122 13.89 30.35 -15.40
N GLY F 123 13.42 31.53 -15.79
CA GLY F 123 12.70 31.69 -17.07
C GLY F 123 11.73 30.54 -17.28
N TYR F 124 11.69 30.03 -18.49
CA TYR F 124 10.84 28.90 -18.77
C TYR F 124 11.30 27.67 -18.03
N SER F 125 10.39 27.12 -17.23
CA SER F 125 10.62 25.94 -16.45
C SER F 125 9.39 25.07 -16.55
N MSE F 126 9.32 24.25 -17.59
CA MSE F 126 8.05 23.63 -17.95
C MSE F 126 8.14 22.21 -18.38
O MSE F 126 9.16 21.67 -18.76
CB MSE F 126 7.49 24.44 -19.08
CG MSE F 126 7.29 25.89 -18.61
SE MSE F 126 6.09 26.91 -19.82
CE MSE F 126 7.05 26.63 -21.48
N GLY F 127 6.98 21.60 -18.36
CA GLY F 127 6.77 20.26 -18.88
C GLY F 127 7.78 19.26 -18.36
N GLY F 128 8.35 18.50 -19.30
CA GLY F 128 9.24 17.40 -18.97
C GLY F 128 10.43 17.84 -18.12
N GLY F 129 10.94 19.06 -18.40
CA GLY F 129 12.05 19.61 -17.63
C GLY F 129 11.66 19.91 -16.20
N LEU F 130 10.58 20.64 -16.03
CA LEU F 130 10.01 20.88 -14.71
C LEU F 130 9.72 19.53 -14.01
N GLU F 131 9.24 18.56 -14.77
CA GLU F 131 8.86 17.32 -14.15
C GLU F 131 10.05 16.57 -13.60
N LEU F 132 11.15 16.54 -14.35
CA LEU F 132 12.41 16.08 -13.78
C LEU F 132 12.74 16.84 -12.46
N ALA F 133 12.56 18.16 -12.44
CA ALA F 133 12.81 18.92 -11.23
C ALA F 133 11.87 18.52 -10.09
N GLU F 134 10.71 17.98 -10.41
CA GLU F 134 9.78 17.53 -9.40
C GLU F 134 10.28 16.28 -8.64
N SER F 135 11.15 15.50 -9.28
CA SER F 135 11.84 14.39 -8.61
C SER F 135 13.05 14.85 -7.77
N ALA F 136 13.54 16.07 -7.99
CA ALA F 136 14.58 16.61 -7.13
C ALA F 136 14.09 16.79 -5.69
N ASP F 137 15.04 16.87 -4.76
CA ASP F 137 14.72 17.09 -3.37
C ASP F 137 14.16 18.49 -3.11
N ILE F 138 14.76 19.48 -3.73
CA ILE F 138 14.43 20.86 -3.48
C ILE F 138 14.37 21.66 -4.81
N ARG F 139 13.41 22.55 -4.92
CA ARG F 139 13.29 23.48 -6.04
C ARG F 139 13.40 24.89 -5.56
N ILE F 140 14.38 25.60 -6.09
CA ILE F 140 14.47 27.02 -5.83
C ILE F 140 14.21 27.76 -7.11
N ALA F 141 13.42 28.83 -7.06
CA ALA F 141 13.06 29.58 -8.28
C ALA F 141 13.56 30.99 -8.24
N MSE F 142 14.19 31.43 -9.32
CA MSE F 142 14.42 32.86 -9.55
C MSE F 142 13.08 33.51 -9.74
O MSE F 142 12.10 32.88 -10.17
CB MSE F 142 15.22 33.07 -10.83
CG MSE F 142 16.56 32.33 -10.82
SE MSE F 142 17.74 32.97 -9.36
CE MSE F 142 17.90 34.84 -10.03
N SER F 143 13.01 34.79 -9.41
CA SER F 143 11.73 35.56 -9.46
C SER F 143 11.08 35.63 -10.84
N ASP F 144 11.86 35.55 -11.90
CA ASP F 144 11.32 35.63 -13.25
C ASP F 144 10.76 34.29 -13.80
N ALA F 145 10.81 33.24 -13.01
CA ALA F 145 10.43 31.92 -13.52
C ALA F 145 8.96 31.77 -13.98
N VAL F 146 8.78 31.05 -15.08
CA VAL F 146 7.49 30.73 -15.63
C VAL F 146 7.39 29.22 -15.57
N ILE F 147 6.43 28.77 -14.76
CA ILE F 147 6.40 27.38 -14.30
C ILE F 147 5.07 26.73 -14.62
N GLY F 148 5.13 25.56 -15.19
CA GLY F 148 3.90 24.87 -15.52
C GLY F 148 4.09 23.62 -16.35
N GLN F 149 2.98 22.91 -16.57
CA GLN F 149 2.97 21.75 -17.38
C GLN F 149 2.00 21.96 -18.51
N PRO F 150 2.45 22.57 -19.62
CA PRO F 150 1.54 22.87 -20.73
C PRO F 150 1.29 21.76 -21.76
N GLU F 151 1.93 20.62 -21.59
CA GLU F 151 1.95 19.61 -22.63
C GLU F 151 0.60 18.88 -22.93
N SER F 152 -0.40 18.98 -22.06
CA SER F 152 -1.72 18.50 -22.41
C SER F 152 -2.28 19.17 -23.71
N SER F 153 -1.86 20.39 -23.99
CA SER F 153 -2.28 21.12 -25.19
C SER F 153 -1.93 20.44 -26.48
N ILE F 154 -0.85 19.66 -26.45
CA ILE F 154 -0.41 18.93 -27.62
C ILE F 154 -0.65 17.45 -27.44
N GLY F 155 -1.49 17.11 -26.47
CA GLY F 155 -1.99 15.73 -26.29
C GLY F 155 -1.17 14.81 -25.36
N ILE F 156 -0.18 15.36 -24.70
CA ILE F 156 0.69 14.61 -23.83
C ILE F 156 0.22 14.67 -22.37
N ASN F 157 0.20 13.51 -21.71
CA ASN F 157 -0.23 13.42 -20.30
C ASN F 157 0.81 14.01 -19.37
N ALA F 158 2.06 13.62 -19.60
CA ALA F 158 3.17 14.02 -18.71
C ALA F 158 4.47 13.57 -19.28
N GLY F 159 5.50 14.37 -19.06
CA GLY F 159 6.86 14.00 -19.44
C GLY F 159 7.57 13.05 -18.49
N ALA F 160 7.44 13.31 -17.19
CA ALA F 160 8.21 12.56 -16.21
C ALA F 160 7.73 12.73 -14.77
N GLY F 161 6.48 12.38 -14.49
CA GLY F 161 5.95 12.51 -13.14
C GLY F 161 4.96 13.62 -13.00
N GLY F 162 4.67 14.26 -14.10
CA GLY F 162 3.72 15.36 -14.09
C GLY F 162 2.35 14.96 -13.67
N ASN F 163 2.05 13.65 -13.67
CA ASN F 163 0.77 13.17 -13.17
C ASN F 163 0.89 12.44 -11.85
N VAL F 164 2.01 11.76 -11.59
CA VAL F 164 2.11 10.86 -10.43
C VAL F 164 3.03 11.36 -9.33
N ILE F 165 3.88 12.31 -9.63
CA ILE F 165 4.70 12.94 -8.60
C ILE F 165 4.09 14.28 -8.21
N LEU F 166 3.60 15.01 -9.18
CA LEU F 166 3.08 16.31 -8.93
C LEU F 166 2.08 16.33 -7.75
N PRO F 167 1.13 15.38 -7.68
CA PRO F 167 0.21 15.51 -6.57
C PRO F 167 0.82 15.33 -5.15
N LYS F 168 1.99 14.70 -5.04
CA LYS F 168 2.68 14.57 -3.79
C LYS F 168 3.28 15.90 -3.35
N LEU F 169 3.46 16.78 -4.31
CA LEU F 169 3.92 18.13 -4.03
C LEU F 169 2.81 19.10 -3.70
N VAL F 170 1.76 19.08 -4.51
CA VAL F 170 0.71 20.13 -4.46
C VAL F 170 -0.69 19.65 -4.08
N GLY F 171 -0.89 18.33 -3.95
CA GLY F 171 -2.25 17.80 -3.67
C GLY F 171 -2.99 17.41 -4.96
N ARG F 172 -4.04 16.61 -4.78
CA ARG F 172 -4.72 15.92 -5.84
C ARG F 172 -5.37 16.93 -6.77
N GLY F 173 -5.94 17.97 -6.18
CA GLY F 173 -6.78 18.92 -6.89
C GLY F 173 -5.92 19.85 -7.73
N SER F 174 -4.91 20.42 -7.11
CA SER F 174 -3.96 21.27 -7.88
C SER F 174 -3.24 20.51 -8.99
N ALA F 175 -2.92 19.25 -8.74
CA ALA F 175 -2.23 18.45 -9.78
C ALA F 175 -3.12 18.31 -11.00
N ALA F 176 -4.38 17.94 -10.78
CA ALA F 176 -5.27 17.77 -11.91
C ALA F 176 -5.46 19.07 -12.62
N TYR F 177 -5.66 20.13 -11.86
CA TYR F 177 -5.90 21.43 -12.46
C TYR F 177 -4.72 21.93 -13.28
N LEU F 178 -3.53 21.88 -12.72
CA LEU F 178 -2.35 22.29 -13.50
C LEU F 178 -2.15 21.43 -14.74
N ALA F 179 -2.30 20.12 -14.61
CA ALA F 179 -2.00 19.25 -15.75
C ALA F 179 -3.07 19.38 -16.86
N MSE F 180 -4.32 19.52 -16.46
CA MSE F 180 -5.39 19.58 -17.42
C MSE F 180 -5.38 20.94 -18.06
O MSE F 180 -5.57 21.04 -19.28
CB MSE F 180 -6.77 19.26 -16.81
CG MSE F 180 -6.83 17.80 -16.54
SE MSE F 180 -8.56 17.34 -15.75
CE MSE F 180 -8.18 15.44 -15.24
N SER F 181 -5.29 21.99 -17.28
CA SER F 181 -5.40 23.33 -17.85
C SER F 181 -4.15 23.77 -18.58
N GLY F 182 -3.00 23.25 -18.19
CA GLY F 182 -1.73 23.77 -18.69
C GLY F 182 -1.40 25.17 -18.20
N LYS F 183 -2.03 25.60 -17.12
CA LYS F 183 -1.82 26.94 -16.62
C LYS F 183 -0.34 27.24 -16.29
N LYS F 184 0.09 28.42 -16.68
CA LYS F 184 1.44 28.91 -16.39
C LYS F 184 1.41 29.78 -15.16
N LEU F 185 2.31 29.44 -14.24
CA LEU F 185 2.37 30.07 -12.94
C LEU F 185 3.55 30.98 -12.89
N ASN F 186 3.46 32.01 -12.07
CA ASN F 186 4.64 32.78 -11.72
C ASN F 186 5.24 32.14 -10.46
N ALA F 187 6.39 32.66 -10.04
CA ALA F 187 7.18 31.97 -9.05
C ALA F 187 6.50 31.96 -7.69
N GLN F 188 5.83 33.06 -7.33
CA GLN F 188 5.14 33.14 -6.04
C GLN F 188 3.93 32.21 -5.99
N GLU F 189 3.23 32.10 -7.12
CA GLU F 189 2.09 31.23 -7.23
C GLU F 189 2.53 29.78 -7.10
N ALA F 190 3.64 29.43 -7.72
CA ALA F 190 4.16 28.08 -7.63
C ALA F 190 4.59 27.78 -6.20
N MSE F 191 5.20 28.74 -5.56
CA MSE F 191 5.60 28.57 -4.16
C MSE F 191 4.37 28.31 -3.31
O MSE F 191 4.36 27.40 -2.51
CB MSE F 191 6.30 29.73 -3.54
CG MSE F 191 7.00 29.24 -2.23
SE MSE F 191 8.25 30.64 -1.68
CE MSE F 191 8.25 30.18 0.27
N ALA F 192 3.34 29.09 -3.48
CA ALA F 192 2.16 28.98 -2.60
C ALA F 192 1.49 27.63 -2.80
N LEU F 193 1.62 27.03 -3.97
CA LEU F 193 1.04 25.70 -4.15
C LEU F 193 1.90 24.60 -3.58
N GLY F 194 3.15 24.88 -3.29
CA GLY F 194 4.08 23.82 -2.81
C GLY F 194 4.97 23.22 -3.92
N LEU F 195 4.92 23.80 -5.11
CA LEU F 195 5.62 23.26 -6.26
C LEU F 195 7.07 23.75 -6.27
N VAL F 196 7.29 24.83 -5.56
CA VAL F 196 8.61 25.43 -5.39
C VAL F 196 8.80 25.73 -3.88
N ASP F 197 10.02 25.63 -3.38
CA ASP F 197 10.28 25.74 -1.95
C ASP F 197 10.79 27.12 -1.53
N GLU F 198 11.40 27.87 -2.43
CA GLU F 198 11.92 29.19 -2.10
C GLU F 198 12.03 30.00 -3.41
N VAL F 199 11.71 31.28 -3.33
CA VAL F 199 11.84 32.21 -4.42
C VAL F 199 12.87 33.26 -4.05
N VAL F 200 13.81 33.55 -4.97
CA VAL F 200 14.89 34.50 -4.70
C VAL F 200 15.04 35.41 -5.88
N ASP F 201 15.44 36.66 -5.63
CA ASP F 201 15.54 37.66 -6.71
C ASP F 201 16.96 37.80 -7.18
N ASP F 202 17.82 36.94 -6.67
CA ASP F 202 19.24 37.02 -6.93
C ASP F 202 19.89 35.60 -6.89
N GLU F 203 20.81 35.30 -7.79
CA GLU F 203 21.41 33.96 -7.82
C GLU F 203 22.23 33.68 -6.55
N ALA F 204 22.86 34.70 -6.01
CA ALA F 204 23.69 34.53 -4.82
C ALA F 204 22.89 34.00 -3.65
N LYS F 205 21.63 34.39 -3.56
CA LYS F 205 20.79 33.94 -2.47
C LYS F 205 20.42 32.48 -2.63
N ALA F 206 20.36 32.01 -3.87
CA ALA F 206 20.13 30.58 -4.08
C ALA F 206 21.32 29.79 -3.61
N TRP F 207 22.51 30.27 -3.95
CA TRP F 207 23.75 29.60 -3.53
C TRP F 207 23.99 29.62 -2.05
N LYS F 208 23.47 30.63 -1.39
CA LYS F 208 23.57 30.63 0.07
C LYS F 208 22.72 29.50 0.66
N ILE F 209 21.53 29.29 0.12
CA ILE F 209 20.68 28.17 0.57
C ILE F 209 21.39 26.84 0.29
N ILE F 210 21.96 26.70 -0.90
CA ILE F 210 22.65 25.49 -1.29
C ILE F 210 23.84 25.21 -0.39
N ASP F 211 24.65 26.25 -0.16
CA ASP F 211 25.82 26.11 0.71
C ASP F 211 25.45 25.71 2.13
N ASP F 212 24.33 26.20 2.65
CA ASP F 212 23.89 25.87 3.99
C ASP F 212 23.60 24.36 4.00
N ILE F 213 23.04 23.84 2.93
CA ILE F 213 22.74 22.40 2.90
C ILE F 213 24.00 21.57 2.88
N CYS F 214 24.98 22.06 2.16
CA CYS F 214 26.28 21.42 2.17
C CYS F 214 26.96 21.32 3.53
N LYS F 215 26.55 22.12 4.50
CA LYS F 215 27.16 22.07 5.82
C LYS F 215 26.66 20.89 6.64
N LYS F 216 25.53 20.30 6.27
CA LYS F 216 24.97 19.19 7.04
C LYS F 216 25.72 17.86 6.76
N PRO F 217 25.82 16.97 7.78
CA PRO F 217 26.43 15.68 7.49
C PRO F 217 25.75 14.87 6.35
N LYS F 218 26.58 14.36 5.46
CA LYS F 218 26.15 13.62 4.30
C LYS F 218 25.17 12.48 4.59
N LYS F 219 25.51 11.66 5.57
CA LYS F 219 24.68 10.53 5.86
C LYS F 219 23.31 10.95 6.37
N THR F 220 23.29 12.02 7.14
CA THR F 220 22.06 12.59 7.59
C THR F 220 21.10 12.95 6.42
N LEU F 221 21.64 13.67 5.45
CA LEU F 221 20.82 14.10 4.31
C LEU F 221 20.34 12.91 3.50
N GLN F 222 21.21 11.93 3.38
CA GLN F 222 20.89 10.74 2.62
C GLN F 222 19.73 9.97 3.28
N PHE F 223 19.78 9.83 4.61
CA PHE F 223 18.69 9.19 5.33
C PHE F 223 17.37 9.99 5.37
N ILE F 224 17.47 11.30 5.43
CA ILE F 224 16.27 12.15 5.34
C ILE F 224 15.56 11.90 4.00
N LYS F 225 16.33 11.95 2.94
CA LYS F 225 15.83 11.76 1.60
C LYS F 225 15.18 10.36 1.41
N ARG F 226 15.85 9.32 1.89
CA ARG F 226 15.51 7.97 1.78
CA ARG F 226 15.37 7.99 1.78
C ARG F 226 14.04 7.74 2.54
N ALA F 227 13.85 8.27 3.85
CA ALA F 227 12.68 8.16 4.57
C ALA F 227 11.55 8.92 3.93
N ILE F 228 11.82 10.11 3.44
CA ILE F 228 10.77 10.89 2.84
C ILE F 228 10.22 10.17 1.63
N ASN F 229 11.12 9.68 0.80
CA ASN F 229 10.75 9.08 -0.45
C ASN F 229 10.00 7.77 -0.24
N SER F 230 10.47 6.95 0.68
CA SER F 230 9.76 5.74 1.03
C SER F 230 8.46 5.91 1.83
N SER F 231 8.26 7.03 2.49
CA SER F 231 7.00 7.28 3.24
C SER F 231 5.76 7.15 2.33
N TYR F 232 5.96 7.33 1.05
CA TYR F 232 4.89 7.20 0.07
C TYR F 232 4.58 5.78 -0.33
N ASP F 233 5.35 4.83 0.18
CA ASP F 233 5.16 3.45 -0.17
C ASP F 233 4.80 2.57 1.02
N MSE F 234 4.38 3.19 2.11
CA MSE F 234 3.96 2.38 3.28
C MSE F 234 3.14 3.11 4.27
O MSE F 234 2.96 4.33 4.16
CB MSE F 234 5.19 1.91 4.01
CG MSE F 234 6.04 3.10 4.40
SE MSE F 234 7.77 2.50 5.09
CE MSE F 234 9.19 3.03 3.95
N GLY F 235 2.57 2.33 5.20
CA GLY F 235 1.77 2.90 6.27
C GLY F 235 2.66 3.61 7.28
N LEU F 236 2.05 4.53 8.02
CA LEU F 236 2.76 5.29 9.03
C LEU F 236 3.66 4.52 10.00
N GLU F 237 3.15 3.47 10.62
CA GLU F 237 3.91 2.78 11.68
C GLU F 237 5.17 2.18 11.13
N SER F 238 5.06 1.67 9.94
CA SER F 238 6.18 1.09 9.24
C SER F 238 7.18 2.20 8.96
N ALA F 239 6.68 3.32 8.48
CA ALA F 239 7.56 4.45 8.13
C ALA F 239 8.28 4.98 9.37
N MSE F 240 7.56 5.04 10.50
CA MSE F 240 8.13 5.51 11.76
C MSE F 240 9.16 4.51 12.23
O MSE F 240 10.22 4.92 12.71
CB MSE F 240 7.06 5.70 12.85
CG MSE F 240 6.14 6.89 12.57
SE MSE F 240 7.11 8.57 12.90
CE MSE F 240 6.76 8.77 14.81
N ASP F 241 8.90 3.22 12.08
CA ASP F 241 9.91 2.19 12.38
C ASP F 241 11.18 2.41 11.57
N GLN F 242 11.02 2.69 10.28
CA GLN F 242 12.14 2.95 9.39
C GLN F 242 12.92 4.19 9.75
N GLU F 243 12.21 5.26 10.07
CA GLU F 243 12.84 6.51 10.47
C GLU F 243 13.70 6.31 11.74
N ALA F 244 13.18 5.54 12.68
CA ALA F 244 13.89 5.21 13.90
C ALA F 244 15.19 4.42 13.63
N LEU F 245 15.11 3.49 12.69
CA LEU F 245 16.26 2.66 12.38
C LEU F 245 17.35 3.55 11.72
N TYR F 246 16.96 4.39 10.78
CA TYR F 246 17.92 5.32 10.18
C TYR F 246 18.56 6.17 11.25
N PHE F 247 17.76 6.65 12.19
CA PHE F 247 18.25 7.52 13.23
C PHE F 247 19.33 6.79 14.01
N SER F 248 19.06 5.54 14.29
CA SER F 248 20.00 4.76 15.04
C SER F 248 21.32 4.54 14.27
N LEU F 249 21.22 4.25 13.00
CA LEU F 249 22.44 4.01 12.17
C LEU F 249 23.31 5.26 11.98
N LEU F 250 22.73 6.45 12.10
CA LEU F 250 23.50 7.66 12.10
C LEU F 250 24.58 7.68 13.19
N PHE F 251 24.33 6.99 14.28
CA PHE F 251 25.30 6.94 15.36
C PHE F 251 26.46 5.99 15.12
N THR F 252 26.55 5.45 13.93
CA THR F 252 27.78 4.79 13.44
C THR F 252 28.58 5.67 12.47
N ASP F 253 28.11 6.89 12.22
CA ASP F 253 28.74 7.78 11.21
C ASP F 253 29.67 8.80 11.85
N PRO F 254 30.94 8.79 11.49
CA PRO F 254 31.90 9.75 12.09
C PRO F 254 31.51 11.22 11.96
N GLU F 255 31.01 11.63 10.81
CA GLU F 255 30.62 13.02 10.61
C GLU F 255 29.49 13.44 11.59
N VAL F 256 28.53 12.54 11.82
CA VAL F 256 27.44 12.81 12.73
C VAL F 256 27.99 12.95 14.15
N LEU F 257 28.83 12.00 14.54
CA LEU F 257 29.37 11.98 15.89
C LEU F 257 30.14 13.24 16.14
N ASP F 258 30.93 13.70 15.16
CA ASP F 258 31.66 14.96 15.26
C ASP F 258 30.72 16.14 15.44
N ALA F 259 29.66 16.17 14.67
CA ALA F 259 28.67 17.26 14.76
C ALA F 259 28.03 17.32 16.15
N LEU F 260 27.98 16.19 16.85
CA LEU F 260 27.43 16.18 18.22
C LEU F 260 28.46 16.40 19.31
N SER F 261 29.75 16.38 18.96
CA SER F 261 30.84 16.24 19.98
C SER F 261 30.95 17.42 20.93
N LYS F 262 30.64 18.63 20.49
CA LYS F 262 30.63 19.78 21.41
C LYS F 262 29.84 19.54 22.74
N TRP F 263 28.81 18.69 22.66
CA TRP F 263 27.96 18.40 23.80
C TRP F 263 28.25 17.05 24.43
N ARG F 264 29.20 16.32 23.86
CA ARG F 264 29.63 15.08 24.46
C ARG F 264 30.69 15.40 25.52
CL CL G . 23.18 -17.25 5.85
S SO4 H . 11.26 -4.38 -6.66
O1 SO4 H . 11.34 -3.61 -7.92
O2 SO4 H . 10.07 -3.80 -5.91
O3 SO4 H . 11.08 -5.82 -6.88
O4 SO4 H . 12.60 -4.22 -6.00
CL CL I . -16.73 -18.25 16.00
CL CL J . -5.51 -17.09 -23.56
CL CL K . -23.66 16.95 5.10
CL CL L . 15.19 17.33 17.91
CL CL M . 6.90 18.60 -22.19
#